data_9JLS
#
_entry.id   9JLS
#
_cell.length_a   72.430
_cell.length_b   167.410
_cell.length_c   97.980
_cell.angle_alpha   90.00
_cell.angle_beta   109.38
_cell.angle_gamma   90.00
#
_symmetry.space_group_name_H-M   'P 1 21 1'
#
loop_
_entity.id
_entity.type
_entity.pdbx_description
1 polymer 'Glycoside hydrolase family 57 N-terminal domain-containing protein'
2 branched 4,6-dideoxy-4-{[(1S,4R,5S,6S)-4,5,6-trihydroxy-3-(hydroxymethyl)cyclohex-2-en-1-yl]amino}-alpha-D-glucopyranose-(1-4)-alpha-D-glucopyranose-(1-4)-alpha-D-glucopyranose
#
_entity_poly.entity_id   1
_entity_poly.type   'polypeptide(L)'
_entity_poly.pdbx_seq_one_letter_code
;MKKLFLVFWWHMHQPLYREPYTGEYLLPWTFFHAVKDYYDMPAYLKDFEIKLNFNLTPVLIDQIQEYAQGKAKDVFLEAI
RKDPDDLEKEEVEKLIEFTKLNYEKPIYRFERIRELMNKEKLNREELLDLQTLNLLAWCGRTLRKDLKDLLNKGRNYTQE
EKEYVLNKYFEIIKKTLSIYREIKEEGKGSVSTSPYYHPLIPILLNPNCVYETTPNVKIPDFAVSFREDASKHVELAKEK
YFEIFGEHPVYMWPPEASVSNEALELYYEKGINMLATDEVILKNSVERASPYLRYYFRELISVFFRDKTLSDLIGFSYHA
WNAEDAVRDFIGRLKKIHESVDFQPVVFVVLDGENCWEYYEENGIPFLEKLYSTLEKEEWIETLTLEEAMRKEDVKTEVI
ESVKAGTWFDGNFLKWIGNKEKNEYWKILIEAKKKAKNDYILVAEGSDWFWWQGEEKAPFVEVFDKLFRSFVRRAQELEH
HHHH
;
_entity_poly.pdbx_strand_id   A,B,C,D
#
loop_
_chem_comp.id
_chem_comp.type
_chem_comp.name
_chem_comp.formula
AC1 D-saccharide 4,6-dideoxy-4-{[(1S,4R,5S,6S)-4,5,6-trihydroxy-3-(hydroxymethyl)cyclohex-2-en-1-yl]amino}-alpha-D-glucopyranose 'C13 H23 N O8'
GLC D-saccharide, alpha linking alpha-D-glucopyranose 'C6 H12 O6'
#
# COMPACT_ATOMS: atom_id res chain seq x y z
N MET A 1 26.47 -15.05 -4.80
CA MET A 1 25.57 -14.72 -3.71
C MET A 1 24.29 -15.55 -3.77
N LYS A 2 23.71 -15.82 -2.60
CA LYS A 2 22.42 -16.49 -2.56
C LYS A 2 21.34 -15.58 -3.12
N LYS A 3 20.44 -16.17 -3.90
CA LYS A 3 19.42 -15.41 -4.61
C LYS A 3 18.05 -15.97 -4.30
N LEU A 4 17.03 -15.12 -4.43
CA LEU A 4 15.63 -15.53 -4.42
C LEU A 4 15.10 -15.39 -5.83
N PHE A 5 14.56 -16.47 -6.37
CA PHE A 5 14.01 -16.47 -7.73
C PHE A 5 12.54 -16.12 -7.65
N LEU A 6 12.17 -15.00 -8.27
CA LEU A 6 10.81 -14.50 -8.26
C LEU A 6 10.17 -14.80 -9.62
N VAL A 7 9.00 -15.45 -9.58
CA VAL A 7 8.25 -15.78 -10.79
C VAL A 7 6.87 -15.12 -10.69
N PHE A 8 6.59 -14.21 -11.60
CA PHE A 8 5.29 -13.57 -11.73
C PHE A 8 4.48 -14.27 -12.82
N TRP A 9 3.25 -14.62 -12.51
CA TRP A 9 2.38 -15.34 -13.46
C TRP A 9 1.00 -14.72 -13.42
N TRP A 10 0.67 -13.94 -14.45
CA TRP A 10 -0.60 -13.21 -14.52
C TRP A 10 -1.61 -13.99 -15.34
N HIS A 11 -2.83 -14.10 -14.82
CA HIS A 11 -3.89 -14.91 -15.42
C HIS A 11 -4.94 -13.98 -16.03
N MET A 12 -5.08 -14.04 -17.35
CA MET A 12 -6.02 -13.21 -18.09
C MET A 12 -7.10 -14.11 -18.69
N HIS A 13 -8.34 -13.92 -18.24
CA HIS A 13 -9.44 -14.75 -18.69
C HIS A 13 -10.72 -13.92 -18.73
N GLN A 14 -11.59 -14.25 -19.70
CA GLN A 14 -12.93 -13.70 -19.76
C GLN A 14 -13.85 -14.79 -20.30
N PRO A 15 -15.00 -15.02 -19.69
CA PRO A 15 -15.95 -15.97 -20.26
C PRO A 15 -16.53 -15.43 -21.55
N LEU A 16 -17.13 -16.34 -22.34
CA LEU A 16 -17.73 -15.94 -23.61
C LEU A 16 -19.03 -15.18 -23.33
N TYR A 17 -18.96 -13.86 -23.43
CA TYR A 17 -20.13 -13.00 -23.25
C TYR A 17 -20.99 -12.91 -24.50
N ARG A 18 -20.65 -13.65 -25.55
CA ARG A 18 -21.31 -13.53 -26.85
C ARG A 18 -22.50 -14.50 -26.90
N GLU A 19 -23.70 -13.96 -26.97
CA GLU A 19 -24.90 -14.80 -27.07
C GLU A 19 -24.85 -15.59 -28.38
N PRO A 20 -25.08 -16.90 -28.35
CA PRO A 20 -24.92 -17.69 -29.57
C PRO A 20 -25.94 -17.37 -30.66
N TYR A 21 -27.11 -16.87 -30.29
CA TYR A 21 -28.16 -16.61 -31.27
C TYR A 21 -28.05 -15.21 -31.86
N THR A 22 -28.13 -14.18 -31.02
CA THR A 22 -28.02 -12.81 -31.50
C THR A 22 -26.58 -12.42 -31.84
N GLY A 23 -25.60 -13.15 -31.35
CA GLY A 23 -24.22 -12.75 -31.58
C GLY A 23 -23.83 -11.47 -30.91
N GLU A 24 -24.55 -11.08 -29.87
CA GLU A 24 -24.39 -9.79 -29.21
C GLU A 24 -23.66 -10.00 -27.88
N TYR A 25 -22.62 -9.21 -27.65
CA TYR A 25 -21.85 -9.28 -26.40
C TYR A 25 -22.66 -8.64 -25.28
N LEU A 26 -23.18 -9.46 -24.36
CA LEU A 26 -24.07 -8.98 -23.33
C LEU A 26 -23.34 -8.22 -22.22
N LEU A 27 -22.03 -8.34 -22.13
CA LEU A 27 -21.26 -7.62 -21.12
C LEU A 27 -20.02 -7.03 -21.77
N PRO A 28 -19.59 -5.85 -21.34
CA PRO A 28 -18.43 -5.17 -21.96
C PRO A 28 -17.09 -5.47 -21.31
N TRP A 29 -17.02 -6.45 -20.40
CA TRP A 29 -15.83 -6.61 -19.56
C TRP A 29 -14.63 -7.05 -20.37
N THR A 30 -14.82 -7.75 -21.49
CA THR A 30 -13.69 -8.07 -22.35
C THR A 30 -13.08 -6.80 -22.94
N PHE A 31 -13.93 -5.88 -23.42
CA PHE A 31 -13.42 -4.65 -24.00
C PHE A 31 -12.73 -3.77 -22.95
N PHE A 32 -13.34 -3.63 -21.78
CA PHE A 32 -12.80 -2.72 -20.77
C PHE A 32 -11.48 -3.22 -20.21
N HIS A 33 -11.35 -4.52 -19.99
CA HIS A 33 -10.09 -5.06 -19.51
C HIS A 33 -9.05 -5.11 -20.62
N ALA A 34 -9.49 -5.19 -21.87
CA ALA A 34 -8.56 -5.19 -22.99
C ALA A 34 -7.79 -3.88 -23.07
N VAL A 35 -8.50 -2.75 -22.95
CA VAL A 35 -7.84 -1.45 -23.02
C VAL A 35 -7.08 -1.16 -21.73
N LYS A 36 -7.59 -1.62 -20.59
CA LYS A 36 -6.99 -1.28 -19.31
C LYS A 36 -5.84 -2.20 -18.91
N ASP A 37 -5.96 -3.50 -19.18
CA ASP A 37 -4.94 -4.40 -18.64
C ASP A 37 -4.32 -5.34 -19.66
N TYR A 38 -5.12 -5.87 -20.60
CA TYR A 38 -4.64 -6.98 -21.42
C TYR A 38 -3.47 -6.59 -22.32
N TYR A 39 -3.36 -5.31 -22.68
CA TYR A 39 -2.19 -4.85 -23.40
C TYR A 39 -1.14 -4.23 -22.48
N ASP A 40 -1.57 -3.44 -21.50
CA ASP A 40 -0.62 -2.68 -20.70
C ASP A 40 0.11 -3.53 -19.67
N MET A 41 -0.46 -4.67 -19.27
CA MET A 41 0.24 -5.55 -18.32
C MET A 41 1.55 -6.10 -18.89
N PRO A 42 1.60 -6.63 -20.12
CA PRO A 42 2.90 -7.03 -20.69
C PRO A 42 3.71 -5.86 -21.21
N ALA A 43 3.08 -4.72 -21.51
CA ALA A 43 3.83 -3.57 -21.99
C ALA A 43 4.78 -3.03 -20.93
N TYR A 44 4.57 -3.37 -19.65
CA TYR A 44 5.54 -3.00 -18.62
C TYR A 44 6.92 -3.56 -18.93
N LEU A 45 6.98 -4.72 -19.60
CA LEU A 45 8.25 -5.36 -19.89
C LEU A 45 9.13 -4.53 -20.83
N LYS A 46 8.55 -3.58 -21.55
CA LYS A 46 9.33 -2.73 -22.44
C LYS A 46 10.00 -1.58 -21.71
N ASP A 47 9.58 -1.28 -20.48
CA ASP A 47 10.15 -0.17 -19.73
C ASP A 47 10.89 -0.59 -18.46
N PHE A 48 10.78 -1.85 -18.06
CA PHE A 48 11.48 -2.34 -16.87
C PHE A 48 12.19 -3.64 -17.23
N GLU A 49 13.45 -3.75 -16.81
CA GLU A 49 14.29 -4.90 -17.16
C GLU A 49 14.05 -6.03 -16.16
N ILE A 50 12.81 -6.54 -16.19
CA ILE A 50 12.41 -7.69 -15.40
C ILE A 50 11.75 -8.71 -16.32
N LYS A 51 11.32 -9.82 -15.73
CA LYS A 51 10.64 -10.88 -16.47
C LYS A 51 9.27 -11.09 -15.86
N LEU A 52 8.24 -10.98 -16.70
CA LEU A 52 6.86 -11.25 -16.30
C LEU A 52 6.31 -12.37 -17.18
N ASN A 53 5.55 -13.28 -16.57
CA ASN A 53 4.92 -14.37 -17.29
C ASN A 53 3.42 -14.18 -17.27
N PHE A 54 2.76 -14.60 -18.34
CA PHE A 54 1.33 -14.39 -18.51
C PHE A 54 0.68 -15.68 -18.98
N ASN A 55 -0.59 -15.84 -18.57
CA ASN A 55 -1.43 -16.93 -19.03
C ASN A 55 -2.65 -16.34 -19.71
N LEU A 56 -3.00 -16.86 -20.88
CA LEU A 56 -4.14 -16.39 -21.65
C LEU A 56 -5.06 -17.56 -21.96
N THR A 57 -6.33 -17.42 -21.61
CA THR A 57 -7.28 -18.46 -21.97
C THR A 57 -7.69 -18.32 -23.43
N PRO A 58 -7.92 -19.44 -24.11
CA PRO A 58 -8.33 -19.37 -25.53
C PRO A 58 -9.64 -18.62 -25.73
N VAL A 59 -10.56 -18.67 -24.77
CA VAL A 59 -11.83 -17.95 -24.90
C VAL A 59 -11.60 -16.44 -24.88
N LEU A 60 -10.67 -15.97 -24.05
CA LEU A 60 -10.33 -14.55 -24.07
C LEU A 60 -9.69 -14.16 -25.40
N ILE A 61 -8.78 -15.00 -25.90
CA ILE A 61 -8.15 -14.74 -27.19
C ILE A 61 -9.20 -14.66 -28.29
N ASP A 62 -10.21 -15.53 -28.22
CA ASP A 62 -11.27 -15.51 -29.22
C ASP A 62 -12.02 -14.18 -29.21
N GLN A 63 -12.32 -13.67 -28.02
CA GLN A 63 -13.04 -12.40 -27.92
C GLN A 63 -12.17 -11.22 -28.29
N ILE A 64 -10.91 -11.22 -27.87
CA ILE A 64 -9.98 -10.15 -28.23
C ILE A 64 -9.92 -10.02 -29.74
N GLN A 65 -9.79 -11.15 -30.43
CA GLN A 65 -9.69 -11.13 -31.89
C GLN A 65 -10.95 -10.56 -32.53
N GLU A 66 -12.12 -10.94 -32.02
CA GLU A 66 -13.36 -10.43 -32.59
C GLU A 66 -13.50 -8.93 -32.39
N TYR A 67 -13.10 -8.42 -31.22
CA TYR A 67 -13.11 -6.99 -30.99
C TYR A 67 -12.10 -6.28 -31.88
N ALA A 68 -10.93 -6.89 -32.10
CA ALA A 68 -9.90 -6.27 -32.91
C ALA A 68 -10.34 -6.13 -34.36
N GLN A 69 -11.08 -7.11 -34.88
CA GLN A 69 -11.57 -7.06 -36.25
C GLN A 69 -12.81 -6.18 -36.41
N GLY A 70 -13.37 -5.66 -35.32
CA GLY A 70 -14.56 -4.84 -35.38
C GLY A 70 -15.86 -5.60 -35.51
N LYS A 71 -15.82 -6.93 -35.40
CA LYS A 71 -17.00 -7.77 -35.57
C LYS A 71 -17.82 -7.91 -34.30
N ALA A 72 -17.30 -7.51 -33.14
CA ALA A 72 -18.00 -7.73 -31.89
C ALA A 72 -19.16 -6.74 -31.74
N LYS A 73 -20.36 -7.28 -31.50
CA LYS A 73 -21.55 -6.45 -31.30
C LYS A 73 -21.76 -6.27 -29.80
N ASP A 74 -21.06 -5.29 -29.24
CA ASP A 74 -21.14 -4.98 -27.81
C ASP A 74 -22.26 -3.96 -27.63
N VAL A 75 -23.35 -4.38 -26.99
CA VAL A 75 -24.52 -3.52 -26.84
C VAL A 75 -24.21 -2.31 -25.97
N PHE A 76 -23.49 -2.50 -24.87
CA PHE A 76 -23.12 -1.38 -24.02
C PHE A 76 -22.18 -0.42 -24.75
N LEU A 77 -21.22 -0.97 -25.49
CA LEU A 77 -20.27 -0.11 -26.21
C LEU A 77 -20.97 0.71 -27.27
N GLU A 78 -21.97 0.13 -27.95
CA GLU A 78 -22.67 0.90 -28.97
C GLU A 78 -23.42 2.08 -28.38
N ALA A 79 -23.89 1.95 -27.13
CA ALA A 79 -24.52 3.08 -26.47
C ALA A 79 -23.51 4.21 -26.21
N ILE A 80 -22.27 3.86 -25.90
CA ILE A 80 -21.24 4.86 -25.70
C ILE A 80 -20.95 5.60 -27.01
N ARG A 81 -20.77 4.85 -28.09
CA ARG A 81 -20.47 5.47 -29.38
C ARG A 81 -21.64 6.34 -29.85
N LYS A 82 -22.87 5.88 -29.63
CA LYS A 82 -24.05 6.59 -30.10
C LYS A 82 -24.11 8.00 -29.53
N ASP A 83 -24.47 8.95 -30.38
CA ASP A 83 -24.72 10.31 -29.91
C ASP A 83 -25.88 10.29 -28.92
N PRO A 84 -25.79 11.04 -27.81
CA PRO A 84 -26.83 10.96 -26.79
C PRO A 84 -28.22 11.31 -27.30
N ASP A 85 -28.33 12.05 -28.41
CA ASP A 85 -29.64 12.29 -29.00
C ASP A 85 -30.27 11.01 -29.55
N ASP A 86 -29.45 10.06 -30.00
CA ASP A 86 -29.95 8.78 -30.49
C ASP A 86 -30.18 7.77 -29.38
N LEU A 87 -29.67 8.04 -28.17
CA LEU A 87 -29.81 7.09 -27.06
C LEU A 87 -31.27 7.01 -26.64
N GLU A 88 -31.71 5.80 -26.32
CA GLU A 88 -33.06 5.58 -25.80
C GLU A 88 -33.04 5.60 -24.28
N LYS A 89 -34.24 5.74 -23.69
CA LYS A 89 -34.33 5.79 -22.23
C LYS A 89 -33.77 4.53 -21.60
N GLU A 90 -33.99 3.37 -22.22
CA GLU A 90 -33.43 2.13 -21.71
C GLU A 90 -31.90 2.16 -21.71
N GLU A 91 -31.31 2.67 -22.79
CA GLU A 91 -29.86 2.70 -22.91
C GLU A 91 -29.23 3.62 -21.87
N VAL A 92 -29.87 4.77 -21.60
CA VAL A 92 -29.33 5.70 -20.62
C VAL A 92 -29.34 5.08 -19.23
N GLU A 93 -30.36 4.26 -18.92
CA GLU A 93 -30.40 3.59 -17.62
C GLU A 93 -29.22 2.63 -17.45
N LYS A 94 -28.83 1.94 -18.53
CA LYS A 94 -27.66 1.08 -18.43
C LYS A 94 -26.40 1.87 -18.13
N LEU A 95 -26.24 3.04 -18.77
CA LEU A 95 -25.06 3.86 -18.55
C LEU A 95 -25.00 4.38 -17.11
N ILE A 96 -26.14 4.80 -16.56
CA ILE A 96 -26.16 5.25 -15.17
C ILE A 96 -25.94 4.09 -14.22
N GLU A 97 -26.51 2.92 -14.52
CA GLU A 97 -26.32 1.76 -13.67
C GLU A 97 -24.88 1.27 -13.68
N PHE A 98 -24.22 1.32 -14.85
CA PHE A 98 -22.81 0.96 -14.92
C PHE A 98 -21.95 1.90 -14.08
N THR A 99 -22.23 3.20 -14.16
CA THR A 99 -21.48 4.17 -13.36
C THR A 99 -21.70 3.95 -11.87
N LYS A 100 -22.94 3.65 -11.48
CA LYS A 100 -23.25 3.42 -10.06
C LYS A 100 -22.47 2.25 -9.51
N LEU A 101 -22.28 1.19 -10.32
CA LEU A 101 -21.57 0.01 -9.84
C LEU A 101 -20.10 0.29 -9.60
N ASN A 102 -19.44 0.97 -10.54
CA ASN A 102 -18.02 1.27 -10.47
C ASN A 102 -17.74 2.62 -9.83
N TYR A 103 -18.77 3.30 -9.32
CA TYR A 103 -18.59 4.62 -8.72
C TYR A 103 -17.56 4.57 -7.58
N GLU A 104 -17.54 3.47 -6.83
CA GLU A 104 -16.67 3.37 -5.67
C GLU A 104 -15.20 3.23 -6.05
N LYS A 105 -14.91 2.68 -7.23
CA LYS A 105 -13.54 2.35 -7.57
C LYS A 105 -12.72 3.61 -7.81
N PRO A 106 -11.46 3.64 -7.37
CA PRO A 106 -10.64 4.86 -7.54
C PRO A 106 -10.45 5.27 -8.99
N ILE A 107 -10.45 4.31 -9.93
CA ILE A 107 -10.29 4.65 -11.34
C ILE A 107 -11.49 5.41 -11.89
N TYR A 108 -12.58 5.50 -11.14
CA TYR A 108 -13.76 6.27 -11.51
C TYR A 108 -13.85 7.60 -10.77
N ARG A 109 -12.79 8.00 -10.07
CA ARG A 109 -12.80 9.23 -9.28
C ARG A 109 -12.58 10.41 -10.23
N PHE A 110 -13.68 10.88 -10.81
CA PHE A 110 -13.70 12.12 -11.56
C PHE A 110 -14.69 13.08 -10.89
N GLU A 111 -14.31 14.36 -10.81
CA GLU A 111 -15.21 15.35 -10.23
C GLU A 111 -16.48 15.49 -11.06
N ARG A 112 -16.37 15.39 -12.38
CA ARG A 112 -17.55 15.46 -13.24
C ARG A 112 -18.51 14.32 -12.96
N ILE A 113 -17.99 13.13 -12.68
CA ILE A 113 -18.85 11.97 -12.40
C ILE A 113 -19.71 12.24 -11.17
N ARG A 114 -19.16 12.92 -10.17
CA ARG A 114 -19.94 13.25 -8.97
C ARG A 114 -21.13 14.13 -9.32
N GLU A 115 -20.92 15.14 -10.18
CA GLU A 115 -22.02 16.00 -10.58
C GLU A 115 -23.08 15.24 -11.36
N LEU A 116 -22.66 14.48 -12.38
CA LEU A 116 -23.60 13.81 -13.24
C LEU A 116 -24.44 12.79 -12.47
N MET A 117 -23.81 12.06 -11.55
CA MET A 117 -24.55 11.06 -10.78
C MET A 117 -25.54 11.71 -9.82
N ASN A 118 -25.21 12.88 -9.28
CA ASN A 118 -26.11 13.58 -8.38
C ASN A 118 -27.17 14.41 -9.11
N LYS A 119 -27.03 14.61 -10.41
CA LYS A 119 -28.04 15.35 -11.17
C LYS A 119 -29.30 14.52 -11.34
N GLU A 120 -30.46 15.18 -11.29
CA GLU A 120 -31.72 14.45 -11.40
C GLU A 120 -32.03 14.07 -12.84
N LYS A 121 -31.63 14.89 -13.81
CA LYS A 121 -31.78 14.58 -15.23
C LYS A 121 -30.57 15.08 -15.97
N LEU A 122 -30.27 14.44 -17.10
CA LEU A 122 -29.07 14.72 -17.86
C LEU A 122 -29.44 15.14 -19.27
N ASN A 123 -28.83 16.22 -19.75
CA ASN A 123 -29.02 16.68 -21.12
C ASN A 123 -28.03 15.96 -22.04
N ARG A 124 -27.98 16.36 -23.31
CA ARG A 124 -27.09 15.70 -24.27
C ARG A 124 -25.63 15.84 -23.85
N GLU A 125 -25.22 17.05 -23.49
CA GLU A 125 -23.81 17.30 -23.21
C GLU A 125 -23.38 16.64 -21.91
N GLU A 126 -24.28 16.56 -20.92
CA GLU A 126 -23.98 15.79 -19.72
C GLU A 126 -23.86 14.30 -20.03
N LEU A 127 -24.71 13.79 -20.91
CA LEU A 127 -24.60 12.39 -21.33
C LEU A 127 -23.32 12.16 -22.10
N LEU A 128 -22.91 13.13 -22.94
CA LEU A 128 -21.64 13.01 -23.64
C LEU A 128 -20.48 12.90 -22.66
N ASP A 129 -20.52 13.68 -21.58
CA ASP A 129 -19.50 13.54 -20.55
C ASP A 129 -19.56 12.17 -19.89
N LEU A 130 -20.77 11.70 -19.58
CA LEU A 130 -20.92 10.39 -18.96
C LEU A 130 -20.49 9.28 -19.90
N GLN A 131 -20.74 9.43 -21.20
CA GLN A 131 -20.28 8.44 -22.18
C GLN A 131 -18.76 8.40 -22.21
N THR A 132 -18.11 9.56 -22.24
CA THR A 132 -16.66 9.62 -22.44
C THR A 132 -15.89 9.34 -21.16
N LEU A 133 -16.38 9.83 -20.03
CA LEU A 133 -15.68 9.57 -18.76
C LEU A 133 -15.73 8.10 -18.38
N ASN A 134 -16.81 7.39 -18.74
CA ASN A 134 -16.83 5.95 -18.57
C ASN A 134 -15.78 5.28 -19.43
N LEU A 135 -15.58 5.78 -20.65
CA LEU A 135 -14.50 5.29 -21.50
C LEU A 135 -13.14 5.60 -20.89
N LEU A 136 -12.95 6.84 -20.45
CA LEU A 136 -11.64 7.27 -19.96
C LEU A 136 -11.31 6.68 -18.59
N ALA A 137 -12.32 6.22 -17.85
CA ALA A 137 -12.05 5.61 -16.55
C ALA A 137 -11.25 4.33 -16.70
N TRP A 138 -11.38 3.64 -17.84
CA TRP A 138 -10.70 2.37 -18.09
C TRP A 138 -9.48 2.53 -18.99
N CYS A 139 -8.86 3.71 -18.97
CA CYS A 139 -7.63 3.92 -19.73
C CYS A 139 -6.46 3.17 -19.10
N GLY A 140 -5.67 2.50 -19.95
CA GLY A 140 -4.47 1.83 -19.52
C GLY A 140 -3.29 2.76 -19.36
N ARG A 141 -2.17 2.19 -18.90
CA ARG A 141 -0.97 2.99 -18.66
C ARG A 141 -0.48 3.65 -19.93
N THR A 142 -0.47 2.93 -21.05
CA THR A 142 0.09 3.47 -22.29
C THR A 142 -0.73 4.66 -22.78
N LEU A 143 -2.05 4.51 -22.83
CA LEU A 143 -2.89 5.58 -23.37
C LEU A 143 -3.17 6.68 -22.35
N ARG A 144 -2.87 6.48 -21.07
CA ARG A 144 -2.94 7.58 -20.12
C ARG A 144 -1.90 8.64 -20.44
N LYS A 145 -0.74 8.23 -20.96
CA LYS A 145 0.29 9.18 -21.37
C LYS A 145 -0.09 9.88 -22.68
N ASP A 146 -0.64 9.13 -23.64
CA ASP A 146 -0.96 9.70 -24.95
C ASP A 146 -2.18 10.60 -24.88
N LEU A 147 -3.19 10.20 -24.09
CA LEU A 147 -4.43 10.96 -23.96
C LEU A 147 -4.41 11.85 -22.71
N LYS A 148 -3.25 12.37 -22.32
CA LYS A 148 -3.13 13.09 -21.06
C LYS A 148 -3.95 14.37 -21.07
N ASP A 149 -3.86 15.16 -22.16
CA ASP A 149 -4.56 16.44 -22.20
C ASP A 149 -6.08 16.24 -22.18
N LEU A 150 -6.57 15.19 -22.83
CA LEU A 150 -8.00 14.89 -22.76
C LEU A 150 -8.42 14.54 -21.34
N LEU A 151 -7.60 13.74 -20.65
CA LEU A 151 -7.97 13.30 -19.30
C LEU A 151 -7.87 14.43 -18.29
N ASN A 152 -7.03 15.43 -18.54
CA ASN A 152 -6.96 16.59 -17.65
C ASN A 152 -8.13 17.55 -17.84
N LYS A 153 -8.76 17.53 -19.02
CA LYS A 153 -9.95 18.36 -19.23
C LYS A 153 -11.05 17.99 -18.23
N GLY A 154 -11.39 16.70 -18.18
CA GLY A 154 -12.28 16.17 -17.16
C GLY A 154 -13.76 16.44 -17.39
N ARG A 155 -14.13 17.13 -18.46
CA ARG A 155 -15.51 17.53 -18.69
C ARG A 155 -15.60 18.13 -20.09
N ASN A 156 -16.83 18.45 -20.50
CA ASN A 156 -17.09 19.20 -21.72
C ASN A 156 -16.49 18.50 -22.93
N TYR A 157 -16.79 17.21 -23.06
CA TYR A 157 -16.31 16.42 -24.17
C TYR A 157 -17.26 16.57 -25.35
N THR A 158 -16.69 16.58 -26.56
CA THR A 158 -17.46 16.56 -27.79
C THR A 158 -17.60 15.12 -28.28
N GLN A 159 -18.55 14.91 -29.20
CA GLN A 159 -18.74 13.57 -29.74
C GLN A 159 -17.50 13.10 -30.49
N GLU A 160 -16.86 14.01 -31.24
CA GLU A 160 -15.64 13.65 -31.96
C GLU A 160 -14.51 13.30 -31.00
N GLU A 161 -14.39 14.05 -29.90
CA GLU A 161 -13.37 13.71 -28.90
C GLU A 161 -13.63 12.33 -28.31
N LYS A 162 -14.89 11.99 -28.07
CA LYS A 162 -15.23 10.64 -27.62
C LYS A 162 -14.78 9.60 -28.63
N GLU A 163 -15.14 9.80 -29.91
CA GLU A 163 -14.76 8.84 -30.95
C GLU A 163 -13.25 8.71 -31.06
N TYR A 164 -12.52 9.78 -30.78
CA TYR A 164 -11.07 9.69 -30.75
C TYR A 164 -10.61 8.69 -29.69
N VAL A 165 -11.26 8.71 -28.52
CA VAL A 165 -10.93 7.77 -27.46
C VAL A 165 -11.20 6.34 -27.92
N LEU A 166 -12.36 6.10 -28.53
CA LEU A 166 -12.64 4.76 -29.04
C LEU A 166 -11.63 4.35 -30.09
N ASN A 167 -11.28 5.27 -30.99
CA ASN A 167 -10.31 4.95 -32.03
C ASN A 167 -8.97 4.56 -31.43
N LYS A 168 -8.49 5.33 -30.46
CA LYS A 168 -7.24 4.97 -29.79
C LYS A 168 -7.37 3.66 -29.03
N TYR A 169 -8.55 3.38 -28.48
CA TYR A 169 -8.75 2.13 -27.74
C TYR A 169 -8.67 0.91 -28.66
N PHE A 170 -9.26 1.01 -29.86
CA PHE A 170 -9.25 -0.12 -30.77
C PHE A 170 -7.87 -0.37 -31.37
N GLU A 171 -7.03 0.67 -31.45
CA GLU A 171 -5.65 0.47 -31.86
C GLU A 171 -4.90 -0.37 -30.84
N ILE A 172 -5.19 -0.17 -29.55
CA ILE A 172 -4.59 -0.97 -28.50
C ILE A 172 -5.03 -2.42 -28.60
N ILE A 173 -6.32 -2.64 -28.89
CA ILE A 173 -6.85 -4.01 -28.94
C ILE A 173 -6.21 -4.79 -30.08
N LYS A 174 -6.04 -4.16 -31.25
CA LYS A 174 -5.40 -4.85 -32.36
C LYS A 174 -3.95 -5.19 -32.07
N LYS A 175 -3.28 -4.40 -31.23
CA LYS A 175 -1.89 -4.65 -30.86
C LYS A 175 -1.75 -5.57 -29.66
N THR A 176 -2.85 -5.92 -28.98
CA THR A 176 -2.76 -6.62 -27.71
C THR A 176 -2.11 -7.99 -27.86
N LEU A 177 -2.53 -8.75 -28.87
CA LEU A 177 -1.94 -10.09 -29.05
C LEU A 177 -0.50 -10.00 -29.56
N SER A 178 -0.16 -8.92 -30.27
CA SER A 178 1.19 -8.80 -30.83
C SER A 178 2.26 -8.73 -29.75
N ILE A 179 1.98 -8.00 -28.66
CA ILE A 179 3.00 -7.85 -27.63
C ILE A 179 3.24 -9.16 -26.88
N TYR A 180 2.20 -9.98 -26.72
CA TYR A 180 2.38 -11.29 -26.09
C TYR A 180 3.29 -12.17 -26.94
N ARG A 181 3.13 -12.11 -28.26
CA ARG A 181 4.12 -12.73 -29.14
C ARG A 181 5.48 -12.07 -28.95
N GLU A 182 5.50 -10.73 -28.86
CA GLU A 182 6.76 -10.01 -28.80
C GLU A 182 7.55 -10.36 -27.54
N ILE A 183 6.89 -10.36 -26.37
CA ILE A 183 7.62 -10.63 -25.14
C ILE A 183 8.10 -12.08 -25.11
N LYS A 184 7.32 -13.01 -25.67
CA LYS A 184 7.74 -14.40 -25.69
C LYS A 184 8.91 -14.63 -26.62
N GLU A 185 8.90 -13.99 -27.80
CA GLU A 185 10.01 -14.16 -28.73
C GLU A 185 11.28 -13.46 -28.25
N GLU A 186 11.14 -12.33 -27.57
CA GLU A 186 12.31 -11.58 -27.09
C GLU A 186 12.85 -12.11 -25.76
N GLY A 187 12.23 -13.12 -25.18
CA GLY A 187 12.73 -13.71 -23.95
C GLY A 187 12.41 -12.93 -22.69
N LYS A 188 11.62 -11.87 -22.79
CA LYS A 188 11.25 -11.09 -21.62
C LYS A 188 10.15 -11.74 -20.79
N GLY A 189 9.54 -12.81 -21.28
CA GLY A 189 8.55 -13.53 -20.50
C GLY A 189 8.11 -14.78 -21.23
N SER A 190 7.37 -15.62 -20.50
CA SER A 190 6.76 -16.83 -21.04
C SER A 190 5.24 -16.71 -20.99
N VAL A 191 4.59 -17.16 -22.05
CA VAL A 191 3.14 -17.09 -22.18
C VAL A 191 2.58 -18.51 -22.17
N SER A 192 1.63 -18.76 -21.30
CA SER A 192 0.98 -20.06 -21.14
C SER A 192 -0.49 -19.96 -21.48
N THR A 193 -1.17 -21.11 -21.47
CA THR A 193 -2.59 -21.17 -21.76
C THR A 193 -3.26 -22.10 -20.75
N SER A 194 -4.59 -22.18 -20.85
CA SER A 194 -5.42 -23.03 -20.01
C SER A 194 -6.39 -23.79 -20.90
N PRO A 195 -6.96 -24.90 -20.40
CA PRO A 195 -8.09 -25.53 -21.09
C PRO A 195 -9.10 -24.50 -21.59
N TYR A 196 -9.71 -24.77 -22.74
CA TYR A 196 -10.25 -23.70 -23.59
C TYR A 196 -11.14 -22.71 -22.82
N TYR A 197 -12.25 -23.20 -22.26
CA TYR A 197 -13.26 -22.31 -21.70
C TYR A 197 -13.19 -22.24 -20.18
N HIS A 198 -12.00 -22.32 -19.61
CA HIS A 198 -11.79 -22.27 -18.17
C HIS A 198 -12.67 -23.25 -17.40
N PRO A 199 -12.61 -24.55 -17.71
CA PRO A 199 -13.43 -25.53 -17.00
C PRO A 199 -12.69 -26.11 -15.80
N LEU A 200 -13.46 -26.74 -14.92
CA LEU A 200 -12.90 -27.44 -13.76
C LEU A 200 -12.52 -28.85 -14.20
N ILE A 201 -11.27 -29.00 -14.63
CA ILE A 201 -10.82 -30.27 -15.22
C ILE A 201 -10.99 -31.45 -14.27
N PRO A 202 -10.62 -31.36 -12.98
CA PRO A 202 -10.79 -32.54 -12.12
C PRO A 202 -12.22 -33.02 -12.02
N ILE A 203 -13.19 -32.11 -12.01
CA ILE A 203 -14.60 -32.49 -11.95
C ILE A 203 -15.02 -33.18 -13.24
N LEU A 204 -14.54 -32.68 -14.39
CA LEU A 204 -14.89 -33.29 -15.66
C LEU A 204 -14.41 -34.73 -15.74
N LEU A 205 -13.18 -35.02 -15.30
CA LEU A 205 -12.66 -36.38 -15.37
C LEU A 205 -13.38 -37.29 -14.39
N ASN A 206 -13.27 -36.99 -13.09
CA ASN A 206 -13.94 -37.76 -12.05
C ASN A 206 -14.62 -36.81 -11.09
N PRO A 207 -15.94 -36.71 -11.11
CA PRO A 207 -16.63 -35.83 -10.14
C PRO A 207 -16.40 -36.22 -8.69
N ASN A 208 -15.88 -37.43 -8.42
CA ASN A 208 -15.60 -37.84 -7.04
C ASN A 208 -14.46 -37.05 -6.41
N CYS A 209 -13.73 -36.24 -7.19
CA CYS A 209 -12.62 -35.48 -6.63
C CYS A 209 -13.08 -34.48 -5.58
N VAL A 210 -14.36 -34.09 -5.61
CA VAL A 210 -14.86 -33.14 -4.61
C VAL A 210 -14.81 -33.75 -3.22
N TYR A 211 -14.98 -35.07 -3.10
CA TYR A 211 -14.95 -35.75 -1.81
C TYR A 211 -13.55 -35.86 -1.23
N GLU A 212 -12.50 -35.53 -2.01
CA GLU A 212 -11.15 -35.61 -1.49
C GLU A 212 -10.95 -34.62 -0.34
N THR A 213 -11.49 -33.41 -0.47
CA THR A 213 -11.37 -32.39 0.56
C THR A 213 -12.66 -32.11 1.31
N THR A 214 -13.82 -32.21 0.65
CA THR A 214 -15.13 -32.04 1.29
C THR A 214 -15.87 -33.37 1.18
N PRO A 215 -15.70 -34.26 2.16
CA PRO A 215 -16.23 -35.62 1.99
C PRO A 215 -17.74 -35.74 2.10
N ASN A 216 -18.40 -34.84 2.82
CA ASN A 216 -19.83 -34.95 3.07
C ASN A 216 -20.67 -34.06 2.16
N VAL A 217 -20.07 -33.45 1.15
CA VAL A 217 -20.82 -32.60 0.23
C VAL A 217 -21.80 -33.45 -0.57
N LYS A 218 -22.94 -32.85 -0.94
CA LYS A 218 -23.96 -33.50 -1.75
C LYS A 218 -23.92 -32.87 -3.13
N ILE A 219 -23.50 -33.66 -4.13
CA ILE A 219 -23.44 -33.20 -5.50
C ILE A 219 -24.49 -33.95 -6.31
N PRO A 220 -24.92 -33.45 -7.46
CA PRO A 220 -25.94 -34.16 -8.25
C PRO A 220 -25.37 -35.42 -8.88
N ASP A 221 -26.28 -36.26 -9.38
CA ASP A 221 -25.90 -37.52 -9.99
C ASP A 221 -25.35 -37.27 -11.38
N PHE A 222 -24.08 -37.62 -11.58
CA PHE A 222 -23.42 -37.45 -12.88
C PHE A 222 -23.63 -38.71 -13.70
N ALA A 223 -24.75 -38.75 -14.42
CA ALA A 223 -25.08 -39.89 -15.27
C ALA A 223 -24.35 -39.87 -16.60
N VAL A 224 -23.51 -38.85 -16.84
CA VAL A 224 -22.82 -38.66 -18.11
C VAL A 224 -21.34 -38.48 -17.86
N SER A 225 -20.52 -38.96 -18.79
CA SER A 225 -19.08 -38.78 -18.75
C SER A 225 -18.69 -37.50 -19.47
N PHE A 226 -18.05 -36.57 -18.75
CA PHE A 226 -17.41 -35.40 -19.33
C PHE A 226 -15.93 -35.61 -19.58
N ARG A 227 -15.44 -36.84 -19.47
CA ARG A 227 -14.01 -37.10 -19.58
C ARG A 227 -13.48 -36.80 -20.98
N GLU A 228 -14.28 -37.08 -22.01
CA GLU A 228 -13.85 -36.79 -23.37
C GLU A 228 -13.80 -35.29 -23.63
N ASP A 229 -14.70 -34.52 -23.02
CA ASP A 229 -14.67 -33.07 -23.18
C ASP A 229 -13.46 -32.45 -22.51
N ALA A 230 -12.99 -33.05 -21.40
CA ALA A 230 -11.81 -32.51 -20.72
C ALA A 230 -10.58 -32.55 -21.62
N SER A 231 -10.46 -33.62 -22.44
CA SER A 231 -9.41 -33.63 -23.45
C SER A 231 -9.67 -32.59 -24.53
N LYS A 232 -10.94 -32.39 -24.90
CA LYS A 232 -11.28 -31.39 -25.91
C LYS A 232 -10.89 -29.99 -25.45
N HIS A 233 -11.10 -29.69 -24.16
CA HIS A 233 -10.68 -28.39 -23.63
C HIS A 233 -9.17 -28.22 -23.75
N VAL A 234 -8.41 -29.25 -23.40
CA VAL A 234 -6.95 -29.16 -23.47
C VAL A 234 -6.48 -29.12 -24.91
N GLU A 235 -6.98 -30.05 -25.73
CA GLU A 235 -6.47 -30.18 -27.10
C GLU A 235 -6.77 -28.94 -27.94
N LEU A 236 -7.99 -28.42 -27.86
CA LEU A 236 -8.33 -27.23 -28.61
C LEU A 236 -7.58 -26.00 -28.10
N ALA A 237 -7.27 -25.97 -26.79
CA ALA A 237 -6.50 -24.86 -26.26
C ALA A 237 -5.11 -24.82 -26.86
N LYS A 238 -4.46 -25.98 -26.97
CA LYS A 238 -3.13 -26.02 -27.58
C LYS A 238 -3.18 -25.64 -29.05
N GLU A 239 -4.24 -26.04 -29.75
CA GLU A 239 -4.37 -25.65 -31.16
C GLU A 239 -4.52 -24.14 -31.30
N LYS A 240 -5.33 -23.51 -30.45
CA LYS A 240 -5.48 -22.07 -30.49
C LYS A 240 -4.19 -21.36 -30.12
N TYR A 241 -3.47 -21.88 -29.12
CA TYR A 241 -2.16 -21.33 -28.79
C TYR A 241 -1.20 -21.42 -29.96
N PHE A 242 -1.33 -22.47 -30.77
CA PHE A 242 -0.51 -22.60 -31.98
C PHE A 242 -0.83 -21.51 -32.99
N GLU A 243 -2.12 -21.17 -33.14
CA GLU A 243 -2.49 -20.12 -34.08
C GLU A 243 -1.82 -18.79 -33.74
N ILE A 244 -1.75 -18.46 -32.46
CA ILE A 244 -1.21 -17.18 -32.05
C ILE A 244 0.30 -17.18 -32.09
N PHE A 245 0.93 -18.20 -31.49
CA PHE A 245 2.37 -18.17 -31.25
C PHE A 245 3.18 -19.09 -32.14
N GLY A 246 2.54 -19.90 -33.00
CA GLY A 246 3.27 -20.76 -33.91
C GLY A 246 3.95 -21.96 -33.27
N GLU A 247 3.61 -22.28 -32.03
CA GLU A 247 4.20 -23.42 -31.34
C GLU A 247 3.17 -23.98 -30.37
N HIS A 248 3.35 -25.24 -30.00
CA HIS A 248 2.46 -25.79 -28.99
C HIS A 248 2.87 -25.28 -27.60
N PRO A 249 1.90 -25.07 -26.71
CA PRO A 249 2.25 -24.67 -25.35
C PRO A 249 2.84 -25.84 -24.58
N VAL A 250 3.92 -25.56 -23.85
CA VAL A 250 4.47 -26.54 -22.91
C VAL A 250 4.07 -26.26 -21.48
N TYR A 251 3.56 -25.07 -21.19
CA TYR A 251 3.18 -24.67 -19.84
C TYR A 251 1.70 -24.31 -19.82
N MET A 252 1.00 -24.78 -18.79
CA MET A 252 -0.43 -24.57 -18.69
C MET A 252 -0.80 -24.16 -17.27
N TRP A 253 -1.78 -23.28 -17.15
CA TRP A 253 -2.33 -22.89 -15.85
C TRP A 253 -3.68 -23.56 -15.68
N PRO A 254 -3.85 -24.50 -14.76
CA PRO A 254 -5.16 -25.10 -14.55
C PRO A 254 -6.13 -24.07 -14.01
N PRO A 255 -7.34 -24.01 -14.55
CA PRO A 255 -8.33 -23.02 -14.09
C PRO A 255 -8.58 -23.15 -12.59
N GLU A 256 -8.64 -22.00 -11.93
CA GLU A 256 -8.85 -21.90 -10.48
C GLU A 256 -7.83 -22.71 -9.70
N ALA A 257 -6.65 -22.94 -10.29
CA ALA A 257 -5.60 -23.77 -9.71
C ALA A 257 -6.06 -25.18 -9.41
N SER A 258 -7.17 -25.61 -10.02
CA SER A 258 -7.76 -26.90 -9.67
C SER A 258 -6.94 -28.03 -10.26
N VAL A 259 -6.44 -28.91 -9.40
CA VAL A 259 -5.62 -30.04 -9.81
C VAL A 259 -6.16 -31.29 -9.14
N SER A 260 -5.77 -32.43 -9.70
CA SER A 260 -6.09 -33.74 -9.15
C SER A 260 -5.10 -34.74 -9.71
N ASN A 261 -5.08 -35.93 -9.10
CA ASN A 261 -4.23 -36.99 -9.63
C ASN A 261 -4.56 -37.28 -11.09
N GLU A 262 -5.86 -37.45 -11.39
CA GLU A 262 -6.28 -37.72 -12.77
C GLU A 262 -6.06 -36.50 -13.67
N ALA A 263 -6.30 -35.30 -13.14
CA ALA A 263 -6.11 -34.10 -13.95
C ALA A 263 -4.65 -33.94 -14.37
N LEU A 264 -3.72 -34.17 -13.44
CA LEU A 264 -2.31 -34.07 -13.77
C LEU A 264 -1.90 -35.14 -14.77
N GLU A 265 -2.52 -36.31 -14.72
CA GLU A 265 -2.25 -37.36 -15.70
C GLU A 265 -2.66 -36.90 -17.10
N LEU A 266 -3.85 -36.30 -17.23
CA LEU A 266 -4.32 -35.85 -18.54
C LEU A 266 -3.45 -34.73 -19.09
N TYR A 267 -2.99 -33.81 -18.23
CA TYR A 267 -2.11 -32.75 -18.68
C TYR A 267 -0.80 -33.32 -19.20
N TYR A 268 -0.25 -34.32 -18.51
CA TYR A 268 1.00 -34.93 -18.94
C TYR A 268 0.84 -35.58 -20.31
N GLU A 269 -0.28 -36.26 -20.55
CA GLU A 269 -0.48 -36.95 -21.82
C GLU A 269 -0.59 -35.96 -22.97
N LYS A 270 -1.06 -34.75 -22.71
CA LYS A 270 -1.24 -33.76 -23.77
C LYS A 270 0.01 -32.92 -24.01
N GLY A 271 1.16 -33.33 -23.49
CA GLY A 271 2.40 -32.63 -23.75
C GLY A 271 2.68 -31.43 -22.87
N ILE A 272 1.91 -31.23 -21.80
CA ILE A 272 2.16 -30.14 -20.87
C ILE A 272 3.31 -30.53 -19.96
N ASN A 273 4.33 -29.68 -19.88
CA ASN A 273 5.52 -29.98 -19.10
C ASN A 273 5.53 -29.35 -17.72
N MET A 274 4.69 -28.36 -17.47
CA MET A 274 4.68 -27.72 -16.16
C MET A 274 3.33 -27.06 -15.94
N LEU A 275 2.92 -26.97 -14.68
CA LEU A 275 1.76 -26.20 -14.29
C LEU A 275 1.96 -25.72 -12.85
N ALA A 276 0.99 -24.97 -12.35
CA ALA A 276 1.06 -24.43 -11.00
C ALA A 276 -0.29 -24.54 -10.32
N THR A 277 -0.28 -24.54 -8.99
CA THR A 277 -1.49 -24.62 -8.20
C THR A 277 -1.25 -23.94 -6.85
N ASP A 278 -2.30 -23.90 -6.03
CA ASP A 278 -2.24 -23.18 -4.75
C ASP A 278 -1.45 -23.96 -3.72
N GLU A 279 -0.87 -23.22 -2.76
CA GLU A 279 -0.11 -23.86 -1.70
C GLU A 279 -0.99 -24.50 -0.63
N VAL A 280 -2.29 -24.15 -0.59
CA VAL A 280 -3.20 -24.90 0.28
C VAL A 280 -3.36 -26.32 -0.25
N ILE A 281 -3.21 -26.51 -1.56
CA ILE A 281 -3.15 -27.86 -2.12
C ILE A 281 -1.90 -28.56 -1.63
N LEU A 282 -0.78 -27.83 -1.56
CA LEU A 282 0.48 -28.42 -1.09
C LEU A 282 0.34 -28.94 0.34
N LYS A 283 -0.28 -28.15 1.22
CA LYS A 283 -0.45 -28.57 2.60
C LYS A 283 -1.38 -29.77 2.72
N ASN A 284 -2.39 -29.84 1.84
CA ASN A 284 -3.29 -30.98 1.87
C ASN A 284 -2.64 -32.23 1.30
N SER A 285 -1.66 -32.07 0.40
CA SER A 285 -1.11 -33.20 -0.33
C SER A 285 0.16 -33.76 0.32
N VAL A 286 1.12 -32.88 0.61
CA VAL A 286 2.43 -33.30 1.12
C VAL A 286 2.52 -32.97 2.61
N GLU A 287 3.18 -33.86 3.36
CA GLU A 287 3.17 -33.81 4.82
C GLU A 287 3.73 -32.51 5.39
N ARG A 288 5.02 -32.25 5.18
CA ARG A 288 5.68 -31.03 5.64
C ARG A 288 6.45 -30.45 4.46
N ALA A 289 5.78 -29.65 3.65
CA ALA A 289 6.32 -29.20 2.38
C ALA A 289 6.48 -27.69 2.35
N SER A 290 7.38 -27.22 1.50
CA SER A 290 7.62 -25.81 1.27
C SER A 290 7.24 -25.42 -0.16
N PRO A 291 6.55 -24.30 -0.34
CA PRO A 291 6.18 -23.88 -1.70
C PRO A 291 7.34 -23.36 -2.53
N TYR A 292 8.52 -23.21 -1.93
CA TYR A 292 9.65 -22.51 -2.55
C TYR A 292 10.61 -23.49 -3.21
N LEU A 293 10.06 -24.53 -3.83
CA LEU A 293 10.85 -25.65 -4.31
C LEU A 293 10.16 -26.24 -5.54
N ARG A 294 10.96 -26.63 -6.54
CA ARG A 294 10.40 -27.24 -7.74
C ARG A 294 9.97 -28.68 -7.44
N TYR A 295 8.76 -29.04 -7.85
CA TYR A 295 8.20 -30.35 -7.53
C TYR A 295 8.02 -31.18 -8.79
N TYR A 296 8.49 -32.43 -8.73
CA TYR A 296 8.26 -33.41 -9.78
C TYR A 296 7.08 -34.28 -9.37
N PHE A 297 6.01 -34.26 -10.17
CA PHE A 297 4.85 -35.08 -9.88
C PHE A 297 5.03 -36.44 -10.54
N ARG A 298 5.41 -37.44 -9.75
CA ARG A 298 5.58 -38.82 -10.22
C ARG A 298 6.54 -38.90 -11.40
N GLU A 299 7.49 -37.97 -11.47
CA GLU A 299 8.47 -37.92 -12.55
C GLU A 299 7.81 -37.77 -13.92
N LEU A 300 6.56 -37.31 -13.96
CA LEU A 300 5.85 -37.05 -15.20
C LEU A 300 5.89 -35.57 -15.58
N ILE A 301 5.46 -34.70 -14.67
CA ILE A 301 5.30 -33.28 -14.92
C ILE A 301 5.95 -32.51 -13.78
N SER A 302 6.29 -31.25 -14.04
CA SER A 302 6.78 -30.35 -13.02
C SER A 302 5.64 -29.49 -12.50
N VAL A 303 5.58 -29.34 -11.19
CA VAL A 303 4.54 -28.55 -10.54
C VAL A 303 5.20 -27.52 -9.63
N PHE A 304 4.70 -26.29 -9.68
CA PHE A 304 5.10 -25.24 -8.77
C PHE A 304 3.88 -24.82 -7.94
N PHE A 305 4.13 -24.38 -6.71
CA PHE A 305 3.07 -23.99 -5.80
C PHE A 305 3.22 -22.51 -5.48
N ARG A 306 2.17 -21.73 -5.78
CA ARG A 306 2.21 -20.30 -5.56
C ARG A 306 2.24 -19.99 -4.07
N ASP A 307 2.78 -18.81 -3.75
CA ASP A 307 2.73 -18.30 -2.39
C ASP A 307 1.38 -17.61 -2.20
N LYS A 308 0.48 -18.24 -1.43
CA LYS A 308 -0.86 -17.70 -1.27
C LYS A 308 -0.85 -16.32 -0.64
N THR A 309 -0.02 -16.13 0.40
CA THR A 309 0.04 -14.84 1.06
C THR A 309 0.55 -13.76 0.12
N LEU A 310 1.65 -14.03 -0.59
CA LEU A 310 2.25 -13.02 -1.46
C LEU A 310 1.30 -12.65 -2.59
N SER A 311 0.63 -13.64 -3.18
CA SER A 311 -0.29 -13.37 -4.28
C SER A 311 -1.54 -12.66 -3.78
N ASP A 312 -2.14 -13.15 -2.68
CA ASP A 312 -3.35 -12.54 -2.15
C ASP A 312 -3.11 -11.14 -1.61
N LEU A 313 -1.87 -10.81 -1.28
CA LEU A 313 -1.54 -9.44 -0.90
C LEU A 313 -1.72 -8.48 -2.08
N ILE A 314 -1.20 -8.86 -3.25
CA ILE A 314 -1.30 -8.02 -4.42
C ILE A 314 -2.76 -7.94 -4.88
N GLY A 315 -3.45 -9.08 -4.93
CA GLY A 315 -4.79 -9.12 -5.47
C GLY A 315 -5.88 -8.59 -4.56
N PHE A 316 -5.64 -8.55 -3.26
CA PHE A 316 -6.71 -8.11 -2.36
C PHE A 316 -6.29 -7.06 -1.34
N SER A 317 -5.06 -7.12 -0.83
CA SER A 317 -4.72 -6.31 0.34
C SER A 317 -4.04 -4.98 -0.03
N TYR A 318 -3.04 -5.03 -0.93
CA TYR A 318 -2.24 -3.85 -1.22
C TYR A 318 -3.01 -2.72 -1.88
N HIS A 319 -4.23 -2.97 -2.36
CA HIS A 319 -5.01 -1.94 -3.02
C HIS A 319 -5.25 -0.74 -2.11
N ALA A 320 -5.31 -0.98 -0.80
CA ALA A 320 -5.53 0.05 0.20
C ALA A 320 -4.22 0.58 0.78
N TRP A 321 -3.10 0.38 0.09
CA TRP A 321 -1.79 0.80 0.58
C TRP A 321 -1.21 1.86 -0.34
N ASN A 322 -0.31 2.67 0.21
CA ASN A 322 0.54 3.51 -0.62
C ASN A 322 1.47 2.61 -1.44
N ALA A 323 1.88 3.12 -2.59
CA ALA A 323 2.78 2.35 -3.46
C ALA A 323 4.09 2.03 -2.76
N GLU A 324 4.65 3.00 -2.02
CA GLU A 324 5.90 2.75 -1.31
C GLU A 324 5.71 1.70 -0.22
N ASP A 325 4.70 1.88 0.65
CA ASP A 325 4.49 0.94 1.74
C ASP A 325 4.18 -0.45 1.22
N ALA A 326 3.42 -0.54 0.12
CA ALA A 326 3.09 -1.84 -0.45
C ALA A 326 4.34 -2.58 -0.91
N VAL A 327 5.19 -1.91 -1.70
CA VAL A 327 6.39 -2.56 -2.20
C VAL A 327 7.35 -2.85 -1.06
N ARG A 328 7.46 -1.94 -0.09
CA ARG A 328 8.33 -2.18 1.05
C ARG A 328 7.91 -3.43 1.80
N ASP A 329 6.60 -3.61 2.02
CA ASP A 329 6.13 -4.83 2.67
C ASP A 329 6.41 -6.05 1.80
N PHE A 330 6.16 -5.94 0.49
CA PHE A 330 6.35 -7.07 -0.40
C PHE A 330 7.80 -7.52 -0.43
N ILE A 331 8.75 -6.58 -0.56
CA ILE A 331 10.16 -6.93 -0.54
C ILE A 331 10.56 -7.47 0.83
N GLY A 332 9.97 -6.92 1.89
CA GLY A 332 10.32 -7.36 3.23
C GLY A 332 9.98 -8.81 3.49
N ARG A 333 8.84 -9.27 2.93
CA ARG A 333 8.48 -10.68 3.07
C ARG A 333 9.41 -11.57 2.28
N LEU A 334 9.83 -11.12 1.09
CA LEU A 334 10.79 -11.89 0.31
C LEU A 334 12.12 -12.03 1.05
N LYS A 335 12.57 -10.96 1.71
CA LYS A 335 13.78 -11.04 2.51
C LYS A 335 13.63 -12.05 3.64
N LYS A 336 12.45 -12.09 4.27
CA LYS A 336 12.19 -13.11 5.27
C LYS A 336 12.19 -14.50 4.66
N ILE A 337 11.63 -14.64 3.45
CA ILE A 337 11.70 -15.91 2.74
C ILE A 337 13.15 -16.26 2.43
N HIS A 338 13.95 -15.27 2.03
CA HIS A 338 15.35 -15.51 1.72
C HIS A 338 16.10 -16.09 2.91
N GLU A 339 15.88 -15.54 4.11
CA GLU A 339 16.57 -16.00 5.30
C GLU A 339 15.99 -17.30 5.87
N SER A 340 14.75 -17.64 5.52
CA SER A 340 14.06 -18.76 6.16
C SER A 340 14.55 -20.12 5.69
N VAL A 341 15.28 -20.20 4.59
CA VAL A 341 15.64 -21.47 3.98
C VAL A 341 17.15 -21.50 3.73
N ASP A 342 17.75 -22.68 3.90
CA ASP A 342 19.17 -22.84 3.62
C ASP A 342 19.46 -22.95 2.13
N PHE A 343 18.45 -23.20 1.31
CA PHE A 343 18.61 -23.28 -0.13
C PHE A 343 18.18 -21.97 -0.77
N GLN A 344 18.28 -21.91 -2.10
CA GLN A 344 17.85 -20.73 -2.83
C GLN A 344 16.38 -20.89 -3.19
N PRO A 345 15.48 -20.09 -2.63
CA PRO A 345 14.05 -20.32 -2.84
C PRO A 345 13.55 -19.73 -4.14
N VAL A 346 12.51 -20.37 -4.68
CA VAL A 346 11.78 -19.88 -5.84
C VAL A 346 10.37 -19.53 -5.40
N VAL A 347 9.93 -18.31 -5.68
CA VAL A 347 8.65 -17.82 -5.19
C VAL A 347 7.75 -17.58 -6.39
N PHE A 348 6.62 -18.29 -6.44
CA PHE A 348 5.66 -18.17 -7.51
C PHE A 348 4.52 -17.28 -7.05
N VAL A 349 4.37 -16.12 -7.69
CA VAL A 349 3.27 -15.20 -7.42
C VAL A 349 2.30 -15.29 -8.60
N VAL A 350 1.16 -15.91 -8.37
CA VAL A 350 0.17 -16.16 -9.41
C VAL A 350 -1.18 -15.63 -8.93
N LEU A 351 -1.84 -14.87 -9.79
CA LEU A 351 -3.19 -14.36 -9.51
C LEU A 351 -3.76 -13.80 -10.81
N ASP A 352 -5.01 -13.35 -10.75
CA ASP A 352 -5.64 -12.72 -11.91
C ASP A 352 -4.95 -11.39 -12.20
N GLY A 353 -4.65 -11.16 -13.47
CA GLY A 353 -3.86 -10.01 -13.87
C GLY A 353 -4.64 -8.76 -14.23
N GLU A 354 -5.96 -8.74 -14.03
CA GLU A 354 -6.77 -7.61 -14.45
C GLU A 354 -7.78 -7.11 -13.43
N ASN A 355 -8.10 -7.89 -12.39
CA ASN A 355 -9.25 -7.59 -11.56
C ASN A 355 -8.93 -6.84 -10.27
N CYS A 356 -7.66 -6.73 -9.88
CA CYS A 356 -7.36 -6.01 -8.65
C CYS A 356 -7.09 -4.53 -8.89
N TRP A 357 -6.54 -4.17 -10.05
CA TRP A 357 -6.08 -2.80 -10.27
C TRP A 357 -7.20 -1.78 -10.30
N GLU A 358 -8.45 -2.20 -10.54
CA GLU A 358 -9.56 -1.26 -10.54
C GLU A 358 -9.73 -0.59 -9.19
N TYR A 359 -9.34 -1.27 -8.11
CA TYR A 359 -9.48 -0.75 -6.76
C TYR A 359 -8.21 -0.09 -6.23
N TYR A 360 -7.16 -0.05 -7.04
CA TYR A 360 -5.94 0.67 -6.71
C TYR A 360 -6.05 2.12 -7.15
N GLU A 361 -5.17 2.96 -6.60
CA GLU A 361 -5.07 4.33 -7.05
C GLU A 361 -4.33 4.40 -8.39
N GLU A 362 -4.91 5.12 -9.35
CA GLU A 362 -4.37 5.22 -10.71
C GLU A 362 -4.13 3.83 -11.29
N ASN A 363 -5.13 2.97 -11.16
CA ASN A 363 -5.10 1.62 -11.71
C ASN A 363 -3.87 0.84 -11.27
N GLY A 364 -3.33 1.17 -10.09
CA GLY A 364 -2.14 0.48 -9.61
C GLY A 364 -0.89 0.74 -10.41
N ILE A 365 -0.90 1.72 -11.31
CA ILE A 365 0.32 2.08 -12.03
C ILE A 365 1.42 2.52 -11.08
N PRO A 366 1.16 3.37 -10.07
CA PRO A 366 2.23 3.66 -9.09
C PRO A 366 2.72 2.41 -8.37
N PHE A 367 1.83 1.48 -8.04
CA PHE A 367 2.25 0.27 -7.36
C PHE A 367 3.13 -0.60 -8.24
N LEU A 368 2.67 -0.88 -9.47
CA LEU A 368 3.45 -1.74 -10.35
C LEU A 368 4.76 -1.09 -10.77
N GLU A 369 4.71 0.21 -11.12
CA GLU A 369 5.92 0.90 -11.54
C GLU A 369 6.93 1.01 -10.40
N LYS A 370 6.45 1.17 -9.16
CA LYS A 370 7.37 1.19 -8.02
C LYS A 370 7.92 -0.19 -7.72
N LEU A 371 7.07 -1.22 -7.79
CA LEU A 371 7.53 -2.59 -7.52
C LEU A 371 8.47 -3.10 -8.60
N TYR A 372 8.12 -2.87 -9.87
CA TYR A 372 8.94 -3.37 -10.96
C TYR A 372 10.32 -2.69 -10.98
N SER A 373 10.35 -1.38 -10.72
CA SER A 373 11.64 -0.68 -10.68
C SER A 373 12.42 -1.03 -9.42
N THR A 374 11.73 -1.26 -8.31
CA THR A 374 12.42 -1.69 -7.09
C THR A 374 13.07 -3.05 -7.28
N LEU A 375 12.35 -3.99 -7.90
CA LEU A 375 12.91 -5.32 -8.14
C LEU A 375 14.13 -5.26 -9.05
N GLU A 376 14.18 -4.27 -9.93
CA GLU A 376 15.32 -4.16 -10.85
C GLU A 376 16.62 -3.92 -10.09
N LYS A 377 16.59 -3.07 -9.07
CA LYS A 377 17.79 -2.69 -8.35
C LYS A 377 18.13 -3.65 -7.20
N GLU A 378 17.28 -4.61 -6.91
CA GLU A 378 17.54 -5.60 -5.85
C GLU A 378 18.30 -6.77 -6.46
N GLU A 379 19.59 -6.87 -6.12
CA GLU A 379 20.43 -7.89 -6.74
C GLU A 379 20.08 -9.29 -6.27
N TRP A 380 19.65 -9.44 -5.01
CA TRP A 380 19.35 -10.76 -4.46
C TRP A 380 18.06 -11.35 -5.02
N ILE A 381 17.27 -10.58 -5.77
CA ILE A 381 16.05 -11.07 -6.39
C ILE A 381 16.28 -11.17 -7.89
N GLU A 382 16.01 -12.35 -8.45
CA GLU A 382 16.19 -12.61 -9.88
C GLU A 382 14.84 -13.00 -10.47
N THR A 383 14.21 -12.07 -11.18
CA THR A 383 12.96 -12.38 -11.87
C THR A 383 13.21 -13.32 -13.02
N LEU A 384 12.46 -14.42 -13.06
CA LEU A 384 12.67 -15.49 -14.02
C LEU A 384 11.41 -15.71 -14.84
N THR A 385 11.59 -16.10 -16.10
CA THR A 385 10.47 -16.57 -16.88
C THR A 385 10.15 -18.02 -16.51
N LEU A 386 8.99 -18.49 -16.96
CA LEU A 386 8.59 -19.86 -16.64
C LEU A 386 9.58 -20.86 -17.23
N GLU A 387 10.02 -20.62 -18.47
CA GLU A 387 11.02 -21.49 -19.08
C GLU A 387 12.35 -21.41 -18.34
N GLU A 388 12.75 -20.21 -17.92
CA GLU A 388 13.99 -20.07 -17.15
C GLU A 388 13.90 -20.79 -15.81
N ALA A 389 12.74 -20.69 -15.14
CA ALA A 389 12.58 -21.37 -13.87
C ALA A 389 12.63 -22.88 -14.03
N MET A 390 12.20 -23.39 -15.18
CA MET A 390 12.17 -24.83 -15.39
C MET A 390 13.55 -25.41 -15.67
N ARG A 391 14.46 -24.62 -16.24
CA ARG A 391 15.81 -25.08 -16.51
C ARG A 391 16.82 -24.65 -15.46
N LYS A 392 16.39 -23.96 -14.41
CA LYS A 392 17.31 -23.40 -13.43
C LYS A 392 17.82 -24.50 -12.50
N GLU A 393 19.13 -24.76 -12.56
CA GLU A 393 19.75 -25.77 -11.70
C GLU A 393 19.82 -25.32 -10.24
N ASP A 394 19.67 -24.03 -9.97
CA ASP A 394 19.83 -23.51 -8.62
C ASP A 394 18.61 -23.73 -7.74
N VAL A 395 17.52 -24.27 -8.29
CA VAL A 395 16.29 -24.50 -7.54
C VAL A 395 16.26 -25.95 -7.08
N LYS A 396 15.97 -26.16 -5.80
CA LYS A 396 15.83 -27.51 -5.27
C LYS A 396 14.61 -28.20 -5.87
N THR A 397 14.71 -29.51 -6.04
CA THR A 397 13.65 -30.29 -6.65
C THR A 397 13.29 -31.48 -5.78
N GLU A 398 11.99 -31.75 -5.66
CA GLU A 398 11.48 -32.87 -4.90
C GLU A 398 10.46 -33.63 -5.73
N VAL A 399 10.26 -34.90 -5.35
CA VAL A 399 9.33 -35.79 -6.03
C VAL A 399 8.15 -36.07 -5.11
N ILE A 400 6.94 -35.85 -5.60
CA ILE A 400 5.71 -36.15 -4.88
C ILE A 400 4.88 -37.08 -5.76
N GLU A 401 4.09 -37.94 -5.12
CA GLU A 401 3.35 -38.97 -5.85
C GLU A 401 1.86 -38.69 -5.99
N SER A 402 1.31 -37.79 -5.19
CA SER A 402 -0.12 -37.57 -5.21
C SER A 402 -0.44 -36.16 -4.77
N VAL A 403 -1.64 -35.71 -5.15
CA VAL A 403 -2.18 -34.43 -4.70
C VAL A 403 -3.64 -34.65 -4.32
N LYS A 404 -4.09 -33.94 -3.30
CA LYS A 404 -5.51 -33.91 -2.96
C LYS A 404 -6.20 -32.88 -3.84
N ALA A 405 -7.28 -33.31 -4.50
CA ALA A 405 -7.94 -32.45 -5.47
C ALA A 405 -8.58 -31.25 -4.79
N GLY A 406 -8.45 -30.08 -5.43
CA GLY A 406 -9.03 -28.86 -4.90
C GLY A 406 -8.55 -27.62 -5.62
N THR A 407 -9.29 -26.53 -5.48
CA THR A 407 -8.95 -25.27 -6.13
C THR A 407 -8.15 -24.39 -5.17
N TRP A 408 -7.82 -23.18 -5.63
CA TRP A 408 -7.18 -22.22 -4.75
C TRP A 408 -8.16 -21.53 -3.81
N PHE A 409 -9.47 -21.76 -3.99
CA PHE A 409 -10.47 -21.25 -3.06
C PHE A 409 -10.68 -22.32 -2.00
N ASP A 410 -10.02 -22.14 -0.85
CA ASP A 410 -10.16 -23.00 0.33
C ASP A 410 -9.74 -24.44 0.09
N GLY A 411 -9.11 -24.74 -1.05
CA GLY A 411 -8.68 -26.09 -1.34
C GLY A 411 -9.77 -27.05 -1.75
N ASN A 412 -10.99 -26.56 -2.00
CA ASN A 412 -12.11 -27.42 -2.38
C ASN A 412 -12.85 -26.79 -3.54
N PHE A 413 -13.87 -27.50 -4.03
CA PHE A 413 -14.66 -27.09 -5.19
C PHE A 413 -16.00 -26.48 -4.79
N LEU A 414 -16.17 -26.11 -3.51
CA LEU A 414 -17.48 -25.71 -3.03
C LEU A 414 -17.99 -24.43 -3.70
N LYS A 415 -17.09 -23.56 -4.18
CA LYS A 415 -17.54 -22.33 -4.82
C LYS A 415 -18.22 -22.59 -6.16
N TRP A 416 -18.11 -23.80 -6.71
CA TRP A 416 -18.74 -24.12 -7.99
C TRP A 416 -19.76 -25.23 -7.91
N ILE A 417 -19.78 -26.01 -6.83
CA ILE A 417 -20.73 -27.11 -6.69
C ILE A 417 -20.88 -27.39 -5.20
N GLY A 418 -22.07 -27.79 -4.78
CA GLY A 418 -22.28 -28.14 -3.39
C GLY A 418 -23.59 -27.69 -2.77
N ASN A 419 -24.16 -26.59 -3.26
CA ASN A 419 -25.45 -26.12 -2.78
C ASN A 419 -26.49 -26.25 -3.88
N LYS A 420 -27.75 -25.94 -3.54
CA LYS A 420 -28.85 -26.14 -4.48
C LYS A 420 -28.63 -25.35 -5.76
N GLU A 421 -28.26 -24.08 -5.64
CA GLU A 421 -28.12 -23.23 -6.81
C GLU A 421 -27.00 -23.71 -7.73
N LYS A 422 -25.87 -24.11 -7.16
CA LYS A 422 -24.78 -24.64 -7.98
C LYS A 422 -25.08 -26.05 -8.46
N ASN A 423 -25.63 -26.90 -7.58
CA ASN A 423 -25.98 -28.26 -8.00
C ASN A 423 -27.00 -28.24 -9.14
N GLU A 424 -27.95 -27.29 -9.11
CA GLU A 424 -28.96 -27.21 -10.15
C GLU A 424 -28.34 -26.95 -11.52
N TYR A 425 -27.30 -26.10 -11.57
CA TYR A 425 -26.65 -25.82 -12.83
C TYR A 425 -26.00 -27.07 -13.42
N TRP A 426 -25.35 -27.88 -12.58
CA TRP A 426 -24.73 -29.09 -13.09
C TRP A 426 -25.77 -30.07 -13.61
N LYS A 427 -26.93 -30.17 -12.94
CA LYS A 427 -28.00 -31.00 -13.48
C LYS A 427 -28.45 -30.50 -14.85
N ILE A 428 -28.49 -29.17 -15.02
CA ILE A 428 -28.76 -28.60 -16.34
C ILE A 428 -27.66 -28.99 -17.33
N LEU A 429 -26.41 -28.92 -16.89
CA LEU A 429 -25.30 -29.32 -17.74
C LEU A 429 -25.34 -30.81 -18.04
N ILE A 430 -25.62 -31.63 -17.02
CA ILE A 430 -25.60 -33.09 -17.20
C ILE A 430 -26.69 -33.50 -18.19
N GLU A 431 -27.90 -32.96 -18.02
CA GLU A 431 -28.99 -33.32 -18.92
C GLU A 431 -28.76 -32.76 -20.33
N ALA A 432 -28.14 -31.58 -20.43
CA ALA A 432 -27.84 -31.02 -21.75
C ALA A 432 -26.80 -31.85 -22.48
N LYS A 433 -25.72 -32.22 -21.79
CA LYS A 433 -24.69 -33.04 -22.42
C LYS A 433 -25.24 -34.40 -22.83
N LYS A 434 -26.29 -34.88 -22.16
CA LYS A 434 -26.96 -36.11 -22.58
C LYS A 434 -27.53 -35.99 -23.98
N LYS A 435 -27.97 -34.79 -24.37
CA LYS A 435 -28.54 -34.55 -25.70
C LYS A 435 -27.72 -33.54 -26.50
N ALA A 436 -26.49 -33.26 -26.07
CA ALA A 436 -25.65 -32.29 -26.74
C ALA A 436 -25.27 -32.77 -28.13
N LYS A 437 -25.33 -31.87 -29.11
CA LYS A 437 -25.00 -32.18 -30.49
C LYS A 437 -23.74 -31.48 -30.99
N ASN A 438 -23.55 -30.21 -30.65
CA ASN A 438 -22.40 -29.44 -31.09
C ASN A 438 -21.49 -29.16 -29.90
N ASP A 439 -20.45 -28.35 -30.14
CA ASP A 439 -19.43 -28.10 -29.14
C ASP A 439 -19.76 -26.92 -28.22
N TYR A 440 -20.94 -26.32 -28.36
CA TYR A 440 -21.33 -25.26 -27.43
C TYR A 440 -21.49 -25.78 -26.01
N ILE A 441 -21.58 -27.10 -25.85
CA ILE A 441 -21.59 -27.71 -24.51
C ILE A 441 -20.28 -27.43 -23.80
N LEU A 442 -19.19 -27.22 -24.54
CA LEU A 442 -17.91 -26.91 -23.92
C LEU A 442 -17.96 -25.54 -23.23
N VAL A 443 -18.62 -24.57 -23.86
CA VAL A 443 -18.72 -23.23 -23.27
C VAL A 443 -19.46 -23.28 -21.94
N ALA A 444 -20.52 -24.08 -21.85
CA ALA A 444 -21.30 -24.19 -20.62
C ALA A 444 -20.52 -24.83 -19.48
N GLU A 445 -19.37 -25.43 -19.76
CA GLU A 445 -18.57 -26.09 -18.73
C GLU A 445 -17.64 -25.12 -18.02
N GLY A 446 -17.62 -23.85 -18.42
CA GLY A 446 -16.75 -22.89 -17.78
C GLY A 446 -17.11 -22.66 -16.32
N SER A 447 -16.08 -22.42 -15.51
CA SER A 447 -16.28 -22.27 -14.08
C SER A 447 -17.05 -21.00 -13.71
N ASP A 448 -17.07 -20.01 -14.60
CA ASP A 448 -17.67 -18.73 -14.27
C ASP A 448 -19.18 -18.84 -14.04
N TRP A 449 -19.86 -19.65 -14.85
CA TRP A 449 -21.31 -19.79 -14.71
C TRP A 449 -21.69 -20.33 -13.34
N PHE A 450 -20.95 -21.34 -12.88
CA PHE A 450 -21.19 -21.91 -11.55
C PHE A 450 -20.64 -21.02 -10.45
N TRP A 451 -19.68 -20.14 -10.76
CA TRP A 451 -19.18 -19.19 -9.77
C TRP A 451 -20.29 -18.27 -9.29
N TRP A 452 -21.05 -17.70 -10.23
CA TRP A 452 -22.05 -16.69 -9.90
C TRP A 452 -23.38 -17.27 -9.45
N GLN A 453 -23.54 -18.58 -9.51
CA GLN A 453 -24.78 -19.20 -9.03
C GLN A 453 -24.85 -19.12 -7.50
N GLY A 454 -26.05 -18.90 -6.99
CA GLY A 454 -26.21 -18.70 -5.56
C GLY A 454 -25.44 -17.47 -5.10
N GLU A 455 -24.60 -17.66 -4.09
CA GLU A 455 -23.75 -16.61 -3.55
C GLU A 455 -24.58 -15.44 -3.05
N GLU A 456 -25.02 -14.56 -3.96
CA GLU A 456 -25.82 -13.40 -3.60
C GLU A 456 -26.38 -12.82 -4.89
N LYS A 457 -27.27 -11.84 -4.74
CA LYS A 457 -27.80 -11.07 -5.87
C LYS A 457 -26.78 -10.04 -6.33
N ALA A 458 -25.64 -10.56 -6.80
CA ALA A 458 -24.56 -9.72 -7.31
C ALA A 458 -24.95 -9.08 -8.63
N PRO A 459 -24.22 -8.05 -9.08
CA PRO A 459 -24.51 -7.47 -10.39
C PRO A 459 -24.29 -8.47 -11.52
N PHE A 460 -25.13 -8.36 -12.55
CA PHE A 460 -25.08 -9.14 -13.79
C PHE A 460 -25.34 -10.63 -13.58
N VAL A 461 -25.85 -11.03 -12.42
CA VAL A 461 -26.17 -12.44 -12.21
C VAL A 461 -27.22 -12.91 -13.20
N GLU A 462 -28.19 -12.03 -13.51
CA GLU A 462 -29.16 -12.36 -14.54
C GLU A 462 -28.51 -12.49 -15.92
N VAL A 463 -27.48 -11.69 -16.19
CA VAL A 463 -26.82 -11.75 -17.49
C VAL A 463 -26.02 -13.04 -17.64
N PHE A 464 -25.26 -13.40 -16.60
CA PHE A 464 -24.50 -14.65 -16.64
C PHE A 464 -25.44 -15.84 -16.73
N ASP A 465 -26.57 -15.79 -16.01
CA ASP A 465 -27.56 -16.85 -16.12
C ASP A 465 -28.12 -16.93 -17.53
N LYS A 466 -28.38 -15.79 -18.16
CA LYS A 466 -28.89 -15.78 -19.52
C LYS A 466 -27.90 -16.41 -20.50
N LEU A 467 -26.61 -16.09 -20.34
CA LEU A 467 -25.60 -16.64 -21.24
C LEU A 467 -25.48 -18.16 -21.09
N PHE A 468 -25.39 -18.63 -19.84
CA PHE A 468 -25.23 -20.07 -19.62
C PHE A 468 -26.42 -20.85 -20.17
N ARG A 469 -27.63 -20.37 -19.92
CA ARG A 469 -28.82 -21.06 -20.40
C ARG A 469 -28.92 -21.01 -21.93
N SER A 470 -28.46 -19.92 -22.53
CA SER A 470 -28.43 -19.85 -24.00
C SER A 470 -27.43 -20.85 -24.58
N PHE A 471 -26.27 -21.00 -23.93
CA PHE A 471 -25.28 -21.95 -24.42
C PHE A 471 -25.79 -23.39 -24.27
N VAL A 472 -26.47 -23.68 -23.16
CA VAL A 472 -27.01 -25.02 -22.95
C VAL A 472 -28.02 -25.37 -24.03
N ARG A 473 -28.92 -24.44 -24.35
CA ARG A 473 -29.92 -24.69 -25.38
C ARG A 473 -29.27 -24.86 -26.76
N ARG A 474 -28.29 -24.02 -27.07
CA ARG A 474 -27.65 -24.10 -28.39
C ARG A 474 -26.88 -25.40 -28.57
N ALA A 475 -26.33 -25.96 -27.48
CA ALA A 475 -25.57 -27.20 -27.57
C ALA A 475 -26.44 -28.40 -27.93
N GLN A 476 -27.77 -28.28 -27.78
CA GLN A 476 -28.69 -29.38 -28.02
C GLN A 476 -29.36 -29.30 -29.39
N GLU A 477 -28.84 -28.47 -30.29
CA GLU A 477 -29.45 -28.28 -31.59
C GLU A 477 -28.53 -28.72 -32.73
N MET B 1 14.86 28.40 4.00
CA MET B 1 15.23 27.03 3.68
C MET B 1 14.30 26.02 4.33
N LYS B 2 13.61 25.23 3.52
CA LYS B 2 12.87 24.09 4.04
C LYS B 2 13.86 23.07 4.59
N LYS B 3 13.55 22.51 5.75
CA LYS B 3 14.47 21.67 6.48
C LYS B 3 13.85 20.31 6.77
N LEU B 4 14.70 19.31 6.87
CA LEU B 4 14.33 18.01 7.40
C LEU B 4 14.84 17.93 8.82
N PHE B 5 13.98 17.48 9.74
CA PHE B 5 14.34 17.37 11.15
C PHE B 5 14.62 15.90 11.45
N LEU B 6 15.88 15.59 11.74
CA LEU B 6 16.31 14.24 12.08
C LEU B 6 16.42 14.11 13.60
N VAL B 7 15.76 13.11 14.16
CA VAL B 7 15.79 12.85 15.60
C VAL B 7 16.31 11.44 15.79
N PHE B 8 17.56 11.32 16.26
CA PHE B 8 18.15 10.04 16.57
C PHE B 8 17.83 9.68 18.03
N TRP B 9 17.32 8.47 18.23
CA TRP B 9 16.95 8.00 19.57
C TRP B 9 17.51 6.59 19.73
N TRP B 10 18.51 6.44 20.60
CA TRP B 10 19.21 5.18 20.79
C TRP B 10 18.71 4.49 22.06
N HIS B 11 18.30 3.23 21.92
CA HIS B 11 17.74 2.47 23.03
C HIS B 11 18.82 1.57 23.62
N MET B 12 19.05 1.72 24.93
CA MET B 12 20.02 0.93 25.66
C MET B 12 19.31 0.17 26.77
N HIS B 13 19.52 -1.15 26.82
CA HIS B 13 18.83 -1.99 27.79
C HIS B 13 19.57 -3.32 27.93
N GLN B 14 19.58 -3.85 29.15
CA GLN B 14 20.11 -5.17 29.42
C GLN B 14 19.26 -5.81 30.52
N PRO B 15 18.82 -7.05 30.35
CA PRO B 15 18.07 -7.72 31.42
C PRO B 15 18.97 -7.98 32.62
N LEU B 16 18.33 -8.17 33.77
CA LEU B 16 19.07 -8.43 35.01
C LEU B 16 19.70 -9.80 34.90
N TYR B 17 20.99 -9.83 34.56
CA TYR B 17 21.77 -11.07 34.49
C TYR B 17 22.23 -11.54 35.86
N ARG B 18 21.85 -10.84 36.93
CA ARG B 18 22.29 -11.16 38.27
C ARG B 18 21.35 -12.21 38.86
N GLU B 19 21.91 -13.35 39.25
CA GLU B 19 21.11 -14.39 39.88
C GLU B 19 20.77 -13.97 41.30
N PRO B 20 19.49 -13.96 41.69
CA PRO B 20 19.13 -13.40 43.01
C PRO B 20 19.78 -14.11 44.19
N TYR B 21 19.93 -15.43 44.12
CA TYR B 21 20.45 -16.17 45.27
C TYR B 21 21.96 -16.02 45.39
N THR B 22 22.70 -16.46 44.37
CA THR B 22 24.16 -16.37 44.42
C THR B 22 24.67 -14.95 44.21
N GLY B 23 23.90 -14.10 43.54
CA GLY B 23 24.36 -12.76 43.25
C GLY B 23 25.36 -12.66 42.12
N GLU B 24 25.47 -13.69 41.29
CA GLU B 24 26.45 -13.73 40.22
C GLU B 24 25.83 -13.27 38.91
N TYR B 25 26.63 -12.56 38.12
CA TYR B 25 26.22 -12.14 36.78
C TYR B 25 26.47 -13.30 35.83
N LEU B 26 25.40 -14.05 35.51
CA LEU B 26 25.52 -15.26 34.74
C LEU B 26 25.95 -15.01 33.30
N LEU B 27 25.74 -13.81 32.78
CA LEU B 27 26.19 -13.45 31.44
C LEU B 27 26.90 -12.11 31.48
N PRO B 28 27.98 -11.94 30.73
CA PRO B 28 28.78 -10.71 30.79
C PRO B 28 28.34 -9.61 29.85
N TRP B 29 27.13 -9.70 29.28
CA TRP B 29 26.73 -8.77 28.22
C TRP B 29 26.67 -7.33 28.72
N THR B 30 26.31 -7.12 29.99
CA THR B 30 26.30 -5.77 30.52
C THR B 30 27.68 -5.16 30.50
N PHE B 31 28.70 -5.93 30.90
CA PHE B 31 30.07 -5.40 30.94
C PHE B 31 30.60 -5.09 29.54
N PHE B 32 30.40 -6.02 28.61
CA PHE B 32 30.98 -5.86 27.28
C PHE B 32 30.34 -4.71 26.51
N HIS B 33 29.03 -4.54 26.63
CA HIS B 33 28.40 -3.44 25.93
C HIS B 33 28.62 -2.10 26.64
N ALA B 34 28.96 -2.12 27.92
CA ALA B 34 29.31 -0.89 28.61
C ALA B 34 30.65 -0.35 28.11
N VAL B 35 31.62 -1.22 27.87
CA VAL B 35 32.94 -0.77 27.41
C VAL B 35 32.98 -0.52 25.92
N LYS B 36 31.96 -0.93 25.17
CA LYS B 36 31.93 -0.76 23.73
C LYS B 36 30.94 0.28 23.25
N ASP B 37 29.75 0.36 23.85
CA ASP B 37 28.71 1.20 23.29
C ASP B 37 28.10 2.17 24.29
N TYR B 38 27.91 1.76 25.55
CA TYR B 38 27.12 2.56 26.47
C TYR B 38 27.80 3.89 26.80
N TYR B 39 29.13 3.94 26.76
CA TYR B 39 29.85 5.21 26.90
C TYR B 39 30.20 5.83 25.56
N ASP B 40 30.64 5.02 24.59
CA ASP B 40 31.16 5.58 23.35
C ASP B 40 30.06 6.18 22.48
N MET B 41 28.86 5.58 22.49
CA MET B 41 27.78 6.11 21.67
C MET B 41 27.40 7.54 22.02
N PRO B 42 27.21 7.92 23.29
CA PRO B 42 27.04 9.35 23.60
C PRO B 42 28.33 10.14 23.52
N ALA B 43 29.49 9.48 23.59
CA ALA B 43 30.77 10.18 23.47
C ALA B 43 31.02 10.72 22.08
N TYR B 44 30.22 10.31 21.09
CA TYR B 44 30.34 10.89 19.76
C TYR B 44 30.06 12.38 19.77
N LEU B 45 29.24 12.84 20.71
CA LEU B 45 28.81 14.23 20.75
C LEU B 45 29.93 15.20 21.08
N LYS B 46 31.08 14.70 21.54
CA LYS B 46 32.23 15.58 21.75
C LYS B 46 32.93 15.95 20.46
N ASP B 47 32.84 15.10 19.43
CA ASP B 47 33.56 15.33 18.18
C ASP B 47 32.69 15.78 17.02
N PHE B 48 31.37 15.61 17.12
CA PHE B 48 30.45 15.95 16.03
C PHE B 48 29.35 16.86 16.57
N GLU B 49 29.11 17.96 15.86
CA GLU B 49 28.11 18.95 16.27
C GLU B 49 26.72 18.55 15.76
N ILE B 50 26.15 17.53 16.41
CA ILE B 50 24.82 17.04 16.10
C ILE B 50 24.06 16.86 17.40
N LYS B 51 22.83 16.36 17.28
CA LYS B 51 21.97 16.10 18.44
C LYS B 51 21.57 14.63 18.45
N LEU B 52 22.07 13.89 19.43
CA LEU B 52 21.74 12.48 19.60
C LEU B 52 20.98 12.29 20.91
N ASN B 53 19.95 11.46 20.88
CA ASN B 53 19.13 11.20 22.06
C ASN B 53 19.20 9.72 22.44
N PHE B 54 19.07 9.45 23.72
CA PHE B 54 19.33 8.12 24.24
C PHE B 54 18.26 7.72 25.24
N ASN B 55 18.04 6.42 25.35
CA ASN B 55 17.16 5.82 26.33
C ASN B 55 17.95 4.85 27.19
N LEU B 56 17.81 4.97 28.51
CA LEU B 56 18.47 4.07 29.46
C LEU B 56 17.39 3.43 30.33
N THR B 57 17.24 2.12 30.21
CA THR B 57 16.33 1.40 31.10
C THR B 57 16.91 1.38 32.52
N PRO B 58 16.07 1.57 33.54
CA PRO B 58 16.59 1.58 34.92
C PRO B 58 17.28 0.30 35.33
N VAL B 59 16.86 -0.86 34.81
CA VAL B 59 17.54 -2.10 35.14
C VAL B 59 18.98 -2.07 34.63
N LEU B 60 19.19 -1.51 33.44
CA LEU B 60 20.54 -1.36 32.91
C LEU B 60 21.37 -0.40 33.76
N ILE B 61 20.76 0.69 34.24
CA ILE B 61 21.47 1.62 35.09
C ILE B 61 21.95 0.93 36.36
N ASP B 62 21.08 0.12 36.96
CA ASP B 62 21.44 -0.59 38.19
C ASP B 62 22.66 -1.47 37.98
N GLN B 63 22.69 -2.21 36.87
CA GLN B 63 23.83 -3.07 36.59
C GLN B 63 25.08 -2.25 36.32
N ILE B 64 24.96 -1.16 35.56
CA ILE B 64 26.12 -0.32 35.28
C ILE B 64 26.68 0.26 36.58
N GLN B 65 25.79 0.68 37.49
CA GLN B 65 26.25 1.17 38.78
C GLN B 65 26.97 0.09 39.57
N GLU B 66 26.42 -1.13 39.61
CA GLU B 66 27.07 -2.21 40.35
C GLU B 66 28.41 -2.57 39.73
N TYR B 67 28.49 -2.63 38.40
CA TYR B 67 29.76 -2.93 37.74
C TYR B 67 30.79 -1.86 38.04
N ALA B 68 30.39 -0.58 37.98
CA ALA B 68 31.33 0.51 38.26
C ALA B 68 31.80 0.48 39.70
N GLN B 69 30.91 0.13 40.63
CA GLN B 69 31.25 0.11 42.05
C GLN B 69 32.22 -1.01 42.41
N GLY B 70 32.45 -1.97 41.52
CA GLY B 70 33.24 -3.13 41.86
C GLY B 70 32.52 -4.18 42.66
N LYS B 71 31.19 -4.19 42.62
CA LYS B 71 30.39 -5.17 43.36
C LYS B 71 29.84 -6.28 42.48
N ALA B 72 29.87 -6.12 41.17
CA ALA B 72 29.31 -7.14 40.28
C ALA B 72 30.17 -8.40 40.30
N LYS B 73 29.51 -9.56 40.35
CA LYS B 73 30.16 -10.86 40.32
C LYS B 73 29.91 -11.47 38.95
N ASP B 74 30.77 -11.14 37.98
CA ASP B 74 30.70 -11.69 36.64
C ASP B 74 31.58 -12.94 36.58
N VAL B 75 30.95 -14.11 36.48
CA VAL B 75 31.69 -15.36 36.45
C VAL B 75 32.60 -15.43 35.23
N PHE B 76 32.12 -14.93 34.08
CA PHE B 76 32.94 -14.95 32.88
C PHE B 76 34.09 -13.97 32.97
N LEU B 77 33.84 -12.77 33.52
CA LEU B 77 34.90 -11.78 33.64
C LEU B 77 35.99 -12.24 34.60
N GLU B 78 35.61 -12.94 35.66
CA GLU B 78 36.61 -13.46 36.60
C GLU B 78 37.54 -14.45 35.91
N ALA B 79 36.97 -15.31 35.06
CA ALA B 79 37.81 -16.22 34.28
C ALA B 79 38.72 -15.47 33.32
N ILE B 80 38.29 -14.29 32.86
CA ILE B 80 39.16 -13.46 32.01
C ILE B 80 40.29 -12.87 32.84
N ARG B 81 39.99 -12.38 34.04
CA ARG B 81 41.00 -11.70 34.85
C ARG B 81 42.02 -12.69 35.42
N LYS B 82 41.59 -13.92 35.71
CA LYS B 82 42.45 -14.89 36.36
C LYS B 82 43.66 -15.24 35.49
N ASP B 83 44.77 -15.52 36.16
CA ASP B 83 45.95 -16.04 35.45
C ASP B 83 45.59 -17.38 34.83
N PRO B 84 46.08 -17.66 33.62
CA PRO B 84 45.68 -18.91 32.94
C PRO B 84 46.04 -20.17 33.72
N ASP B 85 47.07 -20.13 34.57
CA ASP B 85 47.39 -21.29 35.38
C ASP B 85 46.33 -21.56 36.43
N ASP B 86 45.61 -20.53 36.87
CA ASP B 86 44.53 -20.68 37.83
C ASP B 86 43.22 -21.10 37.19
N LEU B 87 43.11 -21.05 35.87
CA LEU B 87 41.88 -21.40 35.19
C LEU B 87 41.59 -22.89 35.32
N GLU B 88 40.33 -23.22 35.55
CA GLU B 88 39.88 -24.60 35.54
C GLU B 88 39.35 -24.99 34.17
N LYS B 89 39.14 -26.30 33.99
CA LYS B 89 38.70 -26.80 32.69
C LYS B 89 37.36 -26.21 32.28
N GLU B 90 36.43 -26.09 33.24
CA GLU B 90 35.11 -25.54 32.92
C GLU B 90 35.19 -24.06 32.57
N GLU B 91 36.08 -23.31 33.22
CA GLU B 91 36.28 -21.92 32.83
C GLU B 91 36.85 -21.81 31.43
N VAL B 92 37.83 -22.67 31.10
CA VAL B 92 38.43 -22.64 29.77
C VAL B 92 37.39 -22.94 28.70
N GLU B 93 36.56 -23.97 28.94
CA GLU B 93 35.53 -24.32 27.96
C GLU B 93 34.54 -23.18 27.78
N LYS B 94 34.23 -22.46 28.85
CA LYS B 94 33.34 -21.30 28.74
C LYS B 94 33.97 -20.22 27.86
N LEU B 95 35.26 -19.96 28.05
CA LEU B 95 35.93 -18.94 27.25
C LEU B 95 36.04 -19.37 25.80
N ILE B 96 36.31 -20.64 25.54
CA ILE B 96 36.37 -21.13 24.16
C ILE B 96 34.99 -21.08 23.52
N GLU B 97 33.95 -21.44 24.27
CA GLU B 97 32.59 -21.39 23.74
C GLU B 97 32.20 -19.96 23.39
N PHE B 98 32.54 -19.01 24.25
CA PHE B 98 32.25 -17.60 23.95
C PHE B 98 32.96 -17.16 22.68
N THR B 99 34.22 -17.57 22.51
CA THR B 99 34.97 -17.18 21.32
C THR B 99 34.37 -17.77 20.06
N LYS B 100 33.93 -19.03 20.12
CA LYS B 100 33.30 -19.65 18.96
C LYS B 100 31.98 -18.95 18.62
N LEU B 101 31.26 -18.46 19.63
CA LEU B 101 29.96 -17.85 19.40
C LEU B 101 30.07 -16.45 18.81
N ASN B 102 31.14 -15.72 19.12
CA ASN B 102 31.39 -14.41 18.52
C ASN B 102 32.50 -14.47 17.48
N TYR B 103 32.82 -15.66 16.97
CA TYR B 103 33.95 -15.83 16.07
C TYR B 103 33.75 -15.09 14.75
N GLU B 104 32.54 -15.17 14.18
CA GLU B 104 32.28 -14.62 12.86
C GLU B 104 31.92 -13.13 12.89
N LYS B 105 31.85 -12.52 14.05
CA LYS B 105 31.61 -11.08 14.11
C LYS B 105 32.87 -10.32 13.68
N PRO B 106 32.73 -9.25 12.89
CA PRO B 106 33.92 -8.52 12.42
C PRO B 106 34.77 -7.94 13.52
N ILE B 107 34.18 -7.61 14.68
CA ILE B 107 34.95 -7.08 15.80
C ILE B 107 35.91 -8.10 16.38
N TYR B 108 35.74 -9.37 16.03
CA TYR B 108 36.60 -10.46 16.50
C TYR B 108 37.64 -10.87 15.45
N ARG B 109 37.86 -10.03 14.44
CA ARG B 109 38.75 -10.37 13.33
C ARG B 109 40.21 -10.08 13.72
N PHE B 110 40.73 -10.95 14.58
CA PHE B 110 42.15 -10.98 14.91
C PHE B 110 42.74 -12.28 14.39
N GLU B 111 43.94 -12.19 13.81
CA GLU B 111 44.59 -13.40 13.28
C GLU B 111 44.92 -14.39 14.38
N ARG B 112 45.21 -13.90 15.60
CA ARG B 112 45.55 -14.81 16.69
C ARG B 112 44.35 -15.65 17.13
N ILE B 113 43.14 -15.09 17.05
CA ILE B 113 41.94 -15.86 17.38
C ILE B 113 41.75 -17.01 16.41
N ARG B 114 42.11 -16.82 15.15
CA ARG B 114 42.02 -17.90 14.17
C ARG B 114 42.90 -19.08 14.58
N GLU B 115 44.16 -18.81 14.92
CA GLU B 115 45.07 -19.88 15.29
C GLU B 115 44.62 -20.57 16.58
N LEU B 116 44.16 -19.79 17.56
CA LEU B 116 43.75 -20.35 18.83
C LEU B 116 42.57 -21.30 18.70
N MET B 117 41.64 -20.99 17.78
CA MET B 117 40.45 -21.82 17.63
C MET B 117 40.75 -23.15 16.95
N ASN B 118 41.82 -23.22 16.16
CA ASN B 118 42.18 -24.46 15.48
C ASN B 118 43.19 -25.30 16.26
N LYS B 119 43.73 -24.81 17.37
CA LYS B 119 44.67 -25.57 18.17
C LYS B 119 43.94 -26.59 19.04
N GLU B 120 44.50 -27.80 19.14
CA GLU B 120 43.86 -28.85 19.93
C GLU B 120 43.98 -28.57 21.42
N LYS B 121 45.15 -28.10 21.87
CA LYS B 121 45.37 -27.79 23.28
C LYS B 121 46.07 -26.44 23.38
N LEU B 122 45.77 -25.72 24.45
CA LEU B 122 46.22 -24.35 24.65
C LEU B 122 47.08 -24.26 25.91
N ASN B 123 48.24 -23.60 25.79
CA ASN B 123 49.09 -23.39 26.95
C ASN B 123 48.79 -22.03 27.57
N ARG B 124 49.56 -21.66 28.60
CA ARG B 124 49.25 -20.48 29.38
C ARG B 124 49.30 -19.22 28.54
N GLU B 125 50.35 -19.08 27.72
CA GLU B 125 50.47 -17.89 26.88
C GLU B 125 49.31 -17.81 25.89
N GLU B 126 48.96 -18.94 25.28
CA GLU B 126 47.85 -18.95 24.32
C GLU B 126 46.53 -18.60 25.01
N LEU B 127 46.27 -19.20 26.18
CA LEU B 127 45.07 -18.83 26.93
C LEU B 127 45.11 -17.37 27.35
N LEU B 128 46.30 -16.85 27.64
CA LEU B 128 46.42 -15.44 27.99
C LEU B 128 46.06 -14.54 26.81
N ASP B 129 46.44 -14.93 25.60
CA ASP B 129 46.02 -14.19 24.40
C ASP B 129 44.52 -14.35 24.17
N LEU B 130 43.97 -15.53 24.47
CA LEU B 130 42.53 -15.74 24.32
C LEU B 130 41.74 -14.84 25.26
N GLN B 131 42.25 -14.63 26.48
CA GLN B 131 41.58 -13.74 27.41
C GLN B 131 41.66 -12.29 26.95
N THR B 132 42.86 -11.83 26.57
CA THR B 132 43.05 -10.43 26.26
C THR B 132 42.38 -10.05 24.93
N LEU B 133 42.41 -10.95 23.95
CA LEU B 133 41.80 -10.66 22.67
C LEU B 133 40.27 -10.64 22.75
N ASN B 134 39.70 -11.44 23.66
CA ASN B 134 38.28 -11.30 23.95
C ASN B 134 37.97 -9.93 24.54
N LEU B 135 38.81 -9.46 25.45
CA LEU B 135 38.65 -8.12 26.00
C LEU B 135 38.80 -7.07 24.91
N LEU B 136 39.83 -7.20 24.08
CA LEU B 136 40.12 -6.17 23.08
C LEU B 136 39.12 -6.16 21.93
N ALA B 137 38.40 -7.26 21.71
CA ALA B 137 37.42 -7.27 20.63
C ALA B 137 36.25 -6.35 20.92
N TRP B 138 35.97 -6.09 22.20
CA TRP B 138 34.87 -5.22 22.60
C TRP B 138 35.35 -3.83 22.99
N CYS B 139 36.47 -3.39 22.42
CA CYS B 139 36.97 -2.05 22.70
C CYS B 139 36.09 -1.01 22.02
N GLY B 140 35.72 0.03 22.76
CA GLY B 140 34.96 1.13 22.21
C GLY B 140 35.85 2.11 21.46
N ARG B 141 35.20 3.10 20.84
CA ARG B 141 35.93 4.07 20.04
C ARG B 141 36.92 4.87 20.87
N THR B 142 36.52 5.28 22.07
CA THR B 142 37.37 6.15 22.88
C THR B 142 38.68 5.48 23.24
N LEU B 143 38.63 4.21 23.63
CA LEU B 143 39.82 3.48 24.04
C LEU B 143 40.57 2.84 22.87
N ARG B 144 40.00 2.83 21.67
CA ARG B 144 40.74 2.32 20.52
C ARG B 144 41.91 3.21 20.18
N LYS B 145 41.79 4.52 20.42
CA LYS B 145 42.91 5.42 20.24
C LYS B 145 43.95 5.26 21.34
N ASP B 146 43.49 4.98 22.57
CA ASP B 146 44.41 4.85 23.70
C ASP B 146 45.20 3.55 23.61
N LEU B 147 44.53 2.44 23.35
CA LEU B 147 45.16 1.11 23.35
C LEU B 147 45.59 0.67 21.95
N LYS B 148 45.92 1.62 21.08
CA LYS B 148 46.25 1.28 19.69
C LYS B 148 47.48 0.39 19.63
N ASP B 149 48.50 0.67 20.44
CA ASP B 149 49.71 -0.14 20.44
C ASP B 149 49.42 -1.58 20.86
N LEU B 150 48.62 -1.75 21.92
CA LEU B 150 48.25 -3.10 22.35
C LEU B 150 47.40 -3.79 21.29
N LEU B 151 46.44 -3.08 20.70
CA LEU B 151 45.59 -3.67 19.67
C LEU B 151 46.40 -4.06 18.44
N ASN B 152 47.35 -3.20 18.03
CA ASN B 152 48.18 -3.51 16.87
C ASN B 152 49.17 -4.63 17.16
N LYS B 153 49.50 -4.87 18.43
CA LYS B 153 50.38 -5.98 18.78
C LYS B 153 49.77 -7.31 18.33
N GLY B 154 48.52 -7.56 18.71
CA GLY B 154 47.75 -8.67 18.18
C GLY B 154 48.11 -10.03 18.73
N ARG B 155 49.11 -10.13 19.60
CA ARG B 155 49.54 -11.43 20.12
C ARG B 155 50.53 -11.18 21.26
N ASN B 156 50.85 -12.26 21.98
CA ASN B 156 51.84 -12.24 23.06
C ASN B 156 51.51 -11.17 24.09
N TYR B 157 50.39 -11.37 24.77
CA TYR B 157 49.92 -10.45 25.79
C TYR B 157 50.33 -10.98 27.17
N THR B 158 51.04 -10.15 27.93
CA THR B 158 51.36 -10.50 29.30
C THR B 158 50.12 -10.36 30.19
N GLN B 159 50.20 -10.94 31.38
CA GLN B 159 49.09 -10.79 32.32
C GLN B 159 48.93 -9.34 32.74
N GLU B 160 50.03 -8.63 32.94
CA GLU B 160 49.96 -7.21 33.30
C GLU B 160 49.30 -6.39 32.19
N GLU B 161 49.62 -6.69 30.93
CA GLU B 161 48.98 -5.97 29.82
C GLU B 161 47.48 -6.23 29.81
N LYS B 162 47.06 -7.44 30.14
CA LYS B 162 45.63 -7.74 30.23
C LYS B 162 44.96 -6.93 31.32
N GLU B 163 45.61 -6.78 32.47
CA GLU B 163 45.04 -6.01 33.56
C GLU B 163 44.93 -4.53 33.21
N TYR B 164 45.89 -3.99 32.45
CA TYR B 164 45.80 -2.60 32.01
C TYR B 164 44.55 -2.38 31.18
N VAL B 165 44.22 -3.33 30.29
CA VAL B 165 42.98 -3.25 29.53
C VAL B 165 41.79 -3.31 30.47
N LEU B 166 41.82 -4.22 31.45
CA LEU B 166 40.71 -4.35 32.39
C LEU B 166 40.53 -3.06 33.20
N ASN B 167 41.63 -2.46 33.65
CA ASN B 167 41.53 -1.22 34.41
C ASN B 167 40.94 -0.10 33.56
N LYS B 168 41.41 0.02 32.31
CA LYS B 168 40.86 1.05 31.42
C LYS B 168 39.40 0.81 31.11
N TYR B 169 38.99 -0.46 31.08
CA TYR B 169 37.58 -0.77 30.79
C TYR B 169 36.68 -0.37 31.95
N PHE B 170 37.09 -0.67 33.19
CA PHE B 170 36.31 -0.26 34.34
C PHE B 170 36.34 1.26 34.53
N GLU B 171 37.42 1.91 34.11
CA GLU B 171 37.47 3.37 34.13
C GLU B 171 36.40 3.96 33.23
N ILE B 172 36.18 3.35 32.07
CA ILE B 172 35.13 3.79 31.17
C ILE B 172 33.75 3.61 31.81
N ILE B 173 33.55 2.47 32.48
CA ILE B 173 32.27 2.16 33.10
C ILE B 173 31.91 3.21 34.15
N LYS B 174 32.89 3.60 34.97
CA LYS B 174 32.65 4.62 35.98
C LYS B 174 32.34 5.99 35.36
N LYS B 175 32.75 6.23 34.13
CA LYS B 175 32.41 7.45 33.42
C LYS B 175 31.16 7.31 32.56
N THR B 176 30.53 6.14 32.54
CA THR B 176 29.43 5.91 31.61
C THR B 176 28.21 6.76 31.95
N LEU B 177 27.77 6.75 33.20
CA LEU B 177 26.59 7.53 33.54
C LEU B 177 26.91 9.01 33.66
N SER B 178 28.18 9.37 33.83
CA SER B 178 28.56 10.78 33.85
C SER B 178 28.34 11.44 32.50
N ILE B 179 28.68 10.74 31.41
CA ILE B 179 28.56 11.35 30.09
C ILE B 179 27.09 11.56 29.72
N TYR B 180 26.19 10.69 30.19
CA TYR B 180 24.78 10.90 29.92
C TYR B 180 24.26 12.15 30.64
N ARG B 181 24.72 12.37 31.88
CA ARG B 181 24.43 13.64 32.53
C ARG B 181 25.02 14.80 31.75
N GLU B 182 26.27 14.66 31.29
CA GLU B 182 26.96 15.75 30.62
C GLU B 182 26.22 16.20 29.37
N ILE B 183 25.79 15.24 28.54
CA ILE B 183 25.13 15.61 27.29
C ILE B 183 23.78 16.26 27.56
N LYS B 184 23.10 15.86 28.63
CA LYS B 184 21.79 16.43 28.92
C LYS B 184 21.89 17.88 29.35
N GLU B 185 22.79 18.19 30.29
CA GLU B 185 22.95 19.57 30.75
C GLU B 185 23.52 20.46 29.66
N GLU B 186 24.44 19.93 28.86
CA GLU B 186 25.04 20.70 27.78
C GLU B 186 24.08 20.96 26.63
N GLY B 187 22.91 20.34 26.63
CA GLY B 187 21.95 20.52 25.57
C GLY B 187 22.27 19.77 24.30
N LYS B 188 23.23 18.84 24.33
CA LYS B 188 23.60 18.09 23.15
C LYS B 188 22.72 16.87 22.91
N GLY B 189 21.83 16.53 23.83
CA GLY B 189 20.93 15.42 23.63
C GLY B 189 19.96 15.27 24.79
N SER B 190 18.85 14.60 24.49
CA SER B 190 17.82 14.30 25.48
C SER B 190 18.01 12.88 25.98
N VAL B 191 17.80 12.68 27.28
CA VAL B 191 17.87 11.37 27.88
C VAL B 191 16.46 10.97 28.31
N SER B 192 16.02 9.80 27.87
CA SER B 192 14.73 9.25 28.21
C SER B 192 14.92 8.00 29.07
N THR B 193 13.81 7.37 29.42
CA THR B 193 13.85 6.13 30.17
C THR B 193 12.66 5.27 29.78
N SER B 194 12.63 4.06 30.29
CA SER B 194 11.58 3.08 30.05
C SER B 194 11.07 2.57 31.38
N PRO B 195 9.90 1.93 31.39
CA PRO B 195 9.48 1.21 32.61
C PRO B 195 10.59 0.28 33.09
N TYR B 196 10.71 0.18 34.41
CA TYR B 196 11.94 -0.26 35.06
C TYR B 196 12.53 -1.51 34.42
N TYR B 197 11.77 -2.60 34.37
CA TYR B 197 12.30 -3.88 33.95
C TYR B 197 11.90 -4.26 32.53
N HIS B 198 11.70 -3.27 31.67
CA HIS B 198 11.37 -3.48 30.26
C HIS B 198 10.20 -4.44 30.02
N PRO B 199 9.04 -4.20 30.64
CA PRO B 199 7.90 -5.09 30.44
C PRO B 199 7.00 -4.62 29.29
N LEU B 200 6.11 -5.51 28.87
CA LEU B 200 5.07 -5.16 27.89
C LEU B 200 3.90 -4.57 28.67
N ILE B 201 3.93 -3.24 28.81
CA ILE B 201 2.89 -2.55 29.58
C ILE B 201 1.49 -2.82 29.04
N PRO B 202 1.24 -2.82 27.72
CA PRO B 202 -0.13 -3.13 27.26
C PRO B 202 -0.68 -4.45 27.76
N ILE B 203 0.16 -5.49 27.83
CA ILE B 203 -0.31 -6.79 28.31
C ILE B 203 -0.68 -6.71 29.78
N LEU B 204 0.15 -6.05 30.60
CA LEU B 204 -0.08 -6.02 32.03
C LEU B 204 -1.39 -5.30 32.37
N LEU B 205 -1.67 -4.19 31.71
CA LEU B 205 -2.90 -3.45 31.99
C LEU B 205 -4.13 -4.22 31.52
N ASN B 206 -4.06 -4.80 30.33
CA ASN B 206 -5.16 -5.58 29.79
C ASN B 206 -4.60 -6.62 28.82
N PRO B 207 -4.62 -7.91 29.20
CA PRO B 207 -4.11 -8.93 28.27
C PRO B 207 -4.89 -9.03 26.98
N ASN B 208 -6.09 -8.47 26.91
CA ASN B 208 -6.90 -8.54 25.69
C ASN B 208 -6.38 -7.62 24.58
N CYS B 209 -5.29 -6.89 24.80
CA CYS B 209 -4.71 -6.07 23.74
C CYS B 209 -4.13 -6.91 22.61
N VAL B 210 -3.81 -8.18 22.88
CA VAL B 210 -3.23 -9.03 21.85
C VAL B 210 -4.22 -9.26 20.72
N TYR B 211 -5.51 -9.22 21.01
CA TYR B 211 -6.55 -9.49 20.01
C TYR B 211 -6.79 -8.30 19.09
N GLU B 212 -6.18 -7.14 19.35
CA GLU B 212 -6.35 -5.99 18.48
C GLU B 212 -5.84 -6.27 17.07
N THR B 213 -4.61 -6.81 16.97
CA THR B 213 -4.00 -7.10 15.68
C THR B 213 -3.98 -8.58 15.35
N THR B 214 -4.06 -9.46 16.35
CA THR B 214 -4.08 -10.91 16.16
C THR B 214 -5.32 -11.44 16.88
N PRO B 215 -6.46 -11.50 16.20
CA PRO B 215 -7.71 -11.82 16.90
C PRO B 215 -7.84 -13.27 17.33
N ASN B 216 -7.22 -14.20 16.61
CA ASN B 216 -7.46 -15.63 16.83
C ASN B 216 -6.38 -16.29 17.67
N VAL B 217 -5.50 -15.53 18.31
CA VAL B 217 -4.45 -16.13 19.12
C VAL B 217 -5.06 -16.76 20.37
N LYS B 218 -4.48 -17.87 20.80
CA LYS B 218 -4.83 -18.51 22.05
C LYS B 218 -3.79 -18.12 23.10
N ILE B 219 -4.24 -17.42 24.14
CA ILE B 219 -3.34 -16.97 25.20
C ILE B 219 -3.87 -17.52 26.52
N PRO B 220 -3.03 -17.70 27.53
CA PRO B 220 -3.50 -18.27 28.80
C PRO B 220 -4.51 -17.36 29.50
N ASP B 221 -5.31 -17.98 30.36
CA ASP B 221 -6.31 -17.24 31.14
C ASP B 221 -5.60 -16.50 32.27
N PHE B 222 -5.44 -15.19 32.10
CA PHE B 222 -4.79 -14.35 33.11
C PHE B 222 -5.70 -14.24 34.31
N ALA B 223 -5.42 -15.03 35.36
CA ALA B 223 -6.24 -14.99 36.56
C ALA B 223 -5.97 -13.73 37.38
N VAL B 224 -4.69 -13.40 37.59
CA VAL B 224 -4.32 -12.23 38.38
C VAL B 224 -4.44 -10.96 37.55
N SER B 225 -4.34 -9.82 38.21
CA SER B 225 -4.28 -8.52 37.55
C SER B 225 -2.87 -7.97 37.70
N PHE B 226 -2.22 -7.70 36.57
CA PHE B 226 -0.94 -7.03 36.55
C PHE B 226 -1.08 -5.52 36.38
N ARG B 227 -2.30 -5.00 36.55
CA ARG B 227 -2.53 -3.57 36.37
C ARG B 227 -1.76 -2.74 37.39
N GLU B 228 -1.71 -3.21 38.65
CA GLU B 228 -0.99 -2.46 39.67
C GLU B 228 0.52 -2.59 39.51
N ASP B 229 0.98 -3.72 38.98
CA ASP B 229 2.42 -3.89 38.76
C ASP B 229 2.92 -3.04 37.60
N ALA B 230 2.07 -2.78 36.60
CA ALA B 230 2.48 -1.95 35.47
C ALA B 230 2.74 -0.51 35.93
N SER B 231 1.92 0.00 36.85
CA SER B 231 2.15 1.35 37.36
C SER B 231 3.46 1.43 38.14
N LYS B 232 3.81 0.37 38.86
CA LYS B 232 5.06 0.37 39.60
C LYS B 232 6.27 0.46 38.67
N HIS B 233 6.18 -0.16 37.49
CA HIS B 233 7.27 -0.08 36.53
C HIS B 233 7.54 1.37 36.13
N VAL B 234 6.49 2.14 35.85
CA VAL B 234 6.66 3.53 35.48
C VAL B 234 7.15 4.36 36.66
N GLU B 235 6.53 4.17 37.83
CA GLU B 235 6.86 5.00 38.99
C GLU B 235 8.28 4.74 39.47
N LEU B 236 8.70 3.48 39.56
CA LEU B 236 10.07 3.19 39.95
C LEU B 236 11.06 3.72 38.91
N ALA B 237 10.69 3.68 37.64
CA ALA B 237 11.57 4.21 36.61
C ALA B 237 11.79 5.71 36.79
N LYS B 238 10.73 6.45 37.12
CA LYS B 238 10.86 7.88 37.31
C LYS B 238 11.80 8.21 38.47
N GLU B 239 11.72 7.44 39.56
CA GLU B 239 12.62 7.67 40.68
C GLU B 239 14.07 7.39 40.29
N LYS B 240 14.31 6.29 39.57
CA LYS B 240 15.68 5.98 39.16
C LYS B 240 16.24 7.06 38.26
N TYR B 241 15.42 7.57 37.33
CA TYR B 241 15.85 8.66 36.48
C TYR B 241 16.15 9.90 37.31
N PHE B 242 15.40 10.12 38.38
CA PHE B 242 15.66 11.24 39.28
C PHE B 242 16.98 11.06 40.01
N GLU B 243 17.32 9.81 40.36
CA GLU B 243 18.57 9.56 41.09
C GLU B 243 19.78 9.91 40.25
N ILE B 244 19.71 9.69 38.95
CA ILE B 244 20.86 9.91 38.07
C ILE B 244 20.90 11.33 37.54
N PHE B 245 19.74 11.92 37.24
CA PHE B 245 19.70 13.19 36.54
C PHE B 245 19.12 14.34 37.36
N GLY B 246 18.53 14.07 38.52
CA GLY B 246 18.05 15.11 39.41
C GLY B 246 16.69 15.66 39.08
N GLU B 247 16.05 15.17 38.01
CA GLU B 247 14.72 15.62 37.61
C GLU B 247 13.92 14.40 37.19
N HIS B 248 12.60 14.53 37.26
CA HIS B 248 11.73 13.47 36.79
C HIS B 248 11.76 13.42 35.27
N PRO B 249 11.68 12.23 34.66
CA PRO B 249 11.67 12.16 33.20
C PRO B 249 10.35 12.65 32.62
N VAL B 250 10.44 13.28 31.46
CA VAL B 250 9.27 13.72 30.71
C VAL B 250 9.08 12.92 29.43
N TYR B 251 10.13 12.28 28.92
CA TYR B 251 10.05 11.48 27.70
C TYR B 251 10.34 10.04 28.07
N MET B 252 9.50 9.13 27.60
CA MET B 252 9.68 7.71 27.85
C MET B 252 9.68 6.95 26.53
N TRP B 253 10.42 5.85 26.51
CA TRP B 253 10.41 4.93 25.37
C TRP B 253 9.71 3.65 25.80
N PRO B 254 8.52 3.35 25.29
CA PRO B 254 7.86 2.10 25.66
C PRO B 254 8.67 0.91 25.20
N PRO B 255 8.80 -0.11 26.04
CA PRO B 255 9.60 -1.30 25.65
C PRO B 255 9.02 -1.96 24.42
N GLU B 256 9.91 -2.29 23.48
CA GLU B 256 9.53 -2.90 22.20
C GLU B 256 8.53 -2.04 21.43
N ALA B 257 8.55 -0.73 21.70
CA ALA B 257 7.62 0.22 21.08
C ALA B 257 6.16 -0.15 21.34
N SER B 258 5.90 -0.90 22.41
CA SER B 258 4.57 -1.44 22.66
C SER B 258 3.70 -0.35 23.28
N VAL B 259 2.69 0.08 22.53
CA VAL B 259 1.73 1.06 23.01
C VAL B 259 0.33 0.47 22.85
N SER B 260 -0.57 0.91 23.73
CA SER B 260 -1.97 0.57 23.62
C SER B 260 -2.77 1.76 24.12
N ASN B 261 -4.08 1.72 23.90
CA ASN B 261 -4.91 2.86 24.32
C ASN B 261 -4.83 3.05 25.83
N GLU B 262 -4.90 1.97 26.60
CA GLU B 262 -4.74 2.10 28.05
C GLU B 262 -3.30 2.37 28.43
N ALA B 263 -2.34 1.85 27.66
CA ALA B 263 -0.93 2.09 27.97
C ALA B 263 -0.59 3.57 27.84
N LEU B 264 -1.07 4.21 26.78
CA LEU B 264 -0.83 5.64 26.60
C LEU B 264 -1.44 6.45 27.73
N GLU B 265 -2.63 6.04 28.21
CA GLU B 265 -3.25 6.71 29.35
C GLU B 265 -2.37 6.61 30.59
N LEU B 266 -1.83 5.41 30.85
CA LEU B 266 -1.03 5.21 32.06
C LEU B 266 0.19 6.12 32.06
N TYR B 267 0.86 6.25 30.91
CA TYR B 267 2.00 7.15 30.81
C TYR B 267 1.60 8.59 31.08
N TYR B 268 0.45 9.02 30.55
CA TYR B 268 0.00 10.38 30.76
C TYR B 268 -0.23 10.67 32.24
N GLU B 269 -0.89 9.75 32.94
CA GLU B 269 -1.18 9.95 34.36
C GLU B 269 0.09 9.99 35.19
N LYS B 270 1.16 9.35 34.73
CA LYS B 270 2.43 9.35 35.45
C LYS B 270 3.33 10.51 35.07
N GLY B 271 2.88 11.40 34.18
CA GLY B 271 3.61 12.61 33.89
C GLY B 271 4.54 12.55 32.69
N ILE B 272 4.28 11.65 31.75
CA ILE B 272 5.09 11.56 30.53
C ILE B 272 4.42 12.42 29.46
N ASN B 273 5.18 13.37 28.91
CA ASN B 273 4.65 14.28 27.90
C ASN B 273 4.82 13.77 26.48
N MET B 274 5.74 12.83 26.24
CA MET B 274 6.00 12.39 24.89
C MET B 274 6.57 10.98 24.90
N LEU B 275 6.25 10.22 23.87
CA LEU B 275 6.83 8.91 23.64
C LEU B 275 6.79 8.60 22.16
N ALA B 276 7.56 7.60 21.75
CA ALA B 276 7.62 7.18 20.35
C ALA B 276 7.31 5.70 20.24
N THR B 277 6.95 5.29 19.03
CA THR B 277 6.68 3.89 18.72
C THR B 277 6.93 3.66 17.24
N ASP B 278 6.50 2.51 16.74
CA ASP B 278 6.78 2.13 15.36
C ASP B 278 5.69 2.64 14.43
N GLU B 279 6.07 2.86 13.17
CA GLU B 279 5.09 3.34 12.19
C GLU B 279 4.19 2.22 11.67
N VAL B 280 4.50 0.96 11.98
CA VAL B 280 3.57 -0.12 11.67
C VAL B 280 2.32 0.00 12.52
N ILE B 281 2.49 0.44 13.77
CA ILE B 281 1.34 0.74 14.61
C ILE B 281 0.57 1.93 14.05
N LEU B 282 1.28 2.93 13.53
CA LEU B 282 0.64 4.11 12.96
C LEU B 282 -0.22 3.73 11.76
N LYS B 283 0.32 2.92 10.85
CA LYS B 283 -0.45 2.47 9.70
C LYS B 283 -1.61 1.58 10.12
N ASN B 284 -1.46 0.85 11.23
CA ASN B 284 -2.54 0.01 11.74
C ASN B 284 -3.60 0.79 12.49
N SER B 285 -3.30 2.02 12.92
CA SER B 285 -4.21 2.82 13.72
C SER B 285 -4.87 3.95 12.93
N VAL B 286 -4.12 4.63 12.06
CA VAL B 286 -4.61 5.77 11.30
C VAL B 286 -4.76 5.36 9.84
N GLU B 287 -5.81 5.89 9.19
CA GLU B 287 -6.21 5.46 7.86
C GLU B 287 -5.13 5.68 6.81
N ARG B 288 -4.82 6.94 6.50
CA ARG B 288 -3.76 7.30 5.55
C ARG B 288 -2.81 8.22 6.29
N ALA B 289 -1.81 7.65 6.96
CA ALA B 289 -0.96 8.38 7.88
C ALA B 289 0.48 8.43 7.38
N SER B 290 1.18 9.49 7.77
CA SER B 290 2.59 9.65 7.49
C SER B 290 3.38 9.75 8.79
N PRO B 291 4.54 9.10 8.89
CA PRO B 291 5.31 9.14 10.13
C PRO B 291 5.98 10.49 10.38
N TYR B 292 6.04 11.38 9.39
CA TYR B 292 6.84 12.59 9.46
C TYR B 292 6.09 13.75 10.09
N LEU B 293 5.06 13.47 10.90
CA LEU B 293 4.32 14.48 11.62
C LEU B 293 4.49 14.27 13.11
N ARG B 294 4.24 15.32 13.87
CA ARG B 294 4.02 15.18 15.30
C ARG B 294 2.56 14.83 15.51
N TYR B 295 2.30 13.93 16.45
CA TYR B 295 0.94 13.46 16.69
C TYR B 295 0.52 13.77 18.12
N TYR B 296 -0.70 14.28 18.27
CA TYR B 296 -1.31 14.54 19.57
C TYR B 296 -2.31 13.41 19.84
N PHE B 297 -2.04 12.59 20.85
CA PHE B 297 -2.94 11.50 21.21
C PHE B 297 -3.98 12.06 22.17
N ARG B 298 -5.17 12.36 21.63
CA ARG B 298 -6.32 12.78 22.44
C ARG B 298 -6.04 14.05 23.23
N GLU B 299 -5.11 14.88 22.75
CA GLU B 299 -4.73 16.13 23.40
C GLU B 299 -4.19 15.92 24.80
N LEU B 300 -3.71 14.71 25.11
CA LEU B 300 -3.12 14.41 26.41
C LEU B 300 -1.61 14.21 26.36
N ILE B 301 -1.11 13.48 25.37
CA ILE B 301 0.31 13.18 25.24
C ILE B 301 0.71 13.35 23.78
N SER B 302 2.01 13.58 23.56
CA SER B 302 2.57 13.68 22.23
C SER B 302 3.21 12.35 21.84
N VAL B 303 2.96 11.93 20.59
CA VAL B 303 3.45 10.67 20.06
C VAL B 303 4.17 10.94 18.76
N PHE B 304 5.33 10.31 18.58
CA PHE B 304 6.05 10.32 17.32
C PHE B 304 6.21 8.88 16.85
N PHE B 305 6.20 8.70 15.53
CA PHE B 305 6.30 7.38 14.93
C PHE B 305 7.60 7.27 14.14
N ARG B 306 8.43 6.30 14.51
CA ARG B 306 9.75 6.17 13.92
C ARG B 306 9.64 5.79 12.44
N ASP B 307 10.65 6.19 11.68
CA ASP B 307 10.82 5.70 10.31
C ASP B 307 11.42 4.31 10.40
N LYS B 308 10.57 3.29 10.24
CA LYS B 308 11.05 1.91 10.36
C LYS B 308 12.07 1.58 9.27
N THR B 309 11.86 2.12 8.07
CA THR B 309 12.76 1.81 6.95
C THR B 309 14.18 2.27 7.25
N LEU B 310 14.34 3.52 7.69
CA LEU B 310 15.68 4.03 8.00
C LEU B 310 16.24 3.36 9.25
N SER B 311 15.41 3.17 10.27
CA SER B 311 15.89 2.57 11.51
C SER B 311 16.34 1.13 11.29
N ASP B 312 15.58 0.36 10.52
CA ASP B 312 15.96 -1.02 10.25
C ASP B 312 17.09 -1.15 9.25
N LEU B 313 17.31 -0.12 8.42
CA LEU B 313 18.48 -0.12 7.55
C LEU B 313 19.77 -0.04 8.36
N ILE B 314 19.81 0.82 9.38
CA ILE B 314 20.98 0.89 10.23
C ILE B 314 21.12 -0.38 11.07
N GLY B 315 20.02 -0.84 11.65
CA GLY B 315 20.10 -1.95 12.59
C GLY B 315 20.46 -3.29 11.94
N PHE B 316 19.89 -3.57 10.76
CA PHE B 316 19.99 -4.90 10.18
C PHE B 316 20.53 -4.95 8.76
N SER B 317 20.74 -3.82 8.10
CA SER B 317 21.03 -3.82 6.68
C SER B 317 22.39 -3.22 6.34
N TYR B 318 22.71 -2.04 6.88
CA TYR B 318 23.92 -1.33 6.47
C TYR B 318 25.20 -2.02 6.91
N HIS B 319 25.12 -3.03 7.77
CA HIS B 319 26.32 -3.69 8.26
C HIS B 319 27.11 -4.35 7.14
N ALA B 320 26.43 -4.75 6.06
CA ALA B 320 27.09 -5.38 4.92
C ALA B 320 27.39 -4.38 3.80
N TRP B 321 27.48 -3.09 4.13
CA TRP B 321 27.75 -2.06 3.14
C TRP B 321 29.09 -1.39 3.44
N ASN B 322 29.69 -0.84 2.39
CA ASN B 322 30.76 0.13 2.59
C ASN B 322 30.22 1.31 3.39
N ALA B 323 31.06 1.84 4.28
CA ALA B 323 30.61 2.94 5.13
C ALA B 323 30.10 4.11 4.31
N GLU B 324 30.86 4.50 3.28
CA GLU B 324 30.47 5.64 2.45
C GLU B 324 29.20 5.36 1.67
N ASP B 325 29.06 4.14 1.13
CA ASP B 325 27.87 3.80 0.35
C ASP B 325 26.62 3.84 1.21
N ALA B 326 26.69 3.32 2.43
CA ALA B 326 25.53 3.35 3.32
C ALA B 326 25.18 4.78 3.71
N VAL B 327 26.19 5.63 3.92
CA VAL B 327 25.92 7.03 4.27
C VAL B 327 25.24 7.75 3.12
N ARG B 328 25.73 7.54 1.88
CA ARG B 328 25.06 8.13 0.73
C ARG B 328 23.64 7.59 0.60
N ASP B 329 23.45 6.30 0.87
CA ASP B 329 22.10 5.74 0.84
C ASP B 329 21.22 6.35 1.90
N PHE B 330 21.74 6.54 3.11
CA PHE B 330 20.95 7.16 4.17
C PHE B 330 20.61 8.61 3.82
N ILE B 331 21.60 9.39 3.38
CA ILE B 331 21.36 10.78 3.02
C ILE B 331 20.43 10.86 1.82
N GLY B 332 20.63 9.99 0.84
CA GLY B 332 19.77 10.00 -0.33
C GLY B 332 18.31 9.77 0.01
N ARG B 333 18.03 8.81 0.89
CA ARG B 333 16.65 8.57 1.31
C ARG B 333 16.09 9.77 2.07
N LEU B 334 16.93 10.48 2.83
CA LEU B 334 16.48 11.68 3.52
C LEU B 334 16.12 12.78 2.54
N LYS B 335 16.88 12.93 1.45
CA LYS B 335 16.52 13.89 0.40
C LYS B 335 15.19 13.54 -0.24
N LYS B 336 14.92 12.24 -0.42
CA LYS B 336 13.62 11.83 -0.95
C LYS B 336 12.49 12.15 0.02
N ILE B 337 12.73 11.97 1.32
CA ILE B 337 11.75 12.37 2.33
C ILE B 337 11.51 13.87 2.27
N HIS B 338 12.59 14.65 2.12
CA HIS B 338 12.49 16.09 2.04
C HIS B 338 11.61 16.53 0.87
N GLU B 339 11.74 15.87 -0.28
CA GLU B 339 10.93 16.20 -1.44
C GLU B 339 9.57 15.53 -1.44
N SER B 340 9.35 14.53 -0.57
CA SER B 340 8.11 13.77 -0.61
C SER B 340 6.93 14.56 -0.03
N VAL B 341 7.18 15.46 0.91
CA VAL B 341 6.12 16.19 1.58
C VAL B 341 6.31 17.68 1.32
N ASP B 342 5.21 18.42 1.36
CA ASP B 342 5.30 19.87 1.21
C ASP B 342 5.82 20.53 2.48
N PHE B 343 5.39 20.04 3.65
CA PHE B 343 5.82 20.62 4.91
C PHE B 343 7.26 20.23 5.22
N GLN B 344 7.74 20.66 6.39
CA GLN B 344 9.06 20.28 6.85
C GLN B 344 8.94 19.00 7.66
N PRO B 345 9.46 17.87 7.17
CA PRO B 345 9.21 16.59 7.85
C PRO B 345 10.17 16.35 9.00
N VAL B 346 9.69 15.58 9.97
CA VAL B 346 10.50 15.12 11.09
C VAL B 346 10.71 13.61 10.93
N VAL B 347 11.97 13.18 11.01
CA VAL B 347 12.34 11.79 10.81
C VAL B 347 12.90 11.25 12.12
N PHE B 348 12.19 10.28 12.69
CA PHE B 348 12.62 9.63 13.94
C PHE B 348 13.30 8.32 13.59
N VAL B 349 14.54 8.17 14.02
CA VAL B 349 15.29 6.93 13.84
C VAL B 349 15.51 6.35 15.23
N VAL B 350 14.72 5.35 15.58
CA VAL B 350 14.77 4.71 16.90
C VAL B 350 15.17 3.25 16.70
N LEU B 351 16.19 2.82 17.43
CA LEU B 351 16.64 1.43 17.39
C LEU B 351 17.60 1.22 18.55
N ASP B 352 17.92 -0.06 18.80
CA ASP B 352 18.88 -0.39 19.84
C ASP B 352 20.24 0.17 19.50
N GLY B 353 20.85 0.85 20.48
CA GLY B 353 22.12 1.51 20.29
C GLY B 353 23.34 0.68 20.64
N GLU B 354 23.19 -0.63 20.83
CA GLU B 354 24.29 -1.46 21.27
C GLU B 354 24.46 -2.77 20.50
N ASN B 355 23.46 -3.23 19.75
CA ASN B 355 23.51 -4.56 19.18
C ASN B 355 23.97 -4.62 17.73
N CYS B 356 23.65 -3.62 16.92
CA CYS B 356 23.97 -3.73 15.49
C CYS B 356 25.46 -3.55 15.21
N TRP B 357 26.21 -2.89 16.09
CA TRP B 357 27.59 -2.53 15.78
C TRP B 357 28.56 -3.70 15.88
N GLU B 358 28.20 -4.77 16.59
CA GLU B 358 29.08 -5.94 16.63
C GLU B 358 29.33 -6.51 15.23
N TYR B 359 28.34 -6.39 14.35
CA TYR B 359 28.41 -6.97 13.01
C TYR B 359 28.91 -5.99 11.96
N TYR B 360 29.10 -4.72 12.31
CA TYR B 360 29.72 -3.76 11.41
C TYR B 360 31.24 -3.92 11.43
N GLU B 361 31.88 -3.39 10.40
CA GLU B 361 33.34 -3.34 10.37
C GLU B 361 33.83 -2.27 11.35
N GLU B 362 34.81 -2.63 12.18
CA GLU B 362 35.37 -1.74 13.19
C GLU B 362 34.25 -1.21 14.10
N ASN B 363 33.33 -2.11 14.47
CA ASN B 363 32.23 -1.79 15.38
C ASN B 363 31.40 -0.61 14.88
N GLY B 364 31.34 -0.41 13.57
CA GLY B 364 30.58 0.68 13.01
C GLY B 364 31.18 2.06 13.19
N ILE B 365 32.38 2.15 13.75
CA ILE B 365 33.02 3.45 13.94
C ILE B 365 33.20 4.18 12.61
N PRO B 366 33.75 3.56 11.55
CA PRO B 366 33.85 4.29 10.27
C PRO B 366 32.50 4.69 9.70
N PHE B 367 31.47 3.87 9.88
CA PHE B 367 30.16 4.22 9.38
C PHE B 367 29.55 5.37 10.16
N LEU B 368 29.57 5.27 11.49
CA LEU B 368 28.92 6.29 12.32
C LEU B 368 29.64 7.63 12.24
N GLU B 369 30.97 7.63 12.26
CA GLU B 369 31.71 8.88 12.13
C GLU B 369 31.44 9.53 10.78
N LYS B 370 31.39 8.73 9.71
CA LYS B 370 31.10 9.28 8.39
C LYS B 370 29.69 9.84 8.32
N LEU B 371 28.72 9.12 8.88
CA LEU B 371 27.35 9.63 8.89
C LEU B 371 27.25 10.92 9.69
N TYR B 372 27.87 10.96 10.87
CA TYR B 372 27.79 12.14 11.72
C TYR B 372 28.53 13.32 11.09
N SER B 373 29.68 13.06 10.46
CA SER B 373 30.41 14.14 9.80
C SER B 373 29.65 14.68 8.60
N THR B 374 28.95 13.80 7.87
CA THR B 374 28.17 14.25 6.73
C THR B 374 26.97 15.09 7.15
N LEU B 375 26.29 14.70 8.22
CA LEU B 375 25.17 15.50 8.72
C LEU B 375 25.64 16.87 9.20
N GLU B 376 26.89 16.97 9.65
CA GLU B 376 27.45 18.27 10.01
C GLU B 376 27.47 19.20 8.80
N LYS B 377 27.85 18.69 7.64
CA LYS B 377 27.93 19.53 6.45
C LYS B 377 26.55 19.91 5.93
N GLU B 378 25.62 18.95 5.88
CA GLU B 378 24.31 19.18 5.27
C GLU B 378 23.54 20.26 6.02
N GLU B 379 23.37 21.43 5.40
CA GLU B 379 22.68 22.55 6.02
C GLU B 379 21.17 22.39 6.03
N TRP B 380 20.63 21.51 5.19
CA TRP B 380 19.19 21.27 5.12
C TRP B 380 18.72 20.19 6.07
N ILE B 381 19.62 19.50 6.75
CA ILE B 381 19.28 18.50 7.76
C ILE B 381 19.58 19.10 9.12
N GLU B 382 18.57 19.15 9.98
CA GLU B 382 18.70 19.68 11.34
C GLU B 382 18.41 18.56 12.32
N THR B 383 19.42 18.20 13.11
CA THR B 383 19.25 17.17 14.13
C THR B 383 18.76 17.81 15.42
N LEU B 384 17.71 17.23 16.00
CA LEU B 384 17.05 17.81 17.15
C LEU B 384 17.11 16.86 18.33
N THR B 385 17.23 17.43 19.53
CA THR B 385 16.99 16.67 20.74
C THR B 385 15.48 16.44 20.93
N LEU B 386 15.14 15.49 21.79
CA LEU B 386 13.74 15.19 22.03
C LEU B 386 13.01 16.41 22.59
N GLU B 387 13.68 17.19 23.43
CA GLU B 387 13.08 18.43 23.91
C GLU B 387 12.87 19.41 22.76
N GLU B 388 13.87 19.54 21.88
CA GLU B 388 13.74 20.43 20.73
C GLU B 388 12.61 19.98 19.81
N ALA B 389 12.49 18.67 19.58
CA ALA B 389 11.40 18.17 18.75
C ALA B 389 10.04 18.42 19.36
N MET B 390 9.96 18.60 20.69
CA MET B 390 8.69 18.96 21.31
C MET B 390 8.37 20.43 21.12
N ARG B 391 9.37 21.30 21.20
CA ARG B 391 9.16 22.74 21.12
C ARG B 391 9.13 23.28 19.70
N LYS B 392 9.56 22.50 18.72
CA LYS B 392 9.65 23.01 17.35
C LYS B 392 8.27 23.30 16.79
N GLU B 393 8.07 24.52 16.29
CA GLU B 393 6.77 24.96 15.79
C GLU B 393 6.62 24.82 14.28
N ASP B 394 7.70 24.53 13.56
CA ASP B 394 7.65 24.31 12.12
C ASP B 394 7.35 22.87 11.75
N VAL B 395 6.72 22.11 12.65
CA VAL B 395 6.45 20.70 12.43
C VAL B 395 4.94 20.52 12.35
N LYS B 396 4.48 19.82 11.31
CA LYS B 396 3.06 19.56 11.16
C LYS B 396 2.56 18.63 12.26
N THR B 397 1.38 18.93 12.80
CA THR B 397 0.82 18.18 13.90
C THR B 397 -0.59 17.70 13.55
N GLU B 398 -0.90 16.46 13.94
CA GLU B 398 -2.22 15.88 13.77
C GLU B 398 -2.65 15.27 15.09
N VAL B 399 -3.96 15.28 15.34
CA VAL B 399 -4.54 14.71 16.55
C VAL B 399 -5.16 13.36 16.20
N ILE B 400 -4.81 12.34 16.96
CA ILE B 400 -5.39 11.00 16.82
C ILE B 400 -6.12 10.68 18.12
N GLU B 401 -7.11 9.79 18.02
CA GLU B 401 -7.91 9.44 19.19
C GLU B 401 -7.69 8.03 19.70
N SER B 402 -7.07 7.15 18.92
CA SER B 402 -6.83 5.79 19.37
C SER B 402 -5.68 5.18 18.58
N VAL B 403 -5.09 4.14 19.17
CA VAL B 403 -4.06 3.32 18.51
C VAL B 403 -4.43 1.86 18.67
N LYS B 404 -4.04 1.06 17.68
CA LYS B 404 -4.18 -0.39 17.76
C LYS B 404 -2.97 -0.97 18.46
N ALA B 405 -3.19 -1.75 19.51
CA ALA B 405 -2.09 -2.24 20.33
C ALA B 405 -1.14 -3.11 19.50
N GLY B 406 0.14 -3.02 19.82
CA GLY B 406 1.14 -3.81 19.13
C GLY B 406 2.53 -3.38 19.54
N THR B 407 3.51 -4.07 18.96
CA THR B 407 4.93 -3.78 19.16
C THR B 407 5.55 -3.41 17.81
N TRP B 408 6.87 -3.23 17.79
CA TRP B 408 7.56 -2.97 16.54
C TRP B 408 7.98 -4.26 15.84
N PHE B 409 7.64 -5.42 16.39
CA PHE B 409 7.83 -6.69 15.72
C PHE B 409 6.50 -7.10 15.11
N ASP B 410 6.31 -6.78 13.84
CA ASP B 410 5.13 -7.12 13.04
C ASP B 410 3.85 -6.44 13.55
N GLY B 411 3.96 -5.44 14.42
CA GLY B 411 2.77 -4.75 14.89
C GLY B 411 1.91 -5.55 15.85
N ASN B 412 2.40 -6.68 16.34
CA ASN B 412 1.62 -7.52 17.23
C ASN B 412 2.54 -7.97 18.37
N PHE B 413 2.00 -8.85 19.23
CA PHE B 413 2.71 -9.35 20.40
C PHE B 413 3.15 -10.79 20.24
N LEU B 414 3.19 -11.30 19.00
CA LEU B 414 3.41 -12.73 18.80
C LEU B 414 4.79 -13.19 19.25
N LYS B 415 5.78 -12.31 19.24
CA LYS B 415 7.14 -12.70 19.61
C LYS B 415 7.28 -12.96 21.10
N TRP B 416 6.32 -12.54 21.92
CA TRP B 416 6.39 -12.75 23.36
C TRP B 416 5.26 -13.63 23.90
N ILE B 417 4.20 -13.84 23.14
CA ILE B 417 3.07 -14.64 23.60
C ILE B 417 2.36 -15.20 22.37
N GLY B 418 1.66 -16.32 22.56
CA GLY B 418 0.84 -16.90 21.51
C GLY B 418 1.03 -18.37 21.21
N ASN B 419 2.25 -18.88 21.30
CA ASN B 419 2.48 -20.30 21.07
C ASN B 419 2.68 -21.01 22.41
N LYS B 420 2.84 -22.34 22.34
CA LYS B 420 2.82 -23.16 23.55
C LYS B 420 3.97 -22.80 24.49
N GLU B 421 5.19 -22.73 23.97
CA GLU B 421 6.35 -22.46 24.82
C GLU B 421 6.30 -21.04 25.38
N LYS B 422 5.87 -20.07 24.57
CA LYS B 422 5.75 -18.70 25.08
C LYS B 422 4.63 -18.61 26.12
N ASN B 423 3.51 -19.30 25.90
CA ASN B 423 2.39 -19.21 26.83
C ASN B 423 2.70 -19.90 28.15
N GLU B 424 3.62 -20.87 28.16
CA GLU B 424 3.98 -21.54 29.40
C GLU B 424 4.64 -20.58 30.38
N TYR B 425 5.53 -19.72 29.88
CA TYR B 425 6.19 -18.75 30.74
C TYR B 425 5.19 -17.79 31.37
N TRP B 426 4.15 -17.43 30.63
CA TRP B 426 3.10 -16.57 31.18
C TRP B 426 2.31 -17.29 32.26
N LYS B 427 2.04 -18.59 32.09
CA LYS B 427 1.29 -19.33 33.09
C LYS B 427 2.07 -19.41 34.41
N ILE B 428 3.39 -19.55 34.33
CA ILE B 428 4.20 -19.48 35.54
C ILE B 428 4.12 -18.08 36.15
N LEU B 429 4.05 -17.05 35.30
CA LEU B 429 3.99 -15.68 35.80
C LEU B 429 2.70 -15.42 36.57
N ILE B 430 1.56 -15.85 36.02
CA ILE B 430 0.30 -15.62 36.71
C ILE B 430 0.22 -16.44 37.98
N GLU B 431 0.74 -17.68 37.95
CA GLU B 431 0.78 -18.49 39.16
C GLU B 431 1.71 -17.87 40.21
N ALA B 432 2.86 -17.37 39.79
CA ALA B 432 3.79 -16.72 40.72
C ALA B 432 3.19 -15.45 41.29
N LYS B 433 2.51 -14.66 40.46
CA LYS B 433 1.91 -13.41 40.92
C LYS B 433 0.88 -13.65 42.00
N LYS B 434 0.21 -14.81 41.97
CA LYS B 434 -0.74 -15.15 43.03
C LYS B 434 -0.06 -15.27 44.39
N LYS B 435 1.13 -15.87 44.41
CA LYS B 435 1.86 -16.11 45.66
C LYS B 435 3.10 -15.25 45.80
N ALA B 436 3.29 -14.25 44.93
CA ALA B 436 4.45 -13.38 45.02
C ALA B 436 4.38 -12.52 46.27
N LYS B 437 5.53 -12.32 46.92
CA LYS B 437 5.60 -11.54 48.15
C LYS B 437 6.58 -10.38 48.08
N ASN B 438 7.33 -10.23 46.98
CA ASN B 438 8.27 -9.12 46.84
C ASN B 438 8.28 -8.65 45.38
N ASP B 439 9.05 -7.60 45.13
CA ASP B 439 9.11 -6.95 43.83
C ASP B 439 9.99 -7.69 42.83
N TYR B 440 10.51 -8.87 43.18
CA TYR B 440 11.22 -9.67 42.17
C TYR B 440 10.28 -10.12 41.06
N ILE B 441 8.96 -10.17 41.34
CA ILE B 441 8.00 -10.47 40.28
C ILE B 441 8.05 -9.41 39.19
N LEU B 442 8.40 -8.18 39.56
CA LEU B 442 8.58 -7.12 38.56
C LEU B 442 9.74 -7.44 37.63
N VAL B 443 10.75 -8.17 38.12
CA VAL B 443 11.85 -8.59 37.26
C VAL B 443 11.36 -9.64 36.26
N ALA B 444 10.55 -10.60 36.72
CA ALA B 444 10.08 -11.67 35.86
C ALA B 444 9.07 -11.19 34.82
N GLU B 445 8.59 -9.96 34.92
CA GLU B 445 7.69 -9.39 33.92
C GLU B 445 8.42 -8.79 32.73
N GLY B 446 9.75 -8.83 32.73
CA GLY B 446 10.50 -8.28 31.61
C GLY B 446 10.19 -9.01 30.32
N SER B 447 10.29 -8.26 29.22
CA SER B 447 9.98 -8.80 27.89
C SER B 447 11.08 -9.68 27.35
N ASP B 448 12.28 -9.63 27.92
CA ASP B 448 13.38 -10.43 27.39
C ASP B 448 13.21 -11.92 27.67
N TRP B 449 12.62 -12.26 28.81
CA TRP B 449 12.47 -13.67 29.17
C TRP B 449 11.54 -14.39 28.20
N PHE B 450 10.47 -13.73 27.77
CA PHE B 450 9.55 -14.31 26.81
C PHE B 450 10.04 -14.20 25.38
N TRP B 451 11.12 -13.45 25.15
CA TRP B 451 11.66 -13.30 23.80
C TRP B 451 12.39 -14.56 23.35
N TRP B 452 13.14 -15.19 24.25
CA TRP B 452 13.97 -16.34 23.91
C TRP B 452 13.25 -17.66 24.08
N GLN B 453 12.03 -17.65 24.60
CA GLN B 453 11.26 -18.88 24.75
C GLN B 453 10.54 -19.21 23.45
N GLY B 454 10.54 -20.49 23.10
CA GLY B 454 9.78 -20.94 21.94
C GLY B 454 10.42 -20.67 20.60
N GLU B 455 11.64 -20.14 20.57
CA GLU B 455 12.34 -19.90 19.33
C GLU B 455 13.16 -21.15 18.97
N GLU B 456 14.01 -21.03 17.95
CA GLU B 456 14.89 -22.13 17.59
C GLU B 456 15.98 -22.31 18.65
N LYS B 457 16.69 -23.43 18.55
CA LYS B 457 17.82 -23.67 19.44
C LYS B 457 18.87 -22.59 19.23
N ALA B 458 19.13 -21.80 20.27
CA ALA B 458 19.97 -20.63 20.18
C ALA B 458 20.94 -20.61 21.34
N PRO B 459 22.05 -19.88 21.21
CA PRO B 459 22.98 -19.74 22.35
C PRO B 459 22.33 -19.02 23.52
N PHE B 460 22.75 -19.40 24.72
CA PHE B 460 22.42 -18.76 26.00
C PHE B 460 20.96 -18.89 26.40
N VAL B 461 20.17 -19.74 25.73
CA VAL B 461 18.76 -19.86 26.11
C VAL B 461 18.63 -20.45 27.50
N GLU B 462 19.51 -21.41 27.84
CA GLU B 462 19.44 -22.04 29.16
C GLU B 462 19.68 -21.02 30.28
N VAL B 463 20.65 -20.12 30.09
CA VAL B 463 20.96 -19.14 31.12
C VAL B 463 19.78 -18.18 31.31
N PHE B 464 19.15 -17.75 30.21
CA PHE B 464 17.98 -16.90 30.33
C PHE B 464 16.84 -17.63 31.05
N ASP B 465 16.68 -18.93 30.77
CA ASP B 465 15.71 -19.73 31.50
C ASP B 465 16.05 -19.80 32.98
N LYS B 466 17.34 -20.02 33.31
CA LYS B 466 17.75 -20.10 34.70
C LYS B 466 17.44 -18.82 35.45
N LEU B 467 17.72 -17.67 34.85
CA LEU B 467 17.47 -16.40 35.51
C LEU B 467 15.98 -16.17 35.75
N PHE B 468 15.15 -16.44 34.74
CA PHE B 468 13.73 -16.15 34.86
C PHE B 468 13.08 -16.96 35.97
N ARG B 469 13.37 -18.27 36.03
CA ARG B 469 12.78 -19.09 37.08
C ARG B 469 13.29 -18.68 38.45
N SER B 470 14.58 -18.33 38.56
CA SER B 470 15.11 -17.90 39.84
C SER B 470 14.38 -16.67 40.36
N PHE B 471 14.13 -15.69 39.48
CA PHE B 471 13.33 -14.53 39.85
C PHE B 471 11.92 -14.94 40.25
N VAL B 472 11.37 -15.97 39.59
CA VAL B 472 10.03 -16.45 39.94
C VAL B 472 10.05 -17.14 41.29
N ARG B 473 11.05 -17.99 41.55
CA ARG B 473 11.13 -18.64 42.85
C ARG B 473 11.38 -17.63 43.95
N ARG B 474 12.25 -16.64 43.70
CA ARG B 474 12.58 -15.65 44.71
C ARG B 474 11.46 -14.64 44.94
N ALA B 475 10.56 -14.48 43.97
CA ALA B 475 9.42 -13.57 44.14
C ALA B 475 8.36 -14.14 45.08
N GLN B 476 8.26 -15.46 45.18
CA GLN B 476 7.25 -16.12 46.00
C GLN B 476 7.72 -16.40 47.43
N GLU B 477 8.91 -15.92 47.78
CA GLU B 477 9.44 -16.09 49.14
C GLU B 477 9.32 -14.78 49.91
N MET C 1 -35.67 -36.48 10.05
CA MET C 1 -36.28 -35.18 9.81
C MET C 1 -35.40 -34.05 10.34
N LYS C 2 -34.51 -33.56 9.49
CA LYS C 2 -33.68 -32.40 9.84
C LYS C 2 -34.58 -31.19 10.08
N LYS C 3 -34.31 -30.48 11.17
CA LYS C 3 -35.18 -29.40 11.60
C LYS C 3 -34.39 -28.10 11.76
N LEU C 4 -35.05 -26.99 11.46
CA LEU C 4 -34.48 -25.66 11.66
C LEU C 4 -34.88 -25.17 13.04
N PHE C 5 -33.90 -25.06 13.94
CA PHE C 5 -34.17 -24.65 15.31
C PHE C 5 -34.38 -23.14 15.35
N LEU C 6 -35.59 -22.73 15.72
CA LEU C 6 -35.96 -21.31 15.80
C LEU C 6 -36.12 -20.90 17.25
N VAL C 7 -35.44 -19.83 17.64
CA VAL C 7 -35.49 -19.32 19.00
C VAL C 7 -35.95 -17.87 18.95
N PHE C 8 -37.13 -17.61 19.50
CA PHE C 8 -37.64 -16.26 19.63
C PHE C 8 -37.23 -15.70 20.98
N TRP C 9 -36.84 -14.42 20.99
CA TRP C 9 -36.37 -13.76 22.20
C TRP C 9 -36.89 -12.32 22.17
N TRP C 10 -37.92 -12.03 22.96
CA TRP C 10 -38.53 -10.72 23.02
C TRP C 10 -37.93 -9.94 24.18
N HIS C 11 -37.48 -8.72 23.89
CA HIS C 11 -36.82 -7.87 24.88
C HIS C 11 -37.81 -6.80 25.35
N MET C 12 -38.13 -6.82 26.64
CA MET C 12 -39.05 -5.86 27.24
C MET C 12 -38.28 -5.00 28.23
N HIS C 13 -38.31 -3.69 28.01
CA HIS C 13 -37.55 -2.76 28.86
C HIS C 13 -38.20 -1.39 28.84
N GLN C 14 -38.17 -0.73 29.99
CA GLN C 14 -38.60 0.65 30.13
C GLN C 14 -37.69 1.33 31.14
N PRO C 15 -37.25 2.55 30.86
CA PRO C 15 -36.39 3.27 31.81
C PRO C 15 -37.20 3.69 33.03
N LEU C 16 -36.46 4.07 34.08
CA LEU C 16 -37.11 4.58 35.28
C LEU C 16 -37.71 5.93 34.97
N TYR C 17 -39.03 5.97 34.80
CA TYR C 17 -39.75 7.20 34.56
C TYR C 17 -40.12 7.93 35.85
N ARG C 18 -39.77 7.36 37.00
CA ARG C 18 -40.13 7.92 38.30
C ARG C 18 -39.09 8.95 38.70
N GLU C 19 -39.52 10.20 38.84
CA GLU C 19 -38.61 11.25 39.28
C GLU C 19 -38.17 10.95 40.72
N PRO C 20 -36.88 11.04 41.02
CA PRO C 20 -36.42 10.58 42.34
C PRO C 20 -36.93 11.41 43.51
N TYR C 21 -37.03 12.74 43.35
CA TYR C 21 -37.44 13.60 44.45
C TYR C 21 -38.94 13.58 44.66
N THR C 22 -39.71 13.78 43.59
CA THR C 22 -41.16 13.86 43.70
C THR C 22 -41.85 12.51 43.65
N GLY C 23 -41.23 11.52 43.02
CA GLY C 23 -41.81 10.20 42.92
C GLY C 23 -42.86 10.04 41.83
N GLU C 24 -43.09 11.07 41.02
CA GLU C 24 -44.09 11.00 39.97
C GLU C 24 -43.49 10.39 38.71
N TYR C 25 -44.25 9.49 38.09
CA TYR C 25 -43.88 8.96 36.78
C TYR C 25 -44.19 10.02 35.74
N LEU C 26 -43.15 10.67 35.21
CA LEU C 26 -43.35 11.76 34.27
C LEU C 26 -43.80 11.28 32.89
N LEU C 27 -43.76 9.98 32.62
CA LEU C 27 -44.23 9.43 31.37
C LEU C 27 -45.00 8.15 31.65
N PRO C 28 -46.06 7.88 30.89
CA PRO C 28 -46.89 6.69 31.12
C PRO C 28 -46.51 5.46 30.32
N TRP C 29 -45.34 5.45 29.66
CA TRP C 29 -45.03 4.39 28.71
C TRP C 29 -45.01 3.02 29.36
N THR C 30 -44.53 2.93 30.61
CA THR C 30 -44.52 1.64 31.31
C THR C 30 -45.92 1.09 31.48
N PHE C 31 -46.87 1.94 31.89
CA PHE C 31 -48.25 1.50 32.08
C PHE C 31 -48.88 1.08 30.76
N PHE C 32 -48.65 1.85 29.69
CA PHE C 32 -49.33 1.61 28.43
C PHE C 32 -48.82 0.34 27.76
N HIS C 33 -47.53 0.06 27.85
CA HIS C 33 -47.01 -1.16 27.24
C HIS C 33 -47.24 -2.39 28.10
N ALA C 34 -47.58 -2.22 29.38
CA ALA C 34 -47.97 -3.36 30.20
C ALA C 34 -49.36 -3.85 29.84
N VAL C 35 -50.31 -2.92 29.66
CA VAL C 35 -51.67 -3.31 29.34
C VAL C 35 -51.79 -3.82 27.90
N LYS C 36 -50.87 -3.42 27.01
CA LYS C 36 -50.93 -3.83 25.62
C LYS C 36 -50.09 -5.05 25.32
N ASP C 37 -48.83 -5.06 25.75
CA ASP C 37 -47.86 -6.05 25.26
C ASP C 37 -47.18 -6.85 26.37
N TYR C 38 -46.85 -6.22 27.49
CA TYR C 38 -46.02 -6.88 28.49
C TYR C 38 -46.71 -8.11 29.07
N TYR C 39 -48.03 -8.05 29.25
CA TYR C 39 -48.76 -9.24 29.65
C TYR C 39 -49.24 -10.03 28.45
N ASP C 40 -49.63 -9.36 27.37
CA ASP C 40 -50.28 -10.05 26.26
C ASP C 40 -49.28 -10.82 25.40
N MET C 41 -48.03 -10.35 25.32
CA MET C 41 -47.04 -11.09 24.53
C MET C 41 -46.76 -12.47 25.08
N PRO C 42 -46.49 -12.67 26.38
CA PRO C 42 -46.43 -14.04 26.91
C PRO C 42 -47.76 -14.75 26.90
N ALA C 43 -48.88 -14.03 26.87
CA ALA C 43 -50.19 -14.65 26.88
C ALA C 43 -50.50 -15.42 25.59
N TYR C 44 -49.70 -15.24 24.54
CA TYR C 44 -49.90 -16.04 23.33
C TYR C 44 -49.60 -17.52 23.58
N LEU C 45 -48.65 -17.81 24.47
CA LEU C 45 -48.25 -19.19 24.70
C LEU C 45 -49.36 -20.06 25.29
N LYS C 46 -50.39 -19.45 25.88
CA LYS C 46 -51.50 -20.22 26.42
C LYS C 46 -52.40 -20.76 25.31
N ASP C 47 -52.42 -20.08 24.16
CA ASP C 47 -53.27 -20.50 23.03
C ASP C 47 -52.49 -21.17 21.91
N PHE C 48 -51.21 -20.86 21.74
CA PHE C 48 -50.39 -21.43 20.68
C PHE C 48 -49.28 -22.28 21.29
N GLU C 49 -49.17 -23.53 20.82
CA GLU C 49 -48.22 -24.49 21.38
C GLU C 49 -46.85 -24.35 20.71
N ILE C 50 -46.27 -23.16 20.89
CA ILE C 50 -44.90 -22.89 20.44
C ILE C 50 -44.10 -22.47 21.66
N LYS C 51 -42.82 -22.16 21.46
CA LYS C 51 -41.95 -21.72 22.55
C LYS C 51 -41.45 -20.32 22.25
N LEU C 52 -41.75 -19.39 23.16
CA LEU C 52 -41.29 -18.01 23.08
C LEU C 52 -40.52 -17.66 24.33
N ASN C 53 -39.41 -16.93 24.16
CA ASN C 53 -38.58 -16.51 25.27
C ASN C 53 -38.64 -15.00 25.43
N PHE C 54 -38.43 -14.54 26.65
CA PHE C 54 -38.62 -13.13 26.98
C PHE C 54 -37.47 -12.64 27.84
N ASN C 55 -37.20 -11.34 27.75
CA ASN C 55 -36.23 -10.65 28.59
C ASN C 55 -36.94 -9.55 29.37
N LEU C 56 -36.64 -9.45 30.65
CA LEU C 56 -37.21 -8.43 31.52
C LEU C 56 -36.09 -7.70 32.24
N THR C 57 -35.85 -6.44 31.87
CA THR C 57 -34.87 -5.64 32.59
C THR C 57 -35.39 -5.35 33.99
N PRO C 58 -34.51 -5.38 35.00
CA PRO C 58 -34.98 -5.20 36.38
C PRO C 58 -35.67 -3.87 36.63
N VAL C 59 -35.26 -2.81 35.93
CA VAL C 59 -35.92 -1.51 36.10
C VAL C 59 -37.37 -1.60 35.65
N LEU C 60 -37.64 -2.36 34.59
CA LEU C 60 -39.02 -2.53 34.14
C LEU C 60 -39.85 -3.27 35.18
N ILE C 61 -39.27 -4.32 35.79
CA ILE C 61 -40.00 -5.13 36.76
C ILE C 61 -40.39 -4.28 37.97
N ASP C 62 -39.50 -3.39 38.39
CA ASP C 62 -39.79 -2.53 39.53
C ASP C 62 -40.95 -1.60 39.25
N GLN C 63 -41.00 -1.02 38.04
CA GLN C 63 -42.11 -0.14 37.68
C GLN C 63 -43.41 -0.91 37.56
N ILE C 64 -43.36 -2.12 37.00
CA ILE C 64 -44.56 -2.95 36.93
C ILE C 64 -45.11 -3.22 38.32
N GLN C 65 -44.22 -3.55 39.27
CA GLN C 65 -44.66 -3.82 40.63
C GLN C 65 -45.31 -2.60 41.26
N GLU C 66 -44.72 -1.42 41.07
CA GLU C 66 -45.26 -0.21 41.69
C GLU C 66 -46.65 0.12 41.15
N TYR C 67 -46.85 -0.04 39.84
CA TYR C 67 -48.19 0.15 39.28
C TYR C 67 -49.17 -0.88 39.84
N ALA C 68 -48.72 -2.12 39.99
CA ALA C 68 -49.59 -3.19 40.49
C ALA C 68 -49.96 -2.99 41.96
N GLN C 69 -49.06 -2.43 42.76
CA GLN C 69 -49.34 -2.18 44.17
C GLN C 69 -50.10 -0.88 44.40
N GLY C 70 -50.31 -0.07 43.36
CA GLY C 70 -51.03 1.18 43.50
C GLY C 70 -50.20 2.35 43.95
N LYS C 71 -48.88 2.19 44.08
CA LYS C 71 -48.01 3.24 44.57
C LYS C 71 -47.48 4.15 43.46
N ALA C 72 -47.81 3.87 42.21
CA ALA C 72 -47.33 4.70 41.12
C ALA C 72 -48.02 6.05 41.12
N LYS C 73 -47.29 7.07 40.70
CA LYS C 73 -47.81 8.44 40.68
C LYS C 73 -47.80 9.01 39.26
N ASP C 74 -48.31 8.24 38.30
CA ASP C 74 -48.36 8.67 36.91
C ASP C 74 -49.13 9.98 36.76
N VAL C 75 -48.43 11.05 36.36
CA VAL C 75 -49.06 12.36 36.22
C VAL C 75 -50.06 12.37 35.07
N PHE C 76 -49.74 11.67 33.99
CA PHE C 76 -50.65 11.65 32.85
C PHE C 76 -51.86 10.76 33.10
N LEU C 77 -51.71 9.70 33.90
CA LEU C 77 -52.83 8.83 34.19
C LEU C 77 -53.87 9.53 35.07
N GLU C 78 -53.41 10.38 36.00
CA GLU C 78 -54.34 11.14 36.83
C GLU C 78 -55.17 12.11 36.00
N ALA C 79 -54.61 12.62 34.90
CA ALA C 79 -55.42 13.39 33.97
C ALA C 79 -56.48 12.52 33.30
N ILE C 80 -56.13 11.26 33.00
CA ILE C 80 -57.08 10.34 32.39
C ILE C 80 -58.16 9.97 33.40
N ARG C 81 -57.77 9.62 34.62
CA ARG C 81 -58.72 9.17 35.64
C ARG C 81 -59.68 10.28 36.04
N LYS C 82 -59.19 11.50 36.13
CA LYS C 82 -59.97 12.59 36.71
C LYS C 82 -61.18 12.94 35.85
N ASP C 83 -62.23 13.40 36.53
CA ASP C 83 -63.37 13.96 35.83
C ASP C 83 -62.91 15.15 34.99
N PRO C 84 -63.37 15.26 33.74
CA PRO C 84 -62.93 16.38 32.91
C PRO C 84 -63.16 17.74 33.53
N ASP C 85 -64.22 17.92 34.33
CA ASP C 85 -64.50 19.21 34.92
C ASP C 85 -63.40 19.65 35.88
N ASP C 86 -62.72 18.69 36.53
CA ASP C 86 -61.66 19.00 37.48
C ASP C 86 -60.27 18.89 36.86
N LEU C 87 -60.14 19.23 35.58
CA LEU C 87 -58.88 19.13 34.86
C LEU C 87 -58.28 20.53 34.67
N GLU C 88 -57.03 20.68 35.11
CA GLU C 88 -56.32 21.93 34.86
C GLU C 88 -55.99 22.06 33.36
N LYS C 89 -55.78 23.31 32.94
CA LYS C 89 -55.53 23.57 31.52
C LYS C 89 -54.24 22.91 31.05
N GLU C 90 -53.23 22.81 31.92
CA GLU C 90 -52.00 22.14 31.54
C GLU C 90 -52.21 20.64 31.33
N GLU C 91 -53.06 20.02 32.17
CA GLU C 91 -53.37 18.61 32.01
C GLU C 91 -54.08 18.35 30.68
N VAL C 92 -54.97 19.26 30.27
CA VAL C 92 -55.66 19.11 28.99
C VAL C 92 -54.65 19.15 27.85
N GLU C 93 -53.68 20.07 27.92
CA GLU C 93 -52.66 20.14 26.88
C GLU C 93 -51.88 18.85 26.75
N LYS C 94 -51.69 18.14 27.87
CA LYS C 94 -51.02 16.84 27.81
C LYS C 94 -51.84 15.84 27.00
N LEU C 95 -53.17 15.87 27.15
CA LEU C 95 -54.01 14.94 26.40
C LEU C 95 -53.94 15.22 24.89
N ILE C 96 -54.04 16.49 24.50
CA ILE C 96 -54.01 16.83 23.08
C ILE C 96 -52.67 16.45 22.48
N GLU C 97 -51.57 16.79 23.17
CA GLU C 97 -50.25 16.50 22.64
C GLU C 97 -50.01 15.00 22.54
N PHE C 98 -50.44 14.23 23.55
CA PHE C 98 -50.29 12.78 23.49
C PHE C 98 -51.11 12.20 22.35
N THR C 99 -52.34 12.68 22.17
CA THR C 99 -53.18 12.19 21.08
C THR C 99 -52.57 12.54 19.72
N LYS C 100 -52.06 13.77 19.57
CA LYS C 100 -51.45 14.17 18.31
C LYS C 100 -50.25 13.31 17.96
N LEU C 101 -49.47 12.92 18.98
CA LEU C 101 -48.25 12.17 18.73
C LEU C 101 -48.55 10.81 18.12
N ASN C 102 -49.53 10.09 18.68
CA ASN C 102 -49.92 8.77 18.19
C ASN C 102 -51.09 8.85 17.22
N TYR C 103 -51.42 10.04 16.72
CA TYR C 103 -52.56 10.20 15.84
C TYR C 103 -52.42 9.32 14.60
N GLU C 104 -51.21 9.23 14.05
CA GLU C 104 -50.98 8.46 12.84
C GLU C 104 -50.88 6.96 13.10
N LYS C 105 -50.73 6.54 14.36
CA LYS C 105 -50.61 5.11 14.65
C LYS C 105 -51.93 4.40 14.33
N PRO C 106 -51.87 3.24 13.68
CA PRO C 106 -53.13 2.53 13.35
C PRO C 106 -53.97 2.17 14.56
N ILE C 107 -53.34 1.96 15.72
CA ILE C 107 -54.10 1.63 16.93
C ILE C 107 -54.94 2.81 17.41
N TYR C 108 -54.66 4.02 16.91
CA TYR C 108 -55.39 5.22 17.29
C TYR C 108 -56.43 5.62 16.25
N ARG C 109 -56.75 4.75 15.30
CA ARG C 109 -57.67 5.08 14.21
C ARG C 109 -59.11 4.94 14.70
N PHE C 110 -59.51 5.90 15.53
CA PHE C 110 -60.88 6.02 15.99
C PHE C 110 -61.51 7.24 15.34
N GLU C 111 -62.70 7.07 14.76
CA GLU C 111 -63.36 8.18 14.09
C GLU C 111 -63.67 9.31 15.07
N ARG C 112 -64.07 8.96 16.29
CA ARG C 112 -64.29 9.98 17.31
C ARG C 112 -63.05 10.79 17.59
N ILE C 113 -61.86 10.17 17.51
CA ILE C 113 -60.61 10.90 17.72
C ILE C 113 -60.43 11.96 16.63
N ARG C 114 -60.86 11.66 15.40
CA ARG C 114 -60.60 12.55 14.29
C ARG C 114 -61.39 13.86 14.41
N GLU C 115 -62.68 13.77 14.75
CA GLU C 115 -63.44 15.00 14.95
C GLU C 115 -63.03 15.70 16.25
N LEU C 116 -62.65 14.92 17.27
CA LEU C 116 -62.23 15.51 18.53
C LEU C 116 -60.95 16.34 18.35
N MET C 117 -60.00 15.84 17.56
CA MET C 117 -58.77 16.57 17.32
C MET C 117 -59.03 17.84 16.52
N ASN C 118 -59.88 17.77 15.49
CA ASN C 118 -60.17 18.94 14.67
C ASN C 118 -61.20 19.87 15.30
N LYS C 119 -61.83 19.47 16.40
CA LYS C 119 -62.79 20.33 17.07
C LYS C 119 -62.05 21.45 17.79
N GLU C 120 -62.64 22.66 17.76
CA GLU C 120 -61.95 23.83 18.28
C GLU C 120 -61.82 23.77 19.80
N LYS C 121 -62.89 23.45 20.50
CA LYS C 121 -62.85 23.32 21.95
C LYS C 121 -63.69 22.12 22.37
N LEU C 122 -63.36 21.57 23.54
CA LEU C 122 -63.92 20.31 24.00
C LEU C 122 -64.70 20.55 25.30
N ASN C 123 -65.91 20.01 25.37
CA ASN C 123 -66.69 20.03 26.60
C ASN C 123 -66.40 18.76 27.41
N ARG C 124 -67.12 18.59 28.52
CA ARG C 124 -66.83 17.49 29.43
C ARG C 124 -66.95 16.13 28.75
N GLU C 125 -68.06 15.91 28.04
CA GLU C 125 -68.26 14.63 27.37
C GLU C 125 -67.33 14.44 26.18
N GLU C 126 -66.86 15.53 25.57
CA GLU C 126 -65.87 15.40 24.50
C GLU C 126 -64.50 15.01 25.06
N LEU C 127 -64.08 15.65 26.16
CA LEU C 127 -62.84 15.25 26.81
C LEU C 127 -62.94 13.85 27.41
N LEU C 128 -64.12 13.48 27.92
CA LEU C 128 -64.29 12.15 28.49
C LEU C 128 -64.08 11.07 27.43
N ASP C 129 -64.59 11.32 26.21
CA ASP C 129 -64.28 10.43 25.10
C ASP C 129 -62.79 10.44 24.80
N LEU C 130 -62.16 11.62 24.85
CA LEU C 130 -60.72 11.70 24.59
C LEU C 130 -59.92 10.92 25.62
N GLN C 131 -60.31 11.01 26.90
CA GLN C 131 -59.65 10.21 27.92
C GLN C 131 -59.86 8.73 27.66
N THR C 132 -61.11 8.33 27.42
CA THR C 132 -61.43 6.91 27.26
C THR C 132 -60.88 6.35 25.95
N LEU C 133 -60.95 7.12 24.87
CA LEU C 133 -60.44 6.62 23.60
C LEU C 133 -58.92 6.49 23.62
N ASN C 134 -58.23 7.38 24.34
CA ASN C 134 -56.79 7.22 24.50
C ASN C 134 -56.46 5.91 25.21
N LEU C 135 -57.19 5.61 26.29
CA LEU C 135 -56.97 4.36 27.01
C LEU C 135 -57.28 3.15 26.12
N LEU C 136 -58.38 3.22 25.37
CA LEU C 136 -58.82 2.08 24.57
C LEU C 136 -57.88 1.78 23.42
N ALA C 137 -57.11 2.76 22.96
CA ALA C 137 -56.17 2.50 21.88
C ALA C 137 -55.13 1.48 22.29
N TRP C 138 -54.62 1.59 23.52
CA TRP C 138 -53.61 0.66 24.03
C TRP C 138 -54.27 -0.55 24.68
N CYS C 139 -55.05 -1.29 23.88
CA CYS C 139 -55.76 -2.45 24.36
C CYS C 139 -55.08 -3.72 23.88
N GLY C 140 -54.77 -4.62 24.81
CA GLY C 140 -54.11 -5.87 24.47
C GLY C 140 -55.07 -6.87 23.85
N ARG C 141 -54.49 -8.01 23.46
CA ARG C 141 -55.29 -9.07 22.85
C ARG C 141 -56.30 -9.64 23.83
N THR C 142 -55.90 -9.84 25.08
CA THR C 142 -56.77 -10.48 26.07
C THR C 142 -57.97 -9.62 26.38
N LEU C 143 -57.75 -8.33 26.67
CA LEU C 143 -58.82 -7.44 27.10
C LEU C 143 -59.66 -6.90 25.95
N ARG C 144 -59.19 -7.04 24.71
CA ARG C 144 -59.99 -6.61 23.56
C ARG C 144 -61.27 -7.42 23.44
N LYS C 145 -61.24 -8.70 23.88
CA LYS C 145 -62.42 -9.54 23.84
C LYS C 145 -63.46 -9.07 24.84
N ASP C 146 -63.03 -8.81 26.09
CA ASP C 146 -63.97 -8.49 27.15
C ASP C 146 -64.53 -7.07 27.01
N LEU C 147 -63.77 -6.15 26.43
CA LEU C 147 -64.17 -4.77 26.29
C LEU C 147 -64.80 -4.47 24.93
N LYS C 148 -65.22 -5.52 24.21
CA LYS C 148 -65.57 -5.35 22.80
C LYS C 148 -66.71 -4.36 22.60
N ASP C 149 -67.73 -4.40 23.45
CA ASP C 149 -68.85 -3.46 23.29
C ASP C 149 -68.40 -2.03 23.46
N LEU C 150 -67.50 -1.77 24.42
CA LEU C 150 -67.02 -0.41 24.63
C LEU C 150 -66.26 0.10 23.42
N LEU C 151 -65.39 -0.72 22.84
CA LEU C 151 -64.70 -0.32 21.61
C LEU C 151 -65.68 -0.10 20.47
N ASN C 152 -66.67 -1.00 20.32
CA ASN C 152 -67.62 -0.86 19.23
C ASN C 152 -68.47 0.39 19.37
N LYS C 153 -68.67 0.88 20.60
CA LYS C 153 -69.42 2.11 20.80
C LYS C 153 -68.75 3.28 20.10
N GLY C 154 -67.44 3.44 20.30
CA GLY C 154 -66.65 4.43 19.61
C GLY C 154 -66.72 5.83 20.17
N ARG C 155 -67.68 6.12 21.05
CA ARG C 155 -67.90 7.46 21.57
C ARG C 155 -68.87 7.35 22.75
N ASN C 156 -69.28 8.51 23.28
CA ASN C 156 -70.30 8.59 24.31
C ASN C 156 -69.95 7.74 25.53
N TYR C 157 -68.69 7.81 25.94
CA TYR C 157 -68.25 7.11 27.14
C TYR C 157 -68.55 7.93 28.38
N THR C 158 -68.79 7.24 29.49
CA THR C 158 -69.06 7.87 30.77
C THR C 158 -67.88 7.64 31.71
N GLN C 159 -67.91 8.35 32.84
CA GLN C 159 -66.83 8.21 33.83
C GLN C 159 -66.80 6.80 34.40
N GLU C 160 -67.98 6.22 34.68
CA GLU C 160 -68.01 4.84 35.15
C GLU C 160 -67.48 3.86 34.10
N GLU C 161 -67.81 4.11 32.83
CA GLU C 161 -67.25 3.29 31.76
C GLU C 161 -65.75 3.43 31.69
N LYS C 162 -65.24 4.67 31.79
CA LYS C 162 -63.80 4.90 31.70
C LYS C 162 -63.06 4.30 32.89
N GLU C 163 -63.59 4.49 34.11
CA GLU C 163 -62.96 3.89 35.28
C GLU C 163 -63.04 2.38 35.25
N TYR C 164 -64.05 1.83 34.55
CA TYR C 164 -64.09 0.39 34.34
C TYR C 164 -62.91 -0.08 33.51
N VAL C 165 -62.59 0.67 32.44
CA VAL C 165 -61.43 0.33 31.62
C VAL C 165 -60.15 0.43 32.44
N LEU C 166 -60.02 1.49 33.25
CA LEU C 166 -58.87 1.61 34.13
C LEU C 166 -58.79 0.44 35.10
N ASN C 167 -59.95 0.02 35.63
CA ASN C 167 -59.97 -1.13 36.53
C ASN C 167 -59.53 -2.40 35.82
N LYS C 168 -60.00 -2.62 34.59
CA LYS C 168 -59.59 -3.80 33.84
C LYS C 168 -58.14 -3.71 33.40
N TYR C 169 -57.65 -2.51 33.13
CA TYR C 169 -56.26 -2.34 32.73
C TYR C 169 -55.31 -2.64 33.89
N PHE C 170 -55.70 -2.25 35.10
CA PHE C 170 -54.84 -2.48 36.27
C PHE C 170 -54.82 -3.96 36.67
N GLU C 171 -55.91 -4.69 36.38
CA GLU C 171 -55.90 -6.13 36.62
C GLU C 171 -54.83 -6.81 35.78
N ILE C 172 -54.65 -6.35 34.54
CA ILE C 172 -53.61 -6.90 33.67
C ILE C 172 -52.23 -6.63 34.24
N ILE C 173 -52.04 -5.46 34.85
CA ILE C 173 -50.74 -5.11 35.42
C ILE C 173 -50.37 -6.05 36.56
N LYS C 174 -51.33 -6.36 37.44
CA LYS C 174 -51.05 -7.26 38.56
C LYS C 174 -50.77 -8.68 38.08
N LYS C 175 -51.33 -9.08 36.94
CA LYS C 175 -51.08 -10.39 36.38
C LYS C 175 -49.87 -10.44 35.46
N THR C 176 -49.19 -9.30 35.27
CA THR C 176 -48.09 -9.26 34.29
C THR C 176 -46.91 -10.09 34.76
N LEU C 177 -46.47 -9.92 36.00
CA LEU C 177 -45.36 -10.73 36.50
C LEU C 177 -45.78 -12.17 36.76
N SER C 178 -47.08 -12.42 36.97
CA SER C 178 -47.55 -13.78 37.20
C SER C 178 -47.41 -14.64 35.95
N ILE C 179 -47.70 -14.07 34.77
CA ILE C 179 -47.70 -14.87 33.56
C ILE C 179 -46.28 -15.26 33.16
N TYR C 180 -45.29 -14.42 33.46
CA TYR C 180 -43.92 -14.77 33.12
C TYR C 180 -43.42 -15.95 33.96
N ARG C 181 -43.79 -16.00 35.23
CA ARG C 181 -43.48 -17.17 36.04
C ARG C 181 -44.20 -18.40 35.52
N GLU C 182 -45.43 -18.22 35.02
CA GLU C 182 -46.22 -19.35 34.54
C GLU C 182 -45.55 -20.03 33.35
N ILE C 183 -45.09 -19.26 32.37
CA ILE C 183 -44.49 -19.86 31.18
C ILE C 183 -43.15 -20.48 31.52
N LYS C 184 -42.38 -19.84 32.40
CA LYS C 184 -41.09 -20.38 32.81
C LYS C 184 -41.26 -21.71 33.53
N GLU C 185 -42.20 -21.77 34.48
CA GLU C 185 -42.39 -22.99 35.27
C GLU C 185 -42.95 -24.12 34.42
N GLU C 186 -43.92 -23.82 33.55
CA GLU C 186 -44.53 -24.84 32.71
C GLU C 186 -43.69 -25.22 31.50
N GLY C 187 -42.56 -24.54 31.29
CA GLY C 187 -41.66 -24.88 30.21
C GLY C 187 -41.99 -24.28 28.86
N LYS C 188 -43.02 -23.45 28.77
CA LYS C 188 -43.37 -22.83 27.49
C LYS C 188 -42.31 -21.85 27.01
N GLY C 189 -41.45 -21.37 27.90
CA GLY C 189 -40.40 -20.44 27.51
C GLY C 189 -39.43 -20.22 28.65
N SER C 190 -38.38 -19.47 28.34
CA SER C 190 -37.34 -19.11 29.30
C SER C 190 -37.31 -17.60 29.46
N VAL C 191 -37.14 -17.13 30.69
CA VAL C 191 -37.09 -15.71 31.01
C VAL C 191 -35.66 -15.35 31.35
N SER C 192 -35.16 -14.29 30.73
CA SER C 192 -33.83 -13.76 30.95
C SER C 192 -33.92 -12.33 31.48
N THR C 193 -32.76 -11.73 31.75
CA THR C 193 -32.70 -10.38 32.27
C THR C 193 -31.52 -9.65 31.63
N SER C 194 -31.32 -8.41 32.05
CA SER C 194 -30.21 -7.57 31.62
C SER C 194 -29.66 -6.89 32.87
N PRO C 195 -28.49 -6.25 32.78
CA PRO C 195 -28.06 -5.39 33.89
C PRO C 195 -29.15 -4.38 34.24
N TYR C 196 -29.15 -3.95 35.51
CA TYR C 196 -30.36 -3.45 36.14
C TYR C 196 -31.03 -2.34 35.35
N TYR C 197 -30.29 -1.29 35.02
CA TYR C 197 -30.87 -0.12 34.36
C TYR C 197 -30.46 -0.01 32.90
N HIS C 198 -30.37 -1.15 32.22
CA HIS C 198 -30.06 -1.21 30.80
C HIS C 198 -28.84 -0.36 30.40
N PRO C 199 -27.70 -0.56 31.06
CA PRO C 199 -26.51 0.24 30.73
C PRO C 199 -25.71 -0.38 29.59
N LEU C 200 -24.79 0.43 29.06
CA LEU C 200 -23.86 -0.04 28.04
C LEU C 200 -22.62 -0.56 28.77
N ILE C 201 -22.67 -1.84 29.15
CA ILE C 201 -21.60 -2.41 29.98
C ILE C 201 -20.23 -2.29 29.34
N PRO C 202 -20.03 -2.54 28.04
CA PRO C 202 -18.67 -2.39 27.48
C PRO C 202 -18.07 -1.01 27.71
N ILE C 203 -18.87 0.05 27.58
CA ILE C 203 -18.36 1.39 27.83
C ILE C 203 -18.05 1.57 29.30
N LEU C 204 -18.88 1.00 30.18
CA LEU C 204 -18.63 1.11 31.62
C LEU C 204 -17.32 0.45 32.02
N LEU C 205 -17.04 -0.73 31.46
CA LEU C 205 -15.83 -1.45 31.83
C LEU C 205 -14.59 -0.79 31.22
N ASN C 206 -14.62 -0.54 29.91
CA ASN C 206 -13.48 0.02 29.19
C ASN C 206 -14.03 0.93 28.10
N PRO C 207 -14.03 2.24 28.32
CA PRO C 207 -14.54 3.17 27.29
C PRO C 207 -13.78 3.09 25.98
N ASN C 208 -12.59 2.51 25.97
CA ASN C 208 -11.81 2.39 24.74
C ASN C 208 -12.40 1.37 23.76
N CYS C 209 -13.44 0.64 24.15
CA CYS C 209 -14.06 -0.33 23.26
C CYS C 209 -14.75 0.33 22.07
N VAL C 210 -15.09 1.62 22.17
CA VAL C 210 -15.71 2.30 21.03
C VAL C 210 -14.75 2.40 19.86
N TYR C 211 -13.45 2.27 20.09
CA TYR C 211 -12.45 2.41 19.04
C TYR C 211 -12.22 1.13 18.25
N GLU C 212 -12.83 0.01 18.65
CA GLU C 212 -12.73 -1.21 17.87
C GLU C 212 -13.50 -1.09 16.55
N THR C 213 -14.54 -0.26 16.53
CA THR C 213 -15.35 -0.07 15.33
C THR C 213 -15.37 1.36 14.82
N THR C 214 -15.04 2.35 15.64
CA THR C 214 -14.95 3.75 15.22
C THR C 214 -13.64 4.35 15.74
N PRO C 215 -12.53 4.15 15.02
CA PRO C 215 -11.21 4.52 15.58
C PRO C 215 -10.91 6.01 15.55
N ASN C 216 -11.89 6.84 15.19
CA ASN C 216 -11.64 8.28 15.10
C ASN C 216 -12.68 9.12 15.84
N VAL C 217 -13.58 8.50 16.61
CA VAL C 217 -14.56 9.28 17.36
C VAL C 217 -13.87 10.01 18.51
N LYS C 218 -14.46 11.13 18.91
CA LYS C 218 -14.02 11.88 20.09
C LYS C 218 -15.01 11.60 21.21
N ILE C 219 -14.50 11.09 22.33
CA ILE C 219 -15.32 10.82 23.49
C ILE C 219 -14.68 11.54 24.69
N PRO C 220 -15.45 11.94 25.69
CA PRO C 220 -14.85 12.63 26.84
C PRO C 220 -13.90 11.73 27.60
N ASP C 221 -12.99 12.36 28.34
CA ASP C 221 -11.99 11.63 29.12
C ASP C 221 -12.63 11.06 30.38
N PHE C 222 -12.66 9.73 30.48
CA PHE C 222 -13.27 9.05 31.62
C PHE C 222 -12.28 9.03 32.77
N ALA C 223 -12.27 10.11 33.56
CA ALA C 223 -11.39 10.20 34.72
C ALA C 223 -11.78 9.21 35.81
N VAL C 224 -12.97 8.64 35.75
CA VAL C 224 -13.45 7.70 36.75
C VAL C 224 -13.61 6.34 36.09
N SER C 225 -13.51 5.30 36.92
CA SER C 225 -13.72 3.92 36.46
C SER C 225 -15.11 3.50 36.90
N PHE C 226 -16.00 3.27 35.92
CA PHE C 226 -17.30 2.67 36.15
C PHE C 226 -17.24 1.15 36.18
N ARG C 227 -16.04 0.58 36.33
CA ARG C 227 -15.89 -0.87 36.30
C ARG C 227 -16.64 -1.52 37.45
N GLU C 228 -16.56 -0.94 38.64
CA GLU C 228 -17.25 -1.51 39.80
C GLU C 228 -18.76 -1.38 39.68
N ASP C 229 -19.24 -0.35 38.99
CA ASP C 229 -20.67 -0.19 38.77
C ASP C 229 -21.21 -1.15 37.72
N ALA C 230 -20.37 -1.60 36.78
CA ALA C 230 -20.80 -2.62 35.84
C ALA C 230 -21.09 -3.94 36.55
N SER C 231 -20.31 -4.26 37.58
CA SER C 231 -20.60 -5.45 38.38
C SER C 231 -21.85 -5.26 39.24
N LYS C 232 -22.10 -4.04 39.72
CA LYS C 232 -23.33 -3.78 40.45
C LYS C 232 -24.56 -4.01 39.58
N HIS C 233 -24.49 -3.60 38.32
CA HIS C 233 -25.63 -3.78 37.41
C HIS C 233 -25.98 -5.25 37.22
N VAL C 234 -24.96 -6.10 37.08
CA VAL C 234 -25.21 -7.52 36.85
C VAL C 234 -25.65 -8.19 38.15
N GLU C 235 -24.94 -7.92 39.25
CA GLU C 235 -25.27 -8.60 40.51
C GLU C 235 -26.65 -8.22 41.01
N LEU C 236 -27.00 -6.93 40.95
CA LEU C 236 -28.32 -6.51 41.39
C LEU C 236 -29.42 -7.08 40.49
N ALA C 237 -29.13 -7.26 39.21
CA ALA C 237 -30.09 -7.87 38.30
C ALA C 237 -30.40 -9.30 38.71
N LYS C 238 -29.37 -10.07 39.08
CA LYS C 238 -29.57 -11.45 39.48
C LYS C 238 -30.41 -11.56 40.74
N GLU C 239 -30.17 -10.66 41.71
CA GLU C 239 -30.95 -10.70 42.94
C GLU C 239 -32.40 -10.33 42.68
N LYS C 240 -32.64 -9.34 41.80
CA LYS C 240 -34.00 -9.00 41.43
C LYS C 240 -34.67 -10.14 40.67
N TYR C 241 -33.91 -10.85 39.82
CA TYR C 241 -34.44 -12.03 39.15
C TYR C 241 -34.78 -13.11 40.18
N PHE C 242 -33.95 -13.27 41.20
CA PHE C 242 -34.23 -14.26 42.24
C PHE C 242 -35.51 -13.93 42.99
N GLU C 243 -35.78 -12.64 43.19
CA GLU C 243 -37.01 -12.24 43.88
C GLU C 243 -38.25 -12.68 43.10
N ILE C 244 -38.22 -12.56 41.78
CA ILE C 244 -39.39 -12.88 40.98
C ILE C 244 -39.51 -14.39 40.77
N PHE C 245 -38.46 -15.02 40.26
CA PHE C 245 -38.53 -16.40 39.80
C PHE C 245 -37.91 -17.40 40.77
N GLY C 246 -37.39 -16.96 41.91
CA GLY C 246 -36.90 -17.86 42.93
C GLY C 246 -35.60 -18.56 42.62
N GLU C 247 -35.00 -18.29 41.46
CA GLU C 247 -33.73 -18.89 41.06
C GLU C 247 -32.85 -17.81 40.45
N HIS C 248 -31.54 -18.06 40.45
CA HIS C 248 -30.64 -17.10 39.83
C HIS C 248 -30.71 -17.23 38.30
N PRO C 249 -30.60 -16.11 37.58
CA PRO C 249 -30.67 -16.21 36.11
C PRO C 249 -29.42 -16.82 35.52
N VAL C 250 -29.61 -17.64 34.49
CA VAL C 250 -28.51 -18.23 33.76
C VAL C 250 -28.31 -17.59 32.38
N TYR C 251 -29.36 -17.04 31.79
CA TYR C 251 -29.30 -16.42 30.48
C TYR C 251 -29.55 -14.92 30.60
N MET C 252 -28.73 -14.14 29.91
CA MET C 252 -28.77 -12.69 30.05
C MET C 252 -28.72 -12.07 28.66
N TRP C 253 -29.47 -10.98 28.48
CA TRP C 253 -29.45 -10.25 27.22
C TRP C 253 -28.67 -8.96 27.40
N PRO C 254 -27.53 -8.80 26.73
CA PRO C 254 -26.77 -7.55 26.87
C PRO C 254 -27.57 -6.39 26.31
N PRO C 255 -27.70 -5.30 27.06
CA PRO C 255 -28.48 -4.17 26.57
C PRO C 255 -27.93 -3.66 25.24
N GLU C 256 -28.83 -3.44 24.29
CA GLU C 256 -28.49 -3.07 22.91
C GLU C 256 -27.57 -4.09 22.26
N ALA C 257 -27.60 -5.34 22.73
CA ALA C 257 -26.73 -6.41 22.27
C ALA C 257 -25.25 -6.07 22.40
N SER C 258 -24.91 -5.08 23.23
CA SER C 258 -23.53 -4.60 23.32
C SER C 258 -22.67 -5.65 24.02
N VAL C 259 -21.63 -6.11 23.34
CA VAL C 259 -20.72 -7.12 23.86
C VAL C 259 -19.29 -6.64 23.70
N SER C 260 -18.42 -7.20 24.55
CA SER C 260 -17.00 -6.91 24.52
C SER C 260 -16.26 -8.09 25.12
N ASN C 261 -14.97 -8.20 24.78
CA ASN C 261 -14.16 -9.24 25.41
C ASN C 261 -14.14 -9.08 26.91
N GLU C 262 -13.99 -7.84 27.39
CA GLU C 262 -14.08 -7.57 28.82
C GLU C 262 -15.50 -7.74 29.33
N ALA C 263 -16.50 -7.39 28.51
CA ALA C 263 -17.90 -7.55 28.92
C ALA C 263 -18.26 -9.02 29.06
N LEU C 264 -17.80 -9.86 28.12
CA LEU C 264 -18.12 -11.28 28.18
C LEU C 264 -17.46 -11.95 29.39
N GLU C 265 -16.26 -11.51 29.76
CA GLU C 265 -15.62 -12.04 30.95
C GLU C 265 -16.46 -11.78 32.19
N LEU C 266 -16.99 -10.56 32.31
CA LEU C 266 -17.80 -10.23 33.48
C LEU C 266 -19.08 -11.07 33.52
N TYR C 267 -19.71 -11.26 32.36
CA TYR C 267 -20.92 -12.09 32.30
C TYR C 267 -20.62 -13.51 32.75
N TYR C 268 -19.50 -14.07 32.30
CA TYR C 268 -19.12 -15.41 32.74
C TYR C 268 -18.76 -15.42 34.22
N GLU C 269 -18.11 -14.36 34.71
CA GLU C 269 -17.74 -14.29 36.12
C GLU C 269 -18.95 -14.19 37.04
N LYS C 270 -20.09 -13.73 36.52
CA LYS C 270 -21.30 -13.57 37.31
C LYS C 270 -22.25 -14.74 37.18
N GLY C 271 -21.81 -15.85 36.58
CA GLY C 271 -22.61 -17.03 36.47
C GLY C 271 -23.55 -17.11 35.29
N ILE C 272 -23.43 -16.19 34.33
CA ILE C 272 -24.24 -16.25 33.12
C ILE C 272 -23.66 -17.32 32.19
N ASN C 273 -24.53 -18.23 31.73
CA ASN C 273 -24.10 -19.31 30.85
C ASN C 273 -24.19 -18.96 29.38
N MET C 274 -25.05 -18.02 28.99
CA MET C 274 -25.27 -17.76 27.58
C MET C 274 -25.84 -16.36 27.40
N LEU C 275 -25.46 -15.72 26.29
CA LEU C 275 -26.07 -14.47 25.84
C LEU C 275 -26.14 -14.48 24.32
N ALA C 276 -26.82 -13.47 23.78
CA ALA C 276 -26.99 -13.32 22.35
C ALA C 276 -26.62 -11.90 21.93
N THR C 277 -26.32 -11.72 20.65
CA THR C 277 -25.89 -10.43 20.13
C THR C 277 -26.15 -10.41 18.63
N ASP C 278 -25.89 -9.25 18.02
CA ASP C 278 -26.19 -9.06 16.61
C ASP C 278 -25.17 -9.77 15.73
N GLU C 279 -25.61 -10.17 14.53
CA GLU C 279 -24.70 -10.81 13.58
C GLU C 279 -23.73 -9.82 12.96
N VAL C 280 -24.01 -8.52 13.05
CA VAL C 280 -23.03 -7.51 12.63
C VAL C 280 -21.78 -7.62 13.49
N ILE C 281 -21.96 -7.92 14.79
CA ILE C 281 -20.81 -8.21 15.65
C ILE C 281 -20.09 -9.46 15.16
N LEU C 282 -20.85 -10.47 14.73
CA LEU C 282 -20.23 -11.69 14.21
C LEU C 282 -19.38 -11.40 12.99
N LYS C 283 -19.86 -10.53 12.10
CA LYS C 283 -19.13 -10.25 10.87
C LYS C 283 -17.79 -9.59 11.17
N ASN C 284 -17.75 -8.64 12.11
CA ASN C 284 -16.50 -7.98 12.45
C ASN C 284 -15.57 -8.86 13.29
N SER C 285 -16.09 -9.91 13.91
CA SER C 285 -15.32 -10.72 14.84
C SER C 285 -14.76 -11.99 14.20
N VAL C 286 -15.49 -12.62 13.30
CA VAL C 286 -15.08 -13.87 12.68
C VAL C 286 -15.06 -13.68 11.17
N GLU C 287 -14.07 -14.28 10.51
CA GLU C 287 -13.80 -14.04 9.10
C GLU C 287 -15.01 -14.35 8.22
N ARG C 288 -15.41 -15.62 8.13
CA ARG C 288 -16.56 -16.04 7.33
C ARG C 288 -17.42 -16.93 8.22
N ALA C 289 -18.33 -16.31 8.97
CA ALA C 289 -19.06 -17.01 10.03
C ALA C 289 -20.56 -17.00 9.75
N SER C 290 -21.21 -18.08 10.16
CA SER C 290 -22.65 -18.28 10.06
C SER C 290 -23.31 -18.02 11.40
N PRO C 291 -24.33 -17.16 11.47
CA PRO C 291 -25.02 -16.93 12.75
C PRO C 291 -25.87 -18.10 13.21
N TYR C 292 -25.93 -19.18 12.43
CA TYR C 292 -26.77 -20.33 12.73
C TYR C 292 -26.02 -21.41 13.51
N LEU C 293 -24.91 -21.05 14.14
CA LEU C 293 -24.15 -21.95 14.99
C LEU C 293 -24.20 -21.46 16.43
N ARG C 294 -23.63 -22.25 17.34
CA ARG C 294 -23.39 -21.82 18.71
C ARG C 294 -21.91 -21.57 18.89
N TYR C 295 -21.56 -20.40 19.42
CA TYR C 295 -20.17 -20.02 19.58
C TYR C 295 -19.81 -20.04 21.06
N TYR C 296 -18.66 -20.63 21.37
CA TYR C 296 -18.12 -20.64 22.73
C TYR C 296 -17.03 -19.58 22.82
N PHE C 297 -17.17 -18.67 23.77
CA PHE C 297 -16.20 -17.60 23.96
C PHE C 297 -15.13 -18.09 24.93
N ARG C 298 -13.98 -18.51 24.38
CA ARG C 298 -12.83 -18.95 25.16
C ARG C 298 -13.19 -20.15 26.06
N GLU C 299 -14.18 -20.93 25.65
CA GLU C 299 -14.72 -22.07 26.39
C GLU C 299 -15.41 -21.66 27.69
N LEU C 300 -15.48 -20.36 27.99
CA LEU C 300 -16.05 -19.89 29.24
C LEU C 300 -17.56 -19.66 29.14
N ILE C 301 -17.98 -18.91 28.12
CA ILE C 301 -19.38 -18.55 27.94
C ILE C 301 -19.77 -18.86 26.50
N SER C 302 -21.06 -19.06 26.29
CA SER C 302 -21.61 -19.40 24.98
C SER C 302 -22.45 -18.25 24.45
N VAL C 303 -22.28 -17.93 23.18
CA VAL C 303 -22.94 -16.79 22.56
C VAL C 303 -23.61 -17.24 21.26
N PHE C 304 -24.85 -16.81 21.07
CA PHE C 304 -25.57 -16.93 19.81
C PHE C 304 -25.62 -15.57 19.13
N PHE C 305 -25.84 -15.58 17.82
CA PHE C 305 -25.91 -14.35 17.04
C PHE C 305 -27.25 -14.27 16.33
N ARG C 306 -28.00 -13.20 16.61
CA ARG C 306 -29.32 -13.02 16.04
C ARG C 306 -29.24 -12.81 14.53
N ASP C 307 -30.30 -13.18 13.84
CA ASP C 307 -30.42 -12.93 12.40
C ASP C 307 -30.95 -11.52 12.22
N LYS C 308 -30.09 -10.61 11.75
CA LYS C 308 -30.48 -9.20 11.64
C LYS C 308 -31.62 -9.03 10.63
N THR C 309 -31.56 -9.72 9.49
CA THR C 309 -32.58 -9.56 8.47
C THR C 309 -33.94 -10.00 8.99
N LEU C 310 -34.02 -11.19 9.59
CA LEU C 310 -35.30 -11.71 10.06
C LEU C 310 -35.87 -10.88 11.20
N SER C 311 -35.03 -10.50 12.16
CA SER C 311 -35.51 -9.74 13.32
C SER C 311 -35.96 -8.34 12.92
N ASP C 312 -35.17 -7.65 12.08
CA ASP C 312 -35.56 -6.31 11.67
C ASP C 312 -36.78 -6.31 10.77
N LEU C 313 -37.08 -7.43 10.11
CA LEU C 313 -38.28 -7.52 9.29
C LEU C 313 -39.54 -7.33 10.12
N ILE C 314 -39.62 -8.02 11.26
CA ILE C 314 -40.76 -7.85 12.14
C ILE C 314 -40.73 -6.47 12.79
N GLY C 315 -39.54 -6.00 13.16
CA GLY C 315 -39.44 -4.75 13.89
C GLY C 315 -39.84 -3.54 13.08
N PHE C 316 -39.48 -3.52 11.80
CA PHE C 316 -39.66 -2.31 11.00
C PHE C 316 -40.38 -2.52 9.68
N SER C 317 -40.25 -3.71 9.09
CA SER C 317 -40.68 -3.90 7.70
C SER C 317 -42.12 -4.41 7.59
N TYR C 318 -42.46 -5.46 8.34
CA TYR C 318 -43.70 -6.20 8.09
C TYR C 318 -44.96 -5.42 8.48
N HIS C 319 -44.84 -4.27 9.15
CA HIS C 319 -46.04 -3.52 9.53
C HIS C 319 -46.82 -3.05 8.30
N ALA C 320 -46.14 -2.89 7.16
CA ALA C 320 -46.79 -2.48 5.93
C ALA C 320 -47.31 -3.64 5.11
N TRP C 321 -46.76 -4.84 5.31
CA TRP C 321 -47.22 -6.01 4.57
C TRP C 321 -48.59 -6.46 5.09
N ASN C 322 -49.27 -7.26 4.27
CA ASN C 322 -50.44 -7.97 4.75
C ASN C 322 -50.02 -9.07 5.72
N ALA C 323 -50.88 -9.33 6.71
CA ALA C 323 -50.58 -10.37 7.68
C ALA C 323 -50.38 -11.72 7.00
N GLU C 324 -51.13 -11.98 5.94
CA GLU C 324 -50.96 -13.21 5.17
C GLU C 324 -49.62 -13.23 4.46
N ASP C 325 -49.29 -12.14 3.76
CA ASP C 325 -48.04 -12.08 3.00
C ASP C 325 -46.82 -12.10 3.92
N ALA C 326 -46.90 -11.40 5.05
CA ALA C 326 -45.75 -11.28 5.94
C ALA C 326 -45.31 -12.65 6.48
N VAL C 327 -46.28 -13.48 6.89
CA VAL C 327 -45.94 -14.81 7.38
C VAL C 327 -45.34 -15.66 6.27
N ARG C 328 -45.85 -15.51 5.03
CA ARG C 328 -45.28 -16.24 3.91
C ARG C 328 -43.82 -15.87 3.69
N ASP C 329 -43.50 -14.58 3.80
CA ASP C 329 -42.12 -14.14 3.60
C ASP C 329 -41.21 -14.64 4.71
N PHE C 330 -41.67 -14.57 5.97
CA PHE C 330 -40.85 -14.99 7.09
C PHE C 330 -40.51 -16.47 7.00
N ILE C 331 -41.53 -17.31 6.83
CA ILE C 331 -41.28 -18.74 6.67
C ILE C 331 -40.53 -19.01 5.37
N GLY C 332 -40.75 -18.19 4.35
CA GLY C 332 -40.03 -18.37 3.10
C GLY C 332 -38.52 -18.23 3.28
N ARG C 333 -38.09 -17.18 3.98
CA ARG C 333 -36.67 -17.04 4.30
C ARG C 333 -36.21 -18.10 5.29
N LEU C 334 -37.09 -18.51 6.21
CA LEU C 334 -36.75 -19.59 7.12
C LEU C 334 -36.44 -20.88 6.34
N LYS C 335 -37.21 -21.15 5.29
CA LYS C 335 -36.94 -22.33 4.48
C LYS C 335 -35.60 -22.22 3.76
N LYS C 336 -35.21 -21.00 3.36
CA LYS C 336 -33.92 -20.83 2.67
C LYS C 336 -32.76 -21.20 3.59
N ILE C 337 -32.85 -20.87 4.87
CA ILE C 337 -31.80 -21.27 5.81
C ILE C 337 -31.77 -22.79 5.99
N HIS C 338 -32.92 -23.45 5.85
CA HIS C 338 -32.95 -24.90 5.98
C HIS C 338 -32.11 -25.58 4.91
N GLU C 339 -32.32 -25.21 3.65
CA GLU C 339 -31.61 -25.85 2.53
C GLU C 339 -30.20 -25.32 2.35
N SER C 340 -29.89 -24.14 2.90
CA SER C 340 -28.59 -23.52 2.64
C SER C 340 -27.45 -24.17 3.41
N VAL C 341 -27.74 -24.95 4.45
CA VAL C 341 -26.71 -25.53 5.30
C VAL C 341 -26.93 -27.04 5.39
N ASP C 342 -25.87 -27.74 5.78
CA ASP C 342 -25.90 -29.19 5.93
C ASP C 342 -26.30 -29.61 7.34
N PHE C 343 -25.87 -28.87 8.35
CA PHE C 343 -26.22 -29.17 9.74
C PHE C 343 -27.61 -28.62 10.03
N GLN C 344 -28.02 -28.62 11.30
CA GLN C 344 -29.31 -28.08 11.67
C GLN C 344 -29.12 -26.64 12.12
N PRO C 345 -29.60 -25.66 11.36
CA PRO C 345 -29.35 -24.26 11.73
C PRO C 345 -30.14 -23.86 12.97
N VAL C 346 -29.58 -22.92 13.71
CA VAL C 346 -30.24 -22.32 14.87
C VAL C 346 -30.45 -20.85 14.54
N VAL C 347 -31.71 -20.44 14.40
CA VAL C 347 -32.06 -19.08 14.04
C VAL C 347 -32.54 -18.37 15.28
N PHE C 348 -31.81 -17.33 15.70
CA PHE C 348 -32.19 -16.50 16.84
C PHE C 348 -32.82 -15.23 16.31
N VAL C 349 -34.08 -15.00 16.67
CA VAL C 349 -34.80 -13.80 16.29
C VAL C 349 -35.01 -12.98 17.56
N VAL C 350 -34.16 -11.99 17.77
CA VAL C 350 -34.16 -11.19 19.00
C VAL C 350 -34.42 -9.74 18.62
N LEU C 351 -35.49 -9.17 19.18
CA LEU C 351 -35.87 -7.80 18.90
C LEU C 351 -36.78 -7.31 20.01
N ASP C 352 -37.04 -6.01 20.01
CA ASP C 352 -37.91 -5.40 21.01
C ASP C 352 -39.32 -5.97 20.88
N GLY C 353 -39.91 -6.32 22.02
CA GLY C 353 -41.23 -6.91 22.01
C GLY C 353 -42.39 -5.95 22.21
N GLU C 354 -42.14 -4.65 22.30
CA GLU C 354 -43.20 -3.71 22.59
C GLU C 354 -43.27 -2.51 21.66
N ASN C 355 -42.21 -2.19 20.92
CA ASN C 355 -42.16 -0.94 20.16
C ASN C 355 -42.61 -1.07 18.71
N CYS C 356 -42.86 -2.27 18.21
CA CYS C 356 -43.19 -2.41 16.80
C CYS C 356 -44.67 -2.61 16.53
N TRP C 357 -45.45 -3.04 17.52
CA TRP C 357 -46.85 -3.40 17.28
C TRP C 357 -47.78 -2.21 17.21
N GLU C 358 -47.38 -1.04 17.71
CA GLU C 358 -48.25 0.14 17.60
C GLU C 358 -48.48 0.53 16.15
N TYR C 359 -47.59 0.13 15.25
CA TYR C 359 -47.68 0.47 13.84
C TYR C 359 -48.17 -0.69 12.98
N TYR C 360 -48.28 -1.89 13.55
CA TYR C 360 -49.00 -2.96 12.89
C TYR C 360 -50.50 -2.70 12.99
N GLU C 361 -51.25 -3.17 11.99
CA GLU C 361 -52.70 -3.06 12.04
C GLU C 361 -53.25 -3.96 13.13
N GLU C 362 -54.21 -3.43 13.90
CA GLU C 362 -54.81 -4.15 15.03
C GLU C 362 -53.75 -4.59 16.04
N ASN C 363 -52.73 -3.74 16.23
CA ASN C 363 -51.63 -3.99 17.16
C ASN C 363 -50.85 -5.26 16.84
N GLY C 364 -50.92 -5.73 15.60
CA GLY C 364 -50.17 -6.89 15.19
C GLY C 364 -50.76 -8.21 15.61
N ILE C 365 -51.93 -8.21 16.27
CA ILE C 365 -52.60 -9.46 16.60
C ILE C 365 -52.81 -10.35 15.38
N PRO C 366 -53.27 -9.84 14.22
CA PRO C 366 -53.36 -10.71 13.05
C PRO C 366 -52.03 -11.33 12.63
N PHE C 367 -50.94 -10.57 12.73
CA PHE C 367 -49.65 -11.11 12.31
C PHE C 367 -49.12 -12.13 13.30
N LEU C 368 -49.17 -11.82 14.60
CA LEU C 368 -48.66 -12.74 15.59
C LEU C 368 -49.48 -14.03 15.64
N GLU C 369 -50.80 -13.91 15.55
CA GLU C 369 -51.66 -15.10 15.55
C GLU C 369 -51.42 -15.95 14.31
N LYS C 370 -51.26 -15.32 13.14
CA LYS C 370 -51.01 -16.08 11.92
C LYS C 370 -49.61 -16.68 11.95
N LEU C 371 -48.62 -15.94 12.46
CA LEU C 371 -47.26 -16.45 12.50
C LEU C 371 -47.15 -17.67 13.42
N TYR C 372 -47.73 -17.58 14.62
CA TYR C 372 -47.58 -18.65 15.60
C TYR C 372 -48.37 -19.89 15.20
N SER C 373 -49.56 -19.71 14.64
CA SER C 373 -50.34 -20.86 14.18
C SER C 373 -49.69 -21.50 12.96
N THR C 374 -49.12 -20.70 12.06
CA THR C 374 -48.37 -21.26 10.94
C THR C 374 -47.12 -21.98 11.41
N LEU C 375 -46.41 -21.40 12.40
CA LEU C 375 -45.25 -22.08 12.97
C LEU C 375 -45.63 -23.42 13.59
N GLU C 376 -46.84 -23.49 14.17
CA GLU C 376 -47.32 -24.75 14.72
C GLU C 376 -47.47 -25.81 13.63
N LYS C 377 -47.99 -25.40 12.47
CA LYS C 377 -48.24 -26.37 11.39
C LYS C 377 -46.94 -26.95 10.84
N GLU C 378 -45.93 -26.10 10.63
CA GLU C 378 -44.68 -26.55 10.01
C GLU C 378 -43.92 -27.43 11.01
N GLU C 379 -43.84 -28.73 10.72
CA GLU C 379 -43.11 -29.65 11.57
C GLU C 379 -41.60 -29.53 11.41
N TRP C 380 -41.13 -28.90 10.33
CA TRP C 380 -39.70 -28.75 10.07
C TRP C 380 -39.07 -27.60 10.86
N ILE C 381 -39.86 -26.85 11.61
CA ILE C 381 -39.37 -25.81 12.51
C ILE C 381 -39.69 -26.24 13.93
N GLU C 382 -38.69 -26.25 14.80
CA GLU C 382 -38.86 -26.55 16.21
C GLU C 382 -38.53 -25.31 17.01
N THR C 383 -39.55 -24.61 17.48
CA THR C 383 -39.33 -23.50 18.38
C THR C 383 -38.79 -24.01 19.72
N LEU C 384 -37.79 -23.32 20.25
CA LEU C 384 -37.14 -23.75 21.47
C LEU C 384 -37.13 -22.62 22.49
N THR C 385 -36.94 -23.01 23.74
CA THR C 385 -36.60 -22.08 24.79
C THR C 385 -35.08 -21.86 24.81
N LEU C 386 -34.65 -20.83 25.55
CA LEU C 386 -33.22 -20.58 25.68
C LEU C 386 -32.53 -21.75 26.37
N GLU C 387 -33.19 -22.34 27.37
CA GLU C 387 -32.63 -23.52 28.01
C GLU C 387 -32.53 -24.69 27.04
N GLU C 388 -33.58 -24.92 26.25
CA GLU C 388 -33.56 -26.02 25.29
C GLU C 388 -32.46 -25.84 24.25
N ALA C 389 -32.29 -24.61 23.74
CA ALA C 389 -31.23 -24.36 22.78
C ALA C 389 -29.85 -24.64 23.36
N MET C 390 -29.71 -24.55 24.69
CA MET C 390 -28.44 -24.84 25.33
C MET C 390 -28.20 -26.35 25.44
N ARG C 391 -29.25 -27.13 25.69
CA ARG C 391 -29.07 -28.56 25.93
C ARG C 391 -28.96 -29.39 24.65
N LYS C 392 -29.52 -28.91 23.53
CA LYS C 392 -29.51 -29.70 22.31
C LYS C 392 -28.07 -29.94 21.82
N GLU C 393 -27.79 -31.17 21.42
CA GLU C 393 -26.48 -31.56 20.94
C GLU C 393 -26.40 -31.67 19.42
N ASP C 394 -27.48 -31.34 18.71
CA ASP C 394 -27.51 -31.44 17.26
C ASP C 394 -27.05 -30.17 16.56
N VAL C 395 -26.72 -29.13 17.31
CA VAL C 395 -26.25 -27.87 16.73
C VAL C 395 -24.74 -27.90 16.60
N LYS C 396 -24.23 -27.44 15.46
CA LYS C 396 -22.80 -27.30 15.29
C LYS C 396 -22.28 -26.17 16.17
N THR C 397 -21.17 -26.42 16.84
CA THR C 397 -20.61 -25.47 17.80
C THR C 397 -19.21 -25.05 17.39
N GLU C 398 -18.89 -23.78 17.63
CA GLU C 398 -17.61 -23.19 17.25
C GLU C 398 -16.99 -22.50 18.45
N VAL C 399 -15.67 -22.43 18.45
CA VAL C 399 -14.90 -21.80 19.52
C VAL C 399 -14.24 -20.54 18.97
N ILE C 400 -14.46 -19.41 19.64
CA ILE C 400 -13.87 -18.13 19.26
C ILE C 400 -13.14 -17.56 20.46
N GLU C 401 -12.15 -16.72 20.18
CA GLU C 401 -11.30 -16.17 21.22
C GLU C 401 -11.51 -14.69 21.47
N SER C 402 -12.04 -13.94 20.50
CA SER C 402 -12.17 -12.50 20.63
C SER C 402 -13.33 -12.01 19.79
N VAL C 403 -13.90 -10.87 20.19
CA VAL C 403 -14.94 -10.18 19.44
C VAL C 403 -14.57 -8.72 19.30
N LYS C 404 -15.16 -8.07 18.29
CA LYS C 404 -15.06 -6.63 18.13
C LYS C 404 -16.23 -5.97 18.86
N ALA C 405 -15.92 -5.05 19.76
CA ALA C 405 -16.93 -4.44 20.59
C ALA C 405 -17.91 -3.61 19.74
N GLY C 406 -19.19 -3.76 20.02
CA GLY C 406 -20.20 -3.01 19.30
C GLY C 406 -21.58 -3.38 19.78
N THR C 407 -22.59 -2.76 19.15
CA THR C 407 -23.99 -2.97 19.46
C THR C 407 -24.73 -3.39 18.20
N TRP C 408 -26.02 -3.68 18.34
CA TRP C 408 -26.82 -4.08 17.20
C TRP C 408 -27.22 -2.91 16.31
N PHE C 409 -26.70 -1.72 16.57
CA PHE C 409 -26.87 -0.55 15.71
C PHE C 409 -25.53 -0.28 15.04
N ASP C 410 -25.42 -0.65 13.77
CA ASP C 410 -24.22 -0.44 12.95
C ASP C 410 -22.96 -1.06 13.57
N GLY C 411 -23.11 -1.96 14.54
CA GLY C 411 -21.96 -2.58 15.16
C GLY C 411 -21.10 -1.65 15.98
N ASN C 412 -21.58 -0.44 16.29
CA ASN C 412 -20.80 0.56 17.01
C ASN C 412 -21.64 1.12 18.16
N PHE C 413 -21.05 2.06 18.89
CA PHE C 413 -21.72 2.75 19.98
C PHE C 413 -22.14 4.17 19.59
N LEU C 414 -22.13 4.47 18.29
CA LEU C 414 -22.32 5.85 17.83
C LEU C 414 -23.71 6.39 18.14
N LYS C 415 -24.65 5.56 18.53
CA LYS C 415 -25.98 6.01 18.92
C LYS C 415 -26.01 6.53 20.36
N TRP C 416 -24.95 6.32 21.14
CA TRP C 416 -24.91 6.74 22.54
C TRP C 416 -23.71 7.59 22.91
N ILE C 417 -22.71 7.72 22.03
CA ILE C 417 -21.49 8.47 22.32
C ILE C 417 -20.92 8.97 21.00
N GLY C 418 -19.91 9.83 21.09
CA GLY C 418 -19.22 10.34 19.92
C GLY C 418 -19.79 11.60 19.32
N ASN C 419 -20.93 12.07 19.82
CA ASN C 419 -21.57 13.28 19.35
C ASN C 419 -21.58 14.31 20.48
N LYS C 420 -21.50 15.59 20.10
CA LYS C 420 -21.38 16.67 21.09
C LYS C 420 -22.47 16.57 22.15
N GLU C 421 -23.72 16.41 21.72
CA GLU C 421 -24.82 16.29 22.67
C GLU C 421 -24.68 15.02 23.50
N LYS C 422 -24.38 13.89 22.84
CA LYS C 422 -24.16 12.65 23.57
C LYS C 422 -22.94 12.75 24.48
N ASN C 423 -21.85 13.32 23.97
CA ASN C 423 -20.65 13.48 24.78
C ASN C 423 -20.90 14.39 25.97
N GLU C 424 -21.78 15.39 25.81
CA GLU C 424 -22.09 16.28 26.92
C GLU C 424 -22.74 15.51 28.06
N TYR C 425 -23.64 14.57 27.74
CA TYR C 425 -24.31 13.80 28.78
C TYR C 425 -23.32 12.95 29.56
N TRP C 426 -22.35 12.35 28.87
CA TRP C 426 -21.37 11.51 29.56
C TRP C 426 -20.54 12.32 30.54
N LYS C 427 -20.14 13.55 30.16
CA LYS C 427 -19.39 14.41 31.07
C LYS C 427 -20.18 14.66 32.35
N ILE C 428 -21.50 14.81 32.24
CA ILE C 428 -22.34 14.97 33.43
C ILE C 428 -22.25 13.73 34.30
N LEU C 429 -22.30 12.55 33.68
CA LEU C 429 -22.19 11.30 34.43
C LEU C 429 -20.81 11.16 35.08
N ILE C 430 -19.75 11.48 34.34
CA ILE C 430 -18.40 11.36 34.88
C ILE C 430 -18.21 12.31 36.06
N GLU C 431 -18.64 13.56 35.91
CA GLU C 431 -18.52 14.52 37.00
C GLU C 431 -19.33 14.10 38.20
N ALA C 432 -20.55 13.62 37.99
CA ALA C 432 -21.39 13.16 39.09
C ALA C 432 -20.78 11.96 39.80
N LYS C 433 -20.22 11.03 39.03
CA LYS C 433 -19.69 9.81 39.62
C LYS C 433 -18.52 10.09 40.56
N LYS C 434 -17.77 11.16 40.32
CA LYS C 434 -16.72 11.56 41.25
C LYS C 434 -17.28 11.88 42.63
N LYS C 435 -18.50 12.41 42.68
CA LYS C 435 -19.12 12.81 43.94
C LYS C 435 -20.35 11.97 44.27
N ALA C 436 -20.64 10.94 43.48
CA ALA C 436 -21.83 10.12 43.71
C ALA C 436 -21.72 9.38 45.03
N LYS C 437 -22.82 9.32 45.76
CA LYS C 437 -22.83 8.73 47.10
C LYS C 437 -23.85 7.62 47.28
N ASN C 438 -24.78 7.42 46.34
CA ASN C 438 -25.74 6.34 46.43
C ASN C 438 -25.92 5.72 45.05
N ASP C 439 -26.76 4.68 44.98
CA ASP C 439 -26.89 3.88 43.77
C ASP C 439 -27.76 4.53 42.70
N TYR C 440 -28.25 5.75 42.91
CA TYR C 440 -28.99 6.43 41.87
C TYR C 440 -28.12 6.73 40.65
N ILE C 441 -26.79 6.70 40.82
CA ILE C 441 -25.89 6.86 39.68
C ILE C 441 -26.05 5.72 38.69
N LEU C 442 -26.51 4.56 39.17
CA LEU C 442 -26.73 3.42 38.27
C LEU C 442 -27.83 3.73 37.26
N VAL C 443 -28.89 4.42 37.70
CA VAL C 443 -29.98 4.77 36.81
C VAL C 443 -29.49 5.71 35.70
N ALA C 444 -28.64 6.67 36.07
CA ALA C 444 -28.13 7.64 35.12
C ALA C 444 -27.20 7.02 34.07
N GLU C 445 -26.76 5.78 34.28
CA GLU C 445 -25.93 5.08 33.31
C GLU C 445 -26.75 4.31 32.29
N GLY C 446 -28.07 4.44 32.31
CA GLY C 446 -28.90 3.72 31.37
C GLY C 446 -28.65 4.16 29.94
N SER C 447 -28.83 3.22 29.01
CA SER C 447 -28.61 3.52 27.60
C SER C 447 -29.65 4.50 27.06
N ASP C 448 -30.86 4.51 27.63
CA ASP C 448 -31.94 5.31 27.08
C ASP C 448 -31.65 6.81 27.15
N TRP C 449 -31.02 7.25 28.24
CA TRP C 449 -30.78 8.68 28.43
C TRP C 449 -29.87 9.24 27.34
N PHE C 450 -28.83 8.50 26.96
CA PHE C 450 -27.96 8.93 25.88
C PHE C 450 -28.56 8.68 24.50
N TRP C 451 -29.57 7.82 24.41
CA TRP C 451 -30.13 7.46 23.11
C TRP C 451 -30.82 8.66 22.45
N TRP C 452 -31.64 9.39 23.21
CA TRP C 452 -32.40 10.52 22.69
C TRP C 452 -31.63 11.82 22.75
N GLN C 453 -30.30 11.77 22.86
CA GLN C 453 -29.49 12.98 23.07
C GLN C 453 -29.00 13.48 21.71
N GLY C 454 -29.54 14.62 21.29
CA GLY C 454 -29.05 15.29 20.10
C GLY C 454 -29.36 14.61 18.78
N GLU C 455 -30.12 13.51 18.80
CA GLU C 455 -30.53 12.90 17.54
C GLU C 455 -31.38 13.90 16.77
N GLU C 456 -32.55 14.23 17.32
CA GLU C 456 -33.38 15.31 16.83
C GLU C 456 -34.06 15.97 18.02
N LYS C 457 -34.94 16.92 17.75
CA LYS C 457 -35.85 17.44 18.77
C LYS C 457 -37.07 16.52 18.88
N ALA C 458 -36.79 15.26 19.19
CA ALA C 458 -37.79 14.22 19.23
C ALA C 458 -38.79 14.51 20.35
N PRO C 459 -39.99 13.92 20.27
CA PRO C 459 -40.98 14.15 21.33
C PRO C 459 -40.50 13.63 22.67
N PHE C 460 -40.84 14.38 23.72
CA PHE C 460 -40.62 14.05 25.13
C PHE C 460 -39.15 13.96 25.52
N VAL C 461 -38.23 14.45 24.68
CA VAL C 461 -36.82 14.45 25.06
C VAL C 461 -36.57 15.41 26.22
N GLU C 462 -37.38 16.45 26.37
CA GLU C 462 -37.26 17.33 27.52
C GLU C 462 -37.58 16.59 28.81
N VAL C 463 -38.58 15.69 28.77
CA VAL C 463 -38.90 14.87 29.93
C VAL C 463 -37.77 13.88 30.22
N PHE C 464 -37.18 13.30 29.18
CA PHE C 464 -36.03 12.44 29.38
C PHE C 464 -34.84 13.24 29.92
N ASP C 465 -34.64 14.45 29.41
CA ASP C 465 -33.57 15.30 29.94
C ASP C 465 -33.82 15.65 31.40
N LYS C 466 -35.08 15.93 31.76
CA LYS C 466 -35.40 16.22 33.15
C LYS C 466 -35.12 15.01 34.04
N LEU C 467 -35.49 13.82 33.58
CA LEU C 467 -35.32 12.62 34.41
C LEU C 467 -33.84 12.28 34.59
N PHE C 468 -33.04 12.40 33.52
CA PHE C 468 -31.63 12.08 33.63
C PHE C 468 -30.91 13.02 34.61
N ARG C 469 -31.22 14.31 34.53
CA ARG C 469 -30.56 15.27 35.41
C ARG C 469 -31.03 15.14 36.84
N SER C 470 -32.27 14.67 37.05
CA SER C 470 -32.73 14.41 38.41
C SER C 470 -31.93 13.29 39.06
N PHE C 471 -31.71 12.20 38.32
CA PHE C 471 -30.93 11.09 38.88
C PHE C 471 -29.49 11.51 39.15
N VAL C 472 -28.93 12.36 38.29
CA VAL C 472 -27.57 12.85 38.49
C VAL C 472 -27.49 13.68 39.77
N ARG C 473 -28.47 14.56 40.00
CA ARG C 473 -28.48 15.34 41.23
C ARG C 473 -28.70 14.44 42.44
N ARG C 474 -29.63 13.49 42.33
CA ARG C 474 -29.96 12.64 43.47
C ARG C 474 -28.78 11.77 43.88
N ALA C 475 -28.02 11.27 42.91
CA ALA C 475 -26.90 10.38 43.19
C ALA C 475 -25.81 11.05 44.01
N GLN C 476 -25.75 12.38 44.00
CA GLN C 476 -24.75 13.12 44.77
C GLN C 476 -25.31 13.67 46.08
N GLU C 477 -26.51 13.25 46.45
CA GLU C 477 -27.08 13.67 47.73
C GLU C 477 -26.50 12.82 48.85
N LEU C 478 -26.25 13.47 49.99
CA LEU C 478 -25.67 12.80 51.13
C LEU C 478 -26.70 11.88 51.78
N GLU C 479 -26.21 10.91 52.54
CA GLU C 479 -27.07 9.86 53.07
C GLU C 479 -28.10 10.41 54.07
N HIS C 480 -27.66 11.30 54.95
CA HIS C 480 -28.49 11.73 56.07
C HIS C 480 -28.79 13.21 55.97
N HIS C 481 -29.80 13.65 56.73
CA HIS C 481 -30.07 15.08 56.85
C HIS C 481 -28.88 15.76 57.52
N HIS C 482 -28.50 16.92 56.98
CA HIS C 482 -27.33 17.63 57.47
C HIS C 482 -27.58 19.12 57.43
N HIS C 483 -26.84 19.85 58.26
CA HIS C 483 -26.83 21.30 58.26
C HIS C 483 -25.42 21.77 58.62
N HIS C 484 -25.09 22.97 58.19
CA HIS C 484 -23.75 23.51 58.43
C HIS C 484 -23.75 24.48 59.61
N MET D 1 -0.82 29.23 -13.31
CA MET D 1 0.53 29.26 -12.75
C MET D 1 1.54 29.74 -13.79
N LYS D 2 2.36 30.72 -13.38
CA LYS D 2 3.47 31.15 -14.23
C LYS D 2 4.46 30.01 -14.38
N LYS D 3 4.91 29.78 -15.62
CA LYS D 3 5.73 28.64 -15.96
C LYS D 3 7.04 29.11 -16.60
N LEU D 4 8.07 28.27 -16.47
CA LEU D 4 9.33 28.47 -17.17
C LEU D 4 9.35 27.54 -18.39
N PHE D 5 9.44 28.13 -19.58
CA PHE D 5 9.41 27.36 -20.82
C PHE D 5 10.84 26.96 -21.17
N LEU D 6 11.14 25.67 -21.06
CA LEU D 6 12.45 25.12 -21.35
C LEU D 6 12.43 24.51 -22.73
N VAL D 7 13.34 24.96 -23.59
CA VAL D 7 13.47 24.43 -24.95
C VAL D 7 14.84 23.76 -25.04
N PHE D 8 14.83 22.44 -25.19
CA PHE D 8 16.05 21.66 -25.40
C PHE D 8 16.26 21.49 -26.90
N TRP D 9 17.43 21.90 -27.38
CA TRP D 9 17.76 21.85 -28.81
C TRP D 9 19.15 21.23 -28.99
N TRP D 10 19.18 19.95 -29.31
CA TRP D 10 20.43 19.22 -29.48
C TRP D 10 20.89 19.31 -30.94
N HIS D 11 22.12 19.75 -31.14
CA HIS D 11 22.70 19.93 -32.47
C HIS D 11 23.56 18.73 -32.82
N MET D 12 23.16 18.00 -33.87
CA MET D 12 23.88 16.83 -34.34
C MET D 12 24.45 17.12 -35.72
N HIS D 13 25.76 16.95 -35.86
CA HIS D 13 26.43 17.25 -37.13
C HIS D 13 27.72 16.45 -37.22
N GLN D 14 28.08 16.07 -38.45
CA GLN D 14 29.37 15.46 -38.75
C GLN D 14 29.79 15.92 -40.13
N PRO D 15 31.06 16.28 -40.32
CA PRO D 15 31.55 16.65 -41.65
C PRO D 15 31.52 15.45 -42.58
N LEU D 16 31.82 15.72 -43.85
CA LEU D 16 31.87 14.66 -44.85
C LEU D 16 33.22 13.97 -44.74
N TYR D 17 33.23 12.77 -44.16
CA TYR D 17 34.44 11.98 -44.02
C TYR D 17 34.71 11.12 -45.24
N ARG D 18 33.81 11.12 -46.23
CA ARG D 18 33.94 10.28 -47.41
C ARG D 18 34.84 10.97 -48.42
N GLU D 19 36.01 10.41 -48.65
CA GLU D 19 36.93 10.99 -49.62
C GLU D 19 36.30 10.99 -51.00
N PRO D 20 36.43 12.08 -51.77
CA PRO D 20 35.70 12.14 -53.06
C PRO D 20 36.24 11.18 -54.11
N TYR D 21 37.56 10.98 -54.17
CA TYR D 21 38.13 10.13 -55.21
C TYR D 21 38.03 8.66 -54.85
N THR D 22 38.52 8.28 -53.66
CA THR D 22 38.52 6.88 -53.25
C THR D 22 37.14 6.40 -52.81
N GLY D 23 36.34 7.28 -52.20
CA GLY D 23 35.08 6.87 -51.63
C GLY D 23 35.17 6.27 -50.24
N GLU D 24 36.34 6.36 -49.61
CA GLU D 24 36.57 5.75 -48.30
C GLU D 24 36.31 6.76 -47.20
N TYR D 25 35.59 6.33 -46.17
CA TYR D 25 35.37 7.16 -44.98
C TYR D 25 36.64 7.13 -44.14
N LEU D 26 37.37 8.25 -44.13
CA LEU D 26 38.67 8.27 -43.48
C LEU D 26 38.58 8.25 -41.96
N LEU D 27 37.45 8.67 -41.40
CA LEU D 27 37.25 8.62 -39.95
C LEU D 27 35.91 7.99 -39.63
N PRO D 28 35.82 7.26 -38.52
CA PRO D 28 34.58 6.52 -38.19
C PRO D 28 33.61 7.25 -37.29
N TRP D 29 33.80 8.55 -37.05
CA TRP D 29 33.01 9.25 -36.05
C TRP D 29 31.53 9.28 -36.40
N THR D 30 31.19 9.31 -37.69
CA THR D 30 29.78 9.25 -38.07
C THR D 30 29.13 7.95 -37.64
N PHE D 31 29.85 6.83 -37.80
CA PHE D 31 29.32 5.54 -37.36
C PHE D 31 29.27 5.45 -35.84
N PHE D 32 30.36 5.82 -35.16
CA PHE D 32 30.45 5.62 -33.73
C PHE D 32 29.45 6.49 -32.98
N HIS D 33 29.23 7.72 -33.44
CA HIS D 33 28.28 8.59 -32.78
C HIS D 33 26.83 8.23 -33.11
N ALA D 34 26.60 7.61 -34.28
CA ALA D 34 25.25 7.16 -34.61
C ALA D 34 24.80 6.03 -33.70
N VAL D 35 25.71 5.10 -33.37
CA VAL D 35 25.37 4.01 -32.46
C VAL D 35 25.37 4.44 -31.00
N LYS D 36 25.89 5.62 -30.69
CA LYS D 36 25.95 6.09 -29.32
C LYS D 36 24.87 7.13 -29.01
N ASP D 37 24.69 8.13 -29.86
CA ASP D 37 23.82 9.24 -29.50
C ASP D 37 22.76 9.56 -30.54
N TYR D 38 23.07 9.42 -31.83
CA TYR D 38 22.17 9.92 -32.86
C TYR D 38 20.81 9.23 -32.84
N TYR D 39 20.76 7.99 -32.40
CA TYR D 39 19.48 7.30 -32.24
C TYR D 39 18.99 7.31 -30.79
N ASP D 40 19.90 7.12 -29.83
CA ASP D 40 19.47 6.98 -28.44
C ASP D 40 18.98 8.31 -27.87
N MET D 41 19.59 9.41 -28.28
CA MET D 41 19.18 10.71 -27.74
C MET D 41 17.74 11.06 -28.10
N PRO D 42 17.29 10.96 -29.36
CA PRO D 42 15.85 11.15 -29.63
C PRO D 42 14.97 10.06 -29.03
N ALA D 43 15.52 8.87 -28.81
CA ALA D 43 14.75 7.77 -28.23
C ALA D 43 14.38 7.99 -26.78
N TYR D 44 14.97 9.00 -26.12
CA TYR D 44 14.54 9.35 -24.77
C TYR D 44 13.08 9.78 -24.72
N LEU D 45 12.54 10.24 -25.85
CA LEU D 45 11.17 10.75 -25.88
C LEU D 45 10.13 9.64 -25.80
N LYS D 46 10.53 8.38 -26.06
CA LYS D 46 9.62 7.26 -25.90
C LYS D 46 9.44 6.86 -24.44
N ASP D 47 10.38 7.24 -23.57
CA ASP D 47 10.34 6.86 -22.17
C ASP D 47 10.06 8.01 -21.21
N PHE D 48 10.26 9.25 -21.64
CA PHE D 48 10.01 10.42 -20.80
C PHE D 48 9.02 11.35 -21.50
N GLU D 49 8.01 11.80 -20.75
CA GLU D 49 6.97 12.68 -21.30
C GLU D 49 7.43 14.14 -21.18
N ILE D 50 8.43 14.48 -21.97
CA ILE D 50 8.94 15.83 -22.11
C ILE D 50 9.14 16.13 -23.59
N LYS D 51 9.63 17.33 -23.90
CA LYS D 51 9.84 17.75 -25.28
C LYS D 51 11.34 18.01 -25.49
N LEU D 52 11.90 17.35 -26.49
CA LEU D 52 13.28 17.57 -26.92
C LEU D 52 13.29 17.87 -28.40
N ASN D 53 14.16 18.79 -28.80
CA ASN D 53 14.26 19.22 -30.19
C ASN D 53 15.66 18.95 -30.70
N PHE D 54 15.76 18.62 -31.99
CA PHE D 54 17.01 18.17 -32.58
C PHE D 54 17.26 18.86 -33.90
N ASN D 55 18.53 19.07 -34.21
CA ASN D 55 18.98 19.60 -35.48
C ASN D 55 19.92 18.60 -36.13
N LEU D 56 19.65 18.26 -37.39
CA LEU D 56 20.50 17.35 -38.15
C LEU D 56 21.01 18.08 -39.39
N THR D 57 22.32 18.23 -39.49
CA THR D 57 22.88 18.83 -40.70
C THR D 57 22.72 17.87 -41.87
N PRO D 58 22.38 18.37 -43.05
CA PRO D 58 22.12 17.47 -44.19
C PRO D 58 23.31 16.62 -44.57
N VAL D 59 24.54 17.09 -44.29
CA VAL D 59 25.72 16.27 -44.54
C VAL D 59 25.74 15.06 -43.60
N LEU D 60 25.26 15.23 -42.37
CA LEU D 60 25.15 14.10 -41.46
C LEU D 60 24.10 13.09 -41.94
N ILE D 61 22.95 13.59 -42.41
CA ILE D 61 21.90 12.70 -42.90
C ILE D 61 22.38 11.91 -44.10
N ASP D 62 23.14 12.55 -44.99
CA ASP D 62 23.67 11.84 -46.16
C ASP D 62 24.60 10.71 -45.75
N GLN D 63 25.45 10.95 -44.75
CA GLN D 63 26.36 9.90 -44.31
C GLN D 63 25.63 8.77 -43.60
N ILE D 64 24.62 9.10 -42.80
CA ILE D 64 23.82 8.08 -42.14
C ILE D 64 23.16 7.17 -43.17
N GLN D 65 22.60 7.76 -44.22
CA GLN D 65 21.94 6.97 -45.26
C GLN D 65 22.91 6.01 -45.93
N GLU D 66 24.13 6.47 -46.21
CA GLU D 66 25.12 5.59 -46.83
C GLU D 66 25.50 4.45 -45.89
N TYR D 67 25.63 4.73 -44.60
CA TYR D 67 25.89 3.66 -43.64
C TYR D 67 24.71 2.70 -43.54
N ALA D 68 23.50 3.23 -43.49
CA ALA D 68 22.31 2.38 -43.41
C ALA D 68 22.18 1.50 -44.64
N GLN D 69 22.44 2.06 -45.83
CA GLN D 69 22.34 1.31 -47.07
C GLN D 69 23.55 0.41 -47.31
N GLY D 70 24.52 0.40 -46.40
CA GLY D 70 25.68 -0.47 -46.54
C GLY D 70 26.64 -0.08 -47.62
N LYS D 71 26.68 1.21 -47.99
CA LYS D 71 27.54 1.70 -49.05
C LYS D 71 28.70 2.53 -48.53
N ALA D 72 28.95 2.51 -47.22
CA ALA D 72 30.00 3.31 -46.60
C ALA D 72 31.21 2.44 -46.32
N LYS D 73 32.32 2.74 -47.00
CA LYS D 73 33.58 2.00 -46.82
C LYS D 73 34.42 2.73 -45.78
N ASP D 74 34.42 2.20 -44.56
CA ASP D 74 35.13 2.82 -43.44
C ASP D 74 36.43 2.08 -43.21
N VAL D 75 37.55 2.82 -43.23
CA VAL D 75 38.87 2.21 -43.07
C VAL D 75 38.99 1.57 -41.68
N PHE D 76 38.53 2.27 -40.65
CA PHE D 76 38.64 1.75 -39.30
C PHE D 76 37.66 0.62 -39.05
N LEU D 77 36.42 0.76 -39.54
CA LEU D 77 35.40 -0.25 -39.26
C LEU D 77 35.73 -1.58 -39.92
N GLU D 78 36.30 -1.56 -41.12
CA GLU D 78 36.64 -2.81 -41.78
C GLU D 78 37.72 -3.56 -41.01
N ALA D 79 38.67 -2.83 -40.42
CA ALA D 79 39.67 -3.47 -39.56
C ALA D 79 39.03 -4.09 -38.34
N ILE D 80 37.95 -3.49 -37.84
CA ILE D 80 37.25 -4.07 -36.69
C ILE D 80 36.55 -5.36 -37.08
N ARG D 81 35.83 -5.34 -38.21
CA ARG D 81 35.10 -6.52 -38.66
C ARG D 81 36.05 -7.65 -39.03
N LYS D 82 37.20 -7.32 -39.60
CA LYS D 82 38.11 -8.32 -40.14
C LYS D 82 38.69 -9.19 -39.02
N ASP D 83 38.88 -10.48 -39.34
CA ASP D 83 39.56 -11.38 -38.43
C ASP D 83 40.97 -10.85 -38.20
N PRO D 84 41.44 -10.79 -36.94
CA PRO D 84 42.79 -10.26 -36.68
C PRO D 84 43.91 -10.92 -37.47
N ASP D 85 43.76 -12.19 -37.87
CA ASP D 85 44.79 -12.82 -38.69
C ASP D 85 44.94 -12.12 -40.03
N ASP D 86 43.81 -11.71 -40.64
CA ASP D 86 43.85 -11.04 -41.94
C ASP D 86 44.25 -9.58 -41.86
N LEU D 87 44.42 -9.04 -40.65
CA LEU D 87 44.84 -7.65 -40.52
C LEU D 87 46.28 -7.48 -40.97
N GLU D 88 46.60 -6.25 -41.40
CA GLU D 88 47.96 -5.86 -41.73
C GLU D 88 48.56 -5.05 -40.58
N LYS D 89 49.88 -4.87 -40.61
CA LYS D 89 50.56 -4.18 -39.53
C LYS D 89 50.03 -2.76 -39.36
N GLU D 90 49.76 -2.07 -40.47
CA GLU D 90 49.23 -0.72 -40.41
C GLU D 90 47.83 -0.70 -39.80
N GLU D 91 47.01 -1.70 -40.13
CA GLU D 91 45.64 -1.75 -39.59
C GLU D 91 45.65 -1.95 -38.08
N VAL D 92 46.55 -2.79 -37.58
CA VAL D 92 46.65 -3.00 -36.13
C VAL D 92 47.12 -1.71 -35.45
N GLU D 93 48.00 -0.96 -36.11
CA GLU D 93 48.47 0.30 -35.54
C GLU D 93 47.35 1.31 -35.39
N LYS D 94 46.44 1.35 -36.38
CA LYS D 94 45.28 2.25 -36.27
C LYS D 94 44.40 1.86 -35.10
N LEU D 95 44.18 0.55 -34.89
CA LEU D 95 43.36 0.11 -33.77
C LEU D 95 43.97 0.53 -32.43
N ILE D 96 45.29 0.45 -32.31
CA ILE D 96 45.95 0.85 -31.07
C ILE D 96 45.82 2.36 -30.86
N GLU D 97 46.08 3.15 -31.91
CA GLU D 97 46.06 4.59 -31.77
C GLU D 97 44.67 5.12 -31.46
N PHE D 98 43.64 4.53 -32.09
CA PHE D 98 42.27 4.93 -31.79
C PHE D 98 41.94 4.66 -30.32
N THR D 99 42.32 3.50 -29.81
CA THR D 99 42.06 3.18 -28.42
C THR D 99 42.85 4.09 -27.49
N LYS D 100 44.07 4.48 -27.89
CA LYS D 100 44.87 5.38 -27.07
C LYS D 100 44.21 6.75 -26.93
N LEU D 101 43.63 7.26 -28.03
CA LEU D 101 43.00 8.58 -27.97
C LEU D 101 41.82 8.60 -27.01
N ASN D 102 41.01 7.55 -27.03
CA ASN D 102 39.83 7.47 -26.16
C ASN D 102 40.13 6.73 -24.85
N TYR D 103 41.40 6.42 -24.58
CA TYR D 103 41.73 5.59 -23.43
C TYR D 103 41.29 6.23 -22.12
N GLU D 104 41.52 7.53 -21.97
CA GLU D 104 41.16 8.22 -20.73
C GLU D 104 39.65 8.43 -20.60
N LYS D 105 38.91 8.38 -21.71
CA LYS D 105 37.49 8.68 -21.67
C LYS D 105 36.75 7.65 -20.82
N PRO D 106 35.76 8.07 -20.03
CA PRO D 106 35.08 7.12 -19.12
C PRO D 106 34.43 5.95 -19.84
N ILE D 107 33.89 6.15 -21.05
CA ILE D 107 33.21 5.05 -21.74
C ILE D 107 34.17 3.94 -22.12
N TYR D 108 35.49 4.21 -22.12
CA TYR D 108 36.50 3.21 -22.41
C TYR D 108 37.08 2.59 -21.15
N ARG D 109 36.30 2.55 -20.07
CA ARG D 109 36.77 1.99 -18.80
C ARG D 109 36.47 0.50 -18.78
N PHE D 110 37.39 -0.27 -19.33
CA PHE D 110 37.30 -1.73 -19.33
C PHE D 110 38.62 -2.31 -18.82
N GLU D 111 38.52 -3.32 -17.96
CA GLU D 111 39.71 -3.92 -17.37
C GLU D 111 40.58 -4.56 -18.43
N ARG D 112 39.97 -5.25 -19.39
CA ARG D 112 40.74 -5.93 -20.42
C ARG D 112 41.50 -4.94 -21.30
N ILE D 113 40.87 -3.80 -21.62
CA ILE D 113 41.54 -2.77 -22.41
C ILE D 113 42.77 -2.26 -21.67
N ARG D 114 42.68 -2.16 -20.34
CA ARG D 114 43.83 -1.71 -19.56
C ARG D 114 45.01 -2.66 -19.72
N GLU D 115 44.76 -3.97 -19.67
CA GLU D 115 45.84 -4.93 -19.88
C GLU D 115 46.30 -4.95 -21.33
N LEU D 116 45.37 -4.82 -22.27
CA LEU D 116 45.71 -4.93 -23.69
C LEU D 116 46.67 -3.82 -24.11
N MET D 117 46.44 -2.60 -23.64
CA MET D 117 47.31 -1.48 -24.01
C MET D 117 48.71 -1.66 -23.45
N ASN D 118 48.82 -2.18 -22.22
CA ASN D 118 50.13 -2.40 -21.61
C ASN D 118 50.84 -3.63 -22.14
N LYS D 119 50.13 -4.52 -22.85
CA LYS D 119 50.76 -5.73 -23.35
C LYS D 119 51.68 -5.40 -24.53
N GLU D 120 52.84 -6.05 -24.55
CA GLU D 120 53.89 -5.73 -25.52
C GLU D 120 53.46 -6.12 -26.94
N LYS D 121 52.88 -7.30 -27.09
CA LYS D 121 52.45 -7.79 -28.40
C LYS D 121 51.03 -8.32 -28.28
N LEU D 122 50.31 -8.28 -29.39
CA LEU D 122 48.91 -8.70 -29.45
C LEU D 122 48.78 -9.88 -30.41
N ASN D 123 48.20 -10.98 -29.93
CA ASN D 123 47.89 -12.13 -30.76
C ASN D 123 46.43 -12.03 -31.21
N ARG D 124 45.94 -13.09 -31.87
CA ARG D 124 44.61 -13.02 -32.49
C ARG D 124 43.52 -12.81 -31.45
N GLU D 125 43.56 -13.59 -30.36
CA GLU D 125 42.49 -13.53 -29.37
C GLU D 125 42.46 -12.18 -28.66
N GLU D 126 43.64 -11.59 -28.41
CA GLU D 126 43.68 -10.28 -27.76
C GLU D 126 43.32 -9.14 -28.71
N LEU D 127 43.67 -9.27 -29.99
CA LEU D 127 43.20 -8.29 -30.98
C LEU D 127 41.69 -8.36 -31.13
N LEU D 128 41.12 -9.56 -31.09
CA LEU D 128 39.67 -9.71 -31.17
C LEU D 128 38.99 -8.99 -30.01
N ASP D 129 39.56 -9.11 -28.81
CA ASP D 129 39.00 -8.41 -27.65
C ASP D 129 39.06 -6.90 -27.84
N LEU D 130 40.19 -6.40 -28.36
CA LEU D 130 40.32 -4.96 -28.58
C LEU D 130 39.34 -4.45 -29.63
N GLN D 131 39.11 -5.24 -30.69
CA GLN D 131 38.14 -4.87 -31.70
C GLN D 131 36.74 -4.77 -31.10
N THR D 132 36.34 -5.77 -30.31
CA THR D 132 35.00 -5.79 -29.75
C THR D 132 34.84 -4.76 -28.64
N LEU D 133 35.84 -4.64 -27.76
CA LEU D 133 35.75 -3.68 -26.66
C LEU D 133 35.79 -2.25 -27.17
N ASN D 134 36.48 -1.99 -28.27
CA ASN D 134 36.39 -0.70 -28.93
C ASN D 134 34.97 -0.45 -29.43
N LEU D 135 34.35 -1.47 -30.03
CA LEU D 135 32.96 -1.36 -30.46
C LEU D 135 32.02 -1.14 -29.27
N LEU D 136 32.27 -1.86 -28.17
CA LEU D 136 31.33 -1.85 -27.05
C LEU D 136 31.38 -0.56 -26.25
N ALA D 137 32.48 0.18 -26.30
CA ALA D 137 32.57 1.42 -25.52
C ALA D 137 31.63 2.50 -26.06
N TRP D 138 31.31 2.46 -27.35
CA TRP D 138 30.38 3.40 -27.95
C TRP D 138 28.95 2.88 -27.96
N CYS D 139 28.64 1.89 -27.13
CA CYS D 139 27.28 1.37 -27.05
C CYS D 139 26.33 2.43 -26.52
N GLY D 140 25.19 2.59 -27.17
CA GLY D 140 24.18 3.54 -26.74
C GLY D 140 23.35 3.01 -25.58
N ARG D 141 22.42 3.86 -25.13
CA ARG D 141 21.56 3.49 -24.01
C ARG D 141 20.61 2.35 -24.40
N THR D 142 20.08 2.39 -25.62
CA THR D 142 19.11 1.39 -26.04
C THR D 142 19.74 0.00 -26.12
N LEU D 143 20.94 -0.09 -26.70
CA LEU D 143 21.60 -1.37 -26.88
C LEU D 143 22.43 -1.81 -25.67
N ARG D 144 22.61 -0.94 -24.68
CA ARG D 144 23.30 -1.36 -23.46
C ARG D 144 22.50 -2.41 -22.71
N LYS D 145 21.17 -2.31 -22.74
CA LYS D 145 20.34 -3.33 -22.11
C LYS D 145 20.37 -4.63 -22.90
N ASP D 146 20.35 -4.54 -24.24
CA ASP D 146 20.26 -5.75 -25.06
C ASP D 146 21.55 -6.57 -25.02
N LEU D 147 22.70 -5.90 -25.05
CA LEU D 147 24.00 -6.58 -25.01
C LEU D 147 24.63 -6.52 -23.63
N LYS D 148 23.81 -6.57 -22.57
CA LYS D 148 24.35 -6.58 -21.21
C LYS D 148 25.20 -7.82 -20.98
N ASP D 149 24.77 -8.97 -21.50
CA ASP D 149 25.55 -10.20 -21.35
C ASP D 149 26.92 -10.06 -22.00
N LEU D 150 26.95 -9.50 -23.21
CA LEU D 150 28.22 -9.31 -23.91
C LEU D 150 29.05 -8.22 -23.25
N LEU D 151 28.40 -7.14 -22.79
CA LEU D 151 29.11 -6.00 -22.25
C LEU D 151 29.86 -6.36 -20.98
N ASN D 152 29.23 -7.10 -20.07
CA ASN D 152 29.83 -7.38 -18.78
C ASN D 152 30.78 -8.58 -18.81
N LYS D 153 30.79 -9.35 -19.90
CA LYS D 153 31.77 -10.42 -20.03
C LYS D 153 33.20 -9.85 -20.05
N GLY D 154 33.43 -8.87 -20.91
CA GLY D 154 34.61 -8.02 -20.85
C GLY D 154 35.83 -8.55 -21.58
N ARG D 155 35.86 -9.83 -21.94
CA ARG D 155 37.07 -10.44 -22.49
C ARG D 155 36.69 -11.75 -23.15
N ASN D 156 37.69 -12.40 -23.76
CA ASN D 156 37.53 -13.69 -24.44
C ASN D 156 36.39 -13.66 -25.45
N TYR D 157 36.34 -12.59 -26.24
CA TYR D 157 35.32 -12.44 -27.25
C TYR D 157 35.66 -13.26 -28.49
N THR D 158 34.62 -13.72 -29.19
CA THR D 158 34.76 -14.50 -30.41
C THR D 158 34.38 -13.64 -31.61
N GLN D 159 34.67 -14.19 -32.80
CA GLN D 159 34.36 -13.46 -34.03
C GLN D 159 32.85 -13.26 -34.19
N GLU D 160 32.06 -14.30 -33.88
CA GLU D 160 30.62 -14.18 -34.01
C GLU D 160 30.05 -13.16 -33.03
N GLU D 161 30.59 -13.12 -31.80
CA GLU D 161 30.17 -12.08 -30.85
C GLU D 161 30.47 -10.69 -31.38
N LYS D 162 31.65 -10.52 -32.00
CA LYS D 162 31.98 -9.25 -32.63
C LYS D 162 30.99 -8.93 -33.75
N GLU D 163 30.66 -9.92 -34.58
CA GLU D 163 29.68 -9.70 -35.63
C GLU D 163 28.30 -9.41 -35.05
N TYR D 164 27.92 -10.11 -33.99
CA TYR D 164 26.61 -9.88 -33.37
C TYR D 164 26.50 -8.44 -32.88
N VAL D 165 27.57 -7.90 -32.32
CA VAL D 165 27.59 -6.49 -31.94
C VAL D 165 27.45 -5.61 -33.18
N LEU D 166 28.12 -5.99 -34.27
CA LEU D 166 28.11 -5.18 -35.48
C LEU D 166 26.72 -5.11 -36.11
N ASN D 167 26.08 -6.27 -36.31
CA ASN D 167 24.74 -6.26 -36.89
C ASN D 167 23.73 -5.57 -35.99
N LYS D 168 23.95 -5.61 -34.67
CA LYS D 168 23.10 -4.83 -33.77
C LYS D 168 23.34 -3.33 -33.96
N TYR D 169 24.60 -2.93 -34.15
CA TYR D 169 24.90 -1.51 -34.34
C TYR D 169 24.36 -1.02 -35.68
N PHE D 170 24.61 -1.76 -36.76
CA PHE D 170 24.09 -1.38 -38.07
C PHE D 170 22.57 -1.45 -38.12
N GLU D 171 21.96 -2.27 -37.26
CA GLU D 171 20.50 -2.25 -37.15
C GLU D 171 20.00 -0.91 -36.63
N ILE D 172 20.72 -0.33 -35.65
CA ILE D 172 20.31 0.95 -35.07
C ILE D 172 20.43 2.07 -36.11
N ILE D 173 21.44 1.98 -36.98
CA ILE D 173 21.66 3.03 -37.97
C ILE D 173 20.47 3.12 -38.93
N LYS D 174 19.94 1.97 -39.33
CA LYS D 174 18.77 1.96 -40.22
C LYS D 174 17.53 2.56 -39.56
N LYS D 175 17.45 2.54 -38.23
CA LYS D 175 16.34 3.13 -37.49
C LYS D 175 16.61 4.56 -37.02
N THR D 176 17.78 5.12 -37.34
CA THR D 176 18.14 6.43 -36.84
C THR D 176 17.27 7.52 -37.46
N LEU D 177 17.10 7.49 -38.78
CA LEU D 177 16.28 8.53 -39.42
C LEU D 177 14.81 8.36 -39.08
N SER D 178 14.36 7.13 -38.83
CA SER D 178 12.94 6.91 -38.56
C SER D 178 12.53 7.47 -37.21
N ILE D 179 13.41 7.42 -36.21
CA ILE D 179 13.05 7.92 -34.88
C ILE D 179 12.88 9.43 -34.90
N TYR D 180 13.71 10.13 -35.67
CA TYR D 180 13.54 11.58 -35.79
C TYR D 180 12.22 11.92 -36.49
N ARG D 181 11.87 11.18 -37.53
CA ARG D 181 10.55 11.32 -38.13
C ARG D 181 9.47 11.07 -37.09
N GLU D 182 9.61 9.98 -36.32
CA GLU D 182 8.54 9.54 -35.44
C GLU D 182 8.24 10.57 -34.35
N ILE D 183 9.28 11.12 -33.72
CA ILE D 183 9.04 12.10 -32.66
C ILE D 183 8.39 13.37 -33.21
N LYS D 184 8.69 13.73 -34.47
CA LYS D 184 8.09 14.92 -35.05
C LYS D 184 6.63 14.69 -35.42
N GLU D 185 6.32 13.53 -36.01
CA GLU D 185 4.93 13.23 -36.36
C GLU D 185 4.07 13.05 -35.11
N GLU D 186 4.61 12.39 -34.08
CA GLU D 186 3.89 12.22 -32.83
C GLU D 186 3.89 13.47 -31.96
N GLY D 187 4.66 14.49 -32.32
CA GLY D 187 4.65 15.74 -31.58
C GLY D 187 5.52 15.76 -30.35
N LYS D 188 6.35 14.76 -30.12
CA LYS D 188 7.25 14.77 -28.96
C LYS D 188 8.41 15.73 -29.12
N GLY D 189 8.61 16.30 -30.30
CA GLY D 189 9.65 17.29 -30.50
C GLY D 189 9.64 17.78 -31.93
N SER D 190 10.33 18.90 -32.13
CA SER D 190 10.50 19.49 -33.45
C SER D 190 11.90 19.21 -33.98
N VAL D 191 12.01 19.05 -35.29
CA VAL D 191 13.27 18.75 -35.95
C VAL D 191 13.63 19.93 -36.85
N SER D 192 14.91 20.29 -36.87
CA SER D 192 15.41 21.40 -37.65
C SER D 192 16.63 20.95 -38.45
N THR D 193 17.07 21.80 -39.38
CA THR D 193 18.24 21.52 -40.18
C THR D 193 19.08 22.79 -40.30
N SER D 194 20.32 22.61 -40.75
CA SER D 194 21.28 23.69 -40.95
C SER D 194 21.64 23.77 -42.43
N PRO D 195 22.38 24.79 -42.87
CA PRO D 195 22.94 24.76 -44.22
C PRO D 195 23.78 23.51 -44.42
N TYR D 196 23.72 22.99 -45.66
CA TYR D 196 24.05 21.60 -45.94
C TYR D 196 25.35 21.14 -45.27
N TYR D 197 26.47 21.77 -45.62
CA TYR D 197 27.78 21.34 -45.16
C TYR D 197 28.31 22.19 -44.00
N HIS D 198 27.42 22.68 -43.15
CA HIS D 198 27.81 23.43 -41.96
C HIS D 198 28.79 24.57 -42.25
N PRO D 199 28.46 25.48 -43.16
CA PRO D 199 29.36 26.59 -43.46
C PRO D 199 29.13 27.76 -42.52
N LEU D 200 30.02 28.75 -42.62
CA LEU D 200 29.86 30.01 -41.89
C LEU D 200 29.13 30.96 -42.83
N ILE D 201 27.79 30.95 -42.72
CA ILE D 201 26.97 31.74 -43.64
C ILE D 201 27.28 33.23 -43.60
N PRO D 202 27.48 33.87 -42.43
CA PRO D 202 27.82 35.30 -42.47
C PRO D 202 29.09 35.61 -43.26
N ILE D 203 30.11 34.76 -43.19
CA ILE D 203 31.35 35.04 -43.91
C ILE D 203 31.13 34.87 -45.41
N LEU D 204 30.38 33.85 -45.82
CA LEU D 204 30.15 33.61 -47.24
C LEU D 204 29.40 34.76 -47.87
N LEU D 205 28.40 35.31 -47.17
CA LEU D 205 27.64 36.44 -47.72
C LEU D 205 28.45 37.72 -47.71
N ASN D 206 29.18 37.99 -46.62
CA ASN D 206 29.97 39.20 -46.51
C ASN D 206 31.19 38.95 -45.62
N PRO D 207 32.38 38.84 -46.19
CA PRO D 207 33.58 38.64 -45.36
C PRO D 207 33.88 39.81 -44.42
N ASN D 208 33.30 40.99 -44.67
CA ASN D 208 33.52 42.13 -43.78
C ASN D 208 32.92 41.94 -42.40
N CYS D 209 32.07 40.92 -42.20
CA CYS D 209 31.40 40.76 -40.92
C CYS D 209 32.36 40.40 -39.79
N VAL D 210 33.57 39.93 -40.12
CA VAL D 210 34.54 39.62 -39.08
C VAL D 210 34.95 40.89 -38.33
N TYR D 211 34.87 42.05 -39.01
CA TYR D 211 35.32 43.31 -38.44
C TYR D 211 34.32 43.92 -37.46
N GLU D 212 33.09 43.39 -37.39
CA GLU D 212 32.12 43.93 -36.42
C GLU D 212 32.63 43.76 -35.00
N THR D 213 33.09 42.56 -34.66
CA THR D 213 33.54 42.26 -33.31
C THR D 213 35.05 42.26 -33.16
N THR D 214 35.81 42.15 -34.24
CA THR D 214 37.27 42.16 -34.19
C THR D 214 37.79 43.00 -35.35
N PRO D 215 37.99 44.30 -35.13
CA PRO D 215 38.17 45.20 -36.28
C PRO D 215 39.54 45.11 -36.93
N ASN D 216 40.59 44.72 -36.20
CA ASN D 216 41.95 44.79 -36.74
C ASN D 216 42.48 43.44 -37.18
N VAL D 217 41.62 42.44 -37.36
CA VAL D 217 42.09 41.14 -37.81
C VAL D 217 42.45 41.21 -39.29
N LYS D 218 43.42 40.38 -39.69
CA LYS D 218 43.84 40.27 -41.07
C LYS D 218 43.19 39.03 -41.68
N ILE D 219 42.48 39.22 -42.78
CA ILE D 219 41.87 38.12 -43.52
C ILE D 219 42.30 38.24 -44.98
N PRO D 220 42.29 37.13 -45.72
CA PRO D 220 42.74 37.17 -47.11
C PRO D 220 41.80 38.00 -48.00
N ASP D 221 42.29 38.32 -49.19
CA ASP D 221 41.55 39.12 -50.14
C ASP D 221 40.55 38.24 -50.89
N PHE D 222 39.25 38.52 -50.71
CA PHE D 222 38.18 37.69 -51.27
C PHE D 222 37.87 38.19 -52.68
N ALA D 223 38.52 37.57 -53.68
CA ALA D 223 38.23 37.91 -55.07
C ALA D 223 36.88 37.35 -55.51
N VAL D 224 36.57 36.12 -55.12
CA VAL D 224 35.31 35.48 -55.49
C VAL D 224 34.19 35.90 -54.56
N SER D 225 32.96 35.62 -54.97
CA SER D 225 31.77 35.94 -54.19
C SER D 225 31.09 34.63 -53.78
N PHE D 226 31.09 34.34 -52.48
CA PHE D 226 30.43 33.17 -51.96
C PHE D 226 28.96 33.44 -51.62
N ARG D 227 28.38 34.49 -52.19
CA ARG D 227 26.99 34.82 -51.89
C ARG D 227 26.03 33.79 -52.46
N GLU D 228 26.26 33.36 -53.71
CA GLU D 228 25.40 32.35 -54.31
C GLU D 228 25.53 31.01 -53.58
N ASP D 229 26.74 30.68 -53.12
CA ASP D 229 26.95 29.41 -52.42
C ASP D 229 26.20 29.39 -51.09
N ALA D 230 26.11 30.52 -50.41
CA ALA D 230 25.34 30.59 -49.16
C ALA D 230 23.87 30.27 -49.42
N SER D 231 23.33 30.71 -50.56
CA SER D 231 21.97 30.32 -50.93
C SER D 231 21.88 28.83 -51.24
N LYS D 232 22.85 28.29 -51.99
CA LYS D 232 22.83 26.87 -52.29
C LYS D 232 22.88 26.03 -51.02
N HIS D 233 23.62 26.50 -50.01
CA HIS D 233 23.67 25.78 -48.74
C HIS D 233 22.29 25.71 -48.09
N VAL D 234 21.50 26.78 -48.18
CA VAL D 234 20.21 26.81 -47.51
C VAL D 234 19.13 26.13 -48.35
N GLU D 235 19.16 26.33 -49.67
CA GLU D 235 18.16 25.69 -50.53
C GLU D 235 18.34 24.18 -50.56
N LEU D 236 19.58 23.71 -50.73
CA LEU D 236 19.81 22.27 -50.79
C LEU D 236 19.49 21.60 -49.46
N ALA D 237 19.67 22.31 -48.34
CA ALA D 237 19.29 21.75 -47.05
C ALA D 237 17.78 21.55 -46.96
N LYS D 238 17.00 22.51 -47.46
CA LYS D 238 15.55 22.40 -47.38
C LYS D 238 15.03 21.27 -48.24
N GLU D 239 15.72 20.93 -49.33
CA GLU D 239 15.30 19.80 -50.15
C GLU D 239 15.60 18.47 -49.46
N LYS D 240 16.75 18.38 -48.79
CA LYS D 240 17.06 17.15 -48.03
C LYS D 240 16.07 16.94 -46.90
N TYR D 241 15.70 18.03 -46.21
CA TYR D 241 14.66 17.95 -45.19
C TYR D 241 13.36 17.43 -45.77
N PHE D 242 13.02 17.86 -46.99
CA PHE D 242 11.82 17.38 -47.66
C PHE D 242 11.92 15.88 -47.98
N GLU D 243 13.10 15.41 -48.34
CA GLU D 243 13.27 13.99 -48.63
C GLU D 243 12.97 13.15 -47.39
N ILE D 244 13.44 13.59 -46.23
CA ILE D 244 13.28 12.81 -45.01
C ILE D 244 11.89 13.01 -44.43
N PHE D 245 11.54 14.26 -44.11
CA PHE D 245 10.37 14.55 -43.30
C PHE D 245 9.14 14.92 -44.13
N GLY D 246 9.26 15.00 -45.45
CA GLY D 246 8.11 15.22 -46.31
C GLY D 246 7.59 16.65 -46.34
N GLU D 247 8.30 17.59 -45.72
CA GLU D 247 7.90 18.99 -45.74
C GLU D 247 9.16 19.85 -45.71
N HIS D 248 9.00 21.11 -46.03
CA HIS D 248 10.13 22.02 -45.93
C HIS D 248 10.34 22.46 -44.48
N PRO D 249 11.59 22.77 -44.10
CA PRO D 249 11.85 23.17 -42.72
C PRO D 249 11.57 24.64 -42.48
N VAL D 250 10.93 24.92 -41.34
CA VAL D 250 10.65 26.29 -40.92
C VAL D 250 11.49 26.73 -39.75
N TYR D 251 12.23 25.84 -39.11
CA TYR D 251 13.16 26.18 -38.05
C TYR D 251 14.55 25.72 -38.44
N MET D 252 15.53 26.61 -38.30
CA MET D 252 16.88 26.35 -38.78
C MET D 252 17.88 26.77 -37.72
N TRP D 253 18.93 25.97 -37.56
CA TRP D 253 19.99 26.29 -36.61
C TRP D 253 21.21 26.79 -37.37
N PRO D 254 21.57 28.08 -37.25
CA PRO D 254 22.75 28.57 -37.97
C PRO D 254 24.01 27.95 -37.39
N PRO D 255 24.91 27.47 -38.25
CA PRO D 255 26.11 26.77 -37.77
C PRO D 255 26.96 27.67 -36.90
N GLU D 256 27.47 27.09 -35.80
CA GLU D 256 28.27 27.78 -34.80
C GLU D 256 27.54 28.98 -34.19
N ALA D 257 26.21 28.97 -34.25
CA ALA D 257 25.36 30.08 -33.79
C ALA D 257 25.68 31.38 -34.51
N SER D 258 26.35 31.31 -35.66
CA SER D 258 26.78 32.50 -36.37
C SER D 258 25.60 33.16 -37.07
N VAL D 259 25.40 34.44 -36.79
CA VAL D 259 24.35 35.23 -37.43
C VAL D 259 24.92 36.58 -37.82
N SER D 260 24.25 37.23 -38.76
CA SER D 260 24.59 38.57 -39.21
C SER D 260 23.34 39.20 -39.79
N ASN D 261 23.38 40.51 -39.96
CA ASN D 261 22.23 41.21 -40.54
C ASN D 261 21.88 40.63 -41.91
N GLU D 262 22.90 40.39 -42.74
CA GLU D 262 22.66 39.84 -44.06
C GLU D 262 22.22 38.38 -44.00
N ALA D 263 22.79 37.60 -43.07
CA ALA D 263 22.43 36.20 -42.97
C ALA D 263 21.00 36.01 -42.49
N LEU D 264 20.56 36.85 -41.53
CA LEU D 264 19.20 36.76 -41.06
C LEU D 264 18.20 37.08 -42.17
N GLU D 265 18.57 38.03 -43.05
CA GLU D 265 17.75 38.27 -44.23
C GLU D 265 17.70 37.06 -45.14
N LEU D 266 18.85 36.40 -45.34
CA LEU D 266 18.88 35.25 -46.24
C LEU D 266 17.98 34.12 -45.73
N TYR D 267 18.07 33.82 -44.43
CA TYR D 267 17.20 32.80 -43.86
C TYR D 267 15.73 33.18 -44.02
N TYR D 268 15.42 34.47 -43.90
CA TYR D 268 14.03 34.92 -43.98
C TYR D 268 13.45 34.66 -45.37
N GLU D 269 14.19 35.02 -46.42
CA GLU D 269 13.69 34.79 -47.79
C GLU D 269 13.60 33.31 -48.13
N LYS D 270 14.29 32.45 -47.38
CA LYS D 270 14.26 31.01 -47.60
C LYS D 270 13.15 30.32 -46.82
N GLY D 271 12.20 31.08 -46.27
CA GLY D 271 11.07 30.51 -45.57
C GLY D 271 11.32 30.12 -44.14
N ILE D 272 12.50 30.40 -43.59
CA ILE D 272 12.79 30.09 -42.20
C ILE D 272 12.08 31.10 -41.31
N ASN D 273 11.32 30.59 -40.34
CA ASN D 273 10.54 31.43 -39.44
C ASN D 273 11.19 31.64 -38.08
N MET D 274 12.19 30.85 -37.73
CA MET D 274 12.85 31.02 -36.43
C MET D 274 14.25 30.42 -36.49
N LEU D 275 15.14 30.99 -35.68
CA LEU D 275 16.48 30.46 -35.50
C LEU D 275 16.99 30.90 -34.14
N ALA D 276 18.08 30.28 -33.70
CA ALA D 276 18.65 30.54 -32.39
C ALA D 276 20.12 30.90 -32.52
N THR D 277 20.63 31.60 -31.50
CA THR D 277 22.03 32.01 -31.46
C THR D 277 22.43 32.18 -29.99
N ASP D 278 23.62 32.73 -29.77
CA ASP D 278 24.25 32.74 -28.45
C ASP D 278 23.92 34.02 -27.68
N GLU D 279 24.14 33.95 -26.36
CA GLU D 279 24.01 35.12 -25.50
C GLU D 279 25.04 36.19 -25.84
N VAL D 280 26.23 35.79 -26.28
CA VAL D 280 27.29 36.76 -26.55
C VAL D 280 26.89 37.71 -27.67
N ILE D 281 26.19 37.19 -28.68
CA ILE D 281 25.72 38.05 -29.76
C ILE D 281 24.62 38.99 -29.25
N LEU D 282 23.75 38.50 -28.36
CA LEU D 282 22.73 39.35 -27.76
C LEU D 282 23.37 40.48 -26.96
N LYS D 283 24.42 40.17 -26.19
CA LYS D 283 25.11 41.20 -25.43
C LYS D 283 25.73 42.25 -26.34
N ASN D 284 26.30 41.81 -27.46
CA ASN D 284 26.95 42.73 -28.40
C ASN D 284 25.94 43.53 -29.23
N SER D 285 24.70 43.05 -29.36
CA SER D 285 23.74 43.65 -30.27
C SER D 285 22.64 44.47 -29.59
N VAL D 286 22.33 44.19 -28.33
CA VAL D 286 21.29 44.92 -27.60
C VAL D 286 21.88 45.42 -26.29
N GLU D 287 21.46 46.62 -25.87
CA GLU D 287 22.05 47.29 -24.72
C GLU D 287 21.86 46.52 -23.43
N ARG D 288 20.61 46.38 -22.97
CA ARG D 288 20.28 45.65 -21.74
C ARG D 288 19.11 44.72 -22.08
N ALA D 289 19.42 43.50 -22.50
CA ALA D 289 18.41 42.56 -22.94
C ALA D 289 18.55 41.24 -22.20
N SER D 290 17.40 40.59 -21.98
CA SER D 290 17.38 39.29 -21.34
C SER D 290 17.28 38.18 -22.37
N PRO D 291 18.01 37.08 -22.17
CA PRO D 291 17.94 35.95 -23.11
C PRO D 291 16.65 35.15 -23.03
N TYR D 292 15.75 35.49 -22.10
CA TYR D 292 14.55 34.72 -21.81
C TYR D 292 13.33 35.32 -22.50
N LEU D 293 13.52 35.82 -23.71
CA LEU D 293 12.54 36.61 -24.42
C LEU D 293 12.62 36.27 -25.90
N ARG D 294 11.48 36.35 -26.59
CA ARG D 294 11.44 36.10 -28.04
C ARG D 294 11.67 37.40 -28.79
N TYR D 295 12.68 37.43 -29.64
CA TYR D 295 13.04 38.63 -30.38
C TYR D 295 12.60 38.51 -31.83
N TYR D 296 11.83 39.48 -32.29
CA TYR D 296 11.43 39.58 -33.69
C TYR D 296 12.45 40.46 -34.40
N PHE D 297 13.24 39.85 -35.29
CA PHE D 297 14.26 40.60 -36.03
C PHE D 297 13.58 41.35 -37.17
N ARG D 298 13.38 42.65 -37.00
CA ARG D 298 12.81 43.52 -38.02
C ARG D 298 11.42 43.05 -38.44
N GLU D 299 10.72 42.34 -37.57
CA GLU D 299 9.39 41.76 -37.79
C GLU D 299 9.37 40.69 -38.88
N LEU D 300 10.52 40.31 -39.42
CA LEU D 300 10.60 39.33 -40.49
C LEU D 300 10.92 37.92 -40.00
N ILE D 301 11.82 37.79 -39.04
CA ILE D 301 12.18 36.49 -38.49
C ILE D 301 12.19 36.58 -36.97
N SER D 302 11.97 35.44 -36.32
CA SER D 302 12.03 35.34 -34.87
C SER D 302 13.34 34.68 -34.48
N VAL D 303 14.05 35.28 -33.52
CA VAL D 303 15.35 34.76 -33.07
C VAL D 303 15.30 34.62 -31.55
N PHE D 304 15.58 33.42 -31.07
CA PHE D 304 15.82 33.19 -29.65
C PHE D 304 17.31 33.16 -29.38
N PHE D 305 17.67 33.40 -28.13
CA PHE D 305 19.08 33.41 -27.71
C PHE D 305 19.30 32.34 -26.66
N ARG D 306 20.29 31.49 -26.89
CA ARG D 306 20.59 30.41 -25.96
C ARG D 306 21.16 30.96 -24.66
N ASP D 307 20.90 30.23 -23.58
CA ASP D 307 21.51 30.55 -22.29
C ASP D 307 22.93 29.98 -22.31
N LYS D 308 23.92 30.86 -22.46
CA LYS D 308 25.30 30.39 -22.58
C LYS D 308 25.75 29.67 -21.32
N THR D 309 25.46 30.24 -20.15
CA THR D 309 25.88 29.60 -18.91
C THR D 309 25.20 28.24 -18.72
N LEU D 310 23.90 28.16 -18.99
CA LEU D 310 23.18 26.90 -18.81
C LEU D 310 23.62 25.87 -19.83
N SER D 311 23.81 26.27 -21.09
CA SER D 311 24.15 25.31 -22.13
C SER D 311 25.57 24.77 -21.95
N ASP D 312 26.53 25.64 -21.60
CA ASP D 312 27.90 25.20 -21.42
C ASP D 312 28.08 24.39 -20.15
N LEU D 313 27.16 24.50 -19.18
CA LEU D 313 27.23 23.65 -17.99
C LEU D 313 27.13 22.18 -18.37
N ILE D 314 26.12 21.84 -19.18
CA ILE D 314 25.95 20.47 -19.62
C ILE D 314 27.13 20.03 -20.50
N GLY D 315 27.56 20.90 -21.42
CA GLY D 315 28.53 20.48 -22.41
C GLY D 315 29.95 20.35 -21.90
N PHE D 316 30.30 21.06 -20.83
CA PHE D 316 31.70 21.10 -20.42
C PHE D 316 31.95 20.86 -18.94
N SER D 317 30.97 21.17 -18.09
CA SER D 317 31.22 21.22 -16.64
C SER D 317 30.57 20.10 -15.87
N TYR D 318 29.37 19.67 -16.24
CA TYR D 318 28.63 18.67 -15.46
C TYR D 318 29.23 17.27 -15.57
N HIS D 319 30.20 17.06 -16.47
CA HIS D 319 30.79 15.73 -16.60
C HIS D 319 31.46 15.29 -15.31
N ALA D 320 32.18 16.19 -14.65
CA ALA D 320 32.80 15.88 -13.37
C ALA D 320 31.81 15.91 -12.22
N TRP D 321 30.63 16.49 -12.43
CA TRP D 321 29.61 16.54 -11.39
C TRP D 321 28.97 15.17 -11.21
N ASN D 322 28.54 14.89 -9.97
CA ASN D 322 27.64 13.77 -9.75
C ASN D 322 26.33 14.02 -10.47
N ALA D 323 25.75 12.95 -11.03
CA ALA D 323 24.56 13.11 -11.86
C ALA D 323 23.41 13.72 -11.06
N GLU D 324 23.19 13.23 -9.84
CA GLU D 324 22.10 13.77 -9.02
C GLU D 324 22.37 15.22 -8.63
N ASP D 325 23.62 15.54 -8.27
CA ASP D 325 23.97 16.92 -7.94
C ASP D 325 23.84 17.83 -9.15
N ALA D 326 24.21 17.32 -10.33
CA ALA D 326 24.16 18.15 -11.54
C ALA D 326 22.74 18.62 -11.84
N VAL D 327 21.76 17.72 -11.72
CA VAL D 327 20.38 18.09 -11.99
C VAL D 327 19.89 19.13 -10.98
N ARG D 328 20.23 18.95 -9.70
CA ARG D 328 19.77 19.90 -8.69
C ARG D 328 20.37 21.28 -8.91
N ASP D 329 21.59 21.35 -9.45
CA ASP D 329 22.13 22.63 -9.88
C ASP D 329 21.36 23.17 -11.08
N PHE D 330 21.07 22.31 -12.06
CA PHE D 330 20.37 22.75 -13.26
C PHE D 330 18.96 23.24 -12.93
N ILE D 331 18.20 22.47 -12.16
CA ILE D 331 16.88 22.90 -11.74
C ILE D 331 16.96 24.08 -10.79
N GLY D 332 17.98 24.12 -9.93
CA GLY D 332 18.16 25.27 -9.06
C GLY D 332 18.45 26.55 -9.83
N ARG D 333 19.23 26.46 -10.90
CA ARG D 333 19.48 27.62 -11.74
C ARG D 333 18.22 28.02 -12.49
N LEU D 334 17.38 27.06 -12.87
CA LEU D 334 16.09 27.38 -13.48
C LEU D 334 15.19 28.11 -12.48
N LYS D 335 15.25 27.71 -11.20
CA LYS D 335 14.47 28.39 -10.17
C LYS D 335 14.88 29.85 -10.05
N LYS D 336 16.18 30.14 -10.09
CA LYS D 336 16.65 31.51 -10.01
C LYS D 336 16.18 32.33 -11.20
N ILE D 337 16.15 31.71 -12.39
CA ILE D 337 15.64 32.39 -13.57
C ILE D 337 14.15 32.73 -13.40
N HIS D 338 13.40 31.83 -12.79
CA HIS D 338 11.98 32.04 -12.58
C HIS D 338 11.72 33.30 -11.76
N GLU D 339 12.44 33.46 -10.66
CA GLU D 339 12.24 34.61 -9.78
C GLU D 339 12.86 35.89 -10.33
N SER D 340 13.82 35.79 -11.24
CA SER D 340 14.56 36.97 -11.69
C SER D 340 13.78 37.83 -12.68
N VAL D 341 12.71 37.32 -13.26
CA VAL D 341 11.96 38.05 -14.29
C VAL D 341 10.48 37.98 -13.97
N ASP D 342 9.76 39.05 -14.27
CA ASP D 342 8.32 39.11 -13.98
C ASP D 342 7.51 38.31 -15.00
N PHE D 343 7.97 38.22 -16.25
CA PHE D 343 7.25 37.53 -17.30
C PHE D 343 7.46 36.03 -17.18
N GLN D 344 7.02 35.28 -18.18
CA GLN D 344 7.25 33.84 -18.24
C GLN D 344 8.51 33.57 -19.05
N PRO D 345 9.65 33.31 -18.41
CA PRO D 345 10.89 33.16 -19.15
C PRO D 345 10.84 31.97 -20.10
N VAL D 346 11.48 32.13 -21.26
CA VAL D 346 11.74 31.04 -22.19
C VAL D 346 13.23 30.81 -22.22
N VAL D 347 13.66 29.56 -22.03
CA VAL D 347 15.07 29.23 -21.94
C VAL D 347 15.42 28.28 -23.07
N PHE D 348 16.38 28.66 -23.89
CA PHE D 348 16.87 27.84 -24.99
C PHE D 348 18.19 27.19 -24.59
N VAL D 349 18.22 25.87 -24.54
CA VAL D 349 19.43 25.14 -24.21
C VAL D 349 19.94 24.44 -25.46
N VAL D 350 20.86 25.11 -26.17
CA VAL D 350 21.35 24.64 -27.46
C VAL D 350 22.82 24.29 -27.30
N LEU D 351 23.19 23.06 -27.64
CA LEU D 351 24.58 22.61 -27.58
C LEU D 351 24.71 21.35 -28.43
N ASP D 352 25.96 20.94 -28.65
CA ASP D 352 26.22 19.74 -29.42
C ASP D 352 25.67 18.51 -28.69
N GLY D 353 24.83 17.75 -29.38
CA GLY D 353 24.14 16.63 -28.79
C GLY D 353 24.88 15.31 -28.82
N GLU D 354 26.13 15.27 -29.27
CA GLU D 354 26.87 14.02 -29.38
C GLU D 354 28.29 14.08 -28.83
N ASN D 355 28.78 15.26 -28.44
CA ASN D 355 30.20 15.40 -28.12
C ASN D 355 30.51 15.33 -26.63
N CYS D 356 29.57 15.71 -25.75
CA CYS D 356 29.89 15.82 -24.34
C CYS D 356 29.73 14.51 -23.58
N TRP D 357 28.83 13.63 -24.01
CA TRP D 357 28.49 12.45 -23.22
C TRP D 357 29.64 11.46 -23.11
N GLU D 358 30.62 11.50 -24.02
CA GLU D 358 31.74 10.56 -23.95
C GLU D 358 32.55 10.76 -22.68
N TYR D 359 32.55 11.97 -22.13
CA TYR D 359 33.31 12.31 -20.94
C TYR D 359 32.44 12.31 -19.68
N TYR D 360 31.14 12.05 -19.81
CA TYR D 360 30.31 11.77 -18.66
C TYR D 360 30.52 10.34 -18.20
N GLU D 361 30.01 10.03 -17.00
CA GLU D 361 30.04 8.66 -16.53
C GLU D 361 28.86 7.90 -17.13
N GLU D 362 29.15 6.71 -17.66
CA GLU D 362 28.15 5.87 -18.33
C GLU D 362 27.49 6.62 -19.49
N ASN D 363 28.30 7.39 -20.22
CA ASN D 363 27.86 8.12 -21.42
C ASN D 363 26.68 9.04 -21.13
N GLY D 364 26.64 9.63 -19.95
CA GLY D 364 25.60 10.56 -19.61
C GLY D 364 24.22 9.96 -19.42
N ILE D 365 24.10 8.63 -19.48
CA ILE D 365 22.80 7.99 -19.20
C ILE D 365 22.30 8.32 -17.80
N PRO D 366 23.12 8.20 -16.73
CA PRO D 366 22.60 8.58 -15.41
C PRO D 366 22.18 10.04 -15.30
N PHE D 367 22.89 10.95 -15.96
CA PHE D 367 22.53 12.36 -15.88
C PHE D 367 21.29 12.68 -16.70
N LEU D 368 21.24 12.19 -17.94
CA LEU D 368 20.11 12.50 -18.82
C LEU D 368 18.82 11.88 -18.30
N GLU D 369 18.87 10.63 -17.84
CA GLU D 369 17.68 10.00 -17.30
C GLU D 369 17.23 10.69 -16.02
N LYS D 370 18.17 11.16 -15.19
CA LYS D 370 17.81 11.86 -13.97
C LYS D 370 17.23 13.24 -14.28
N LEU D 371 17.79 13.94 -15.26
CA LEU D 371 17.29 15.26 -15.63
C LEU D 371 15.91 15.16 -16.26
N TYR D 372 15.70 14.22 -17.18
CA TYR D 372 14.43 14.12 -17.88
C TYR D 372 13.30 13.71 -16.95
N SER D 373 13.58 12.79 -16.02
CA SER D 373 12.56 12.41 -15.05
C SER D 373 12.32 13.52 -14.03
N THR D 374 13.36 14.28 -13.68
CA THR D 374 13.17 15.43 -12.78
C THR D 374 12.30 16.49 -13.42
N LEU D 375 12.50 16.77 -14.71
CA LEU D 375 11.68 17.75 -15.40
C LEU D 375 10.21 17.31 -15.45
N GLU D 376 9.96 16.00 -15.46
CA GLU D 376 8.59 15.50 -15.50
C GLU D 376 7.81 15.86 -14.24
N LYS D 377 8.46 15.80 -13.08
CA LYS D 377 7.78 16.06 -11.82
C LYS D 377 7.68 17.54 -11.49
N GLU D 378 8.37 18.40 -12.24
CA GLU D 378 8.33 19.85 -12.01
C GLU D 378 7.15 20.42 -12.78
N GLU D 379 6.09 20.81 -12.05
CA GLU D 379 4.90 21.34 -12.69
C GLU D 379 5.12 22.76 -13.21
N TRP D 380 6.02 23.51 -12.59
CA TRP D 380 6.31 24.87 -13.02
C TRP D 380 7.20 24.94 -14.25
N ILE D 381 7.79 23.82 -14.66
CA ILE D 381 8.62 23.74 -15.86
C ILE D 381 7.80 23.07 -16.95
N GLU D 382 7.69 23.75 -18.09
CA GLU D 382 6.96 23.23 -19.24
C GLU D 382 7.92 23.14 -20.42
N THR D 383 8.49 21.97 -20.64
CA THR D 383 9.37 21.76 -21.78
C THR D 383 8.58 21.85 -23.07
N LEU D 384 9.13 22.54 -24.06
CA LEU D 384 8.43 22.84 -25.29
C LEU D 384 9.19 22.35 -26.52
N THR D 385 8.45 22.07 -27.57
CA THR D 385 9.03 21.91 -28.90
C THR D 385 9.25 23.28 -29.52
N LEU D 386 10.03 23.30 -30.62
CA LEU D 386 10.30 24.57 -31.29
C LEU D 386 9.01 25.19 -31.83
N GLU D 387 8.14 24.37 -32.41
CA GLU D 387 6.87 24.88 -32.92
C GLU D 387 6.01 25.44 -31.80
N GLU D 388 5.95 24.74 -30.66
CA GLU D 388 5.17 25.21 -29.52
C GLU D 388 5.72 26.52 -28.97
N ALA D 389 7.05 26.64 -28.90
CA ALA D 389 7.66 27.87 -28.40
C ALA D 389 7.33 29.06 -29.29
N MET D 390 7.20 28.84 -30.61
CA MET D 390 6.91 29.94 -31.52
C MET D 390 5.43 30.33 -31.51
N ARG D 391 4.53 29.39 -31.21
CA ARG D 391 3.11 29.68 -31.18
C ARG D 391 2.61 30.13 -29.81
N LYS D 392 3.51 30.25 -28.83
CA LYS D 392 3.11 30.70 -27.50
C LYS D 392 2.80 32.19 -27.52
N GLU D 393 1.57 32.56 -27.18
CA GLU D 393 1.17 33.95 -27.07
C GLU D 393 1.38 34.51 -25.67
N ASP D 394 1.92 33.71 -24.75
CA ASP D 394 2.10 34.13 -23.37
C ASP D 394 3.47 34.75 -23.11
N VAL D 395 4.45 34.47 -23.96
CA VAL D 395 5.81 34.96 -23.73
C VAL D 395 5.93 36.41 -24.19
N LYS D 396 6.83 37.14 -23.55
CA LYS D 396 7.10 38.52 -23.92
C LYS D 396 7.97 38.58 -25.17
N THR D 397 7.69 39.54 -26.03
CA THR D 397 8.39 39.67 -27.30
C THR D 397 8.95 41.07 -27.45
N GLU D 398 10.06 41.17 -28.19
CA GLU D 398 10.71 42.45 -28.47
C GLU D 398 11.16 42.46 -29.91
N VAL D 399 11.39 43.66 -30.43
CA VAL D 399 11.77 43.88 -31.82
C VAL D 399 13.21 44.41 -31.85
N ILE D 400 14.07 43.72 -32.60
CA ILE D 400 15.44 44.17 -32.84
C ILE D 400 15.57 44.48 -34.32
N GLU D 401 16.40 45.47 -34.64
CA GLU D 401 16.62 45.88 -36.02
C GLU D 401 17.96 45.45 -36.58
N SER D 402 18.92 45.08 -35.73
CA SER D 402 20.24 44.70 -36.21
C SER D 402 20.92 43.81 -35.18
N VAL D 403 21.95 43.10 -35.63
CA VAL D 403 22.79 42.26 -34.78
C VAL D 403 24.25 42.50 -35.12
N LYS D 404 25.12 42.10 -34.21
CA LYS D 404 26.56 42.18 -34.42
C LYS D 404 27.06 40.78 -34.78
N ALA D 405 27.64 40.65 -35.97
CA ALA D 405 28.01 39.34 -36.48
C ALA D 405 29.05 38.67 -35.60
N GLY D 406 28.83 37.39 -35.33
CA GLY D 406 29.75 36.62 -34.51
C GLY D 406 29.20 35.21 -34.36
N THR D 407 29.95 34.40 -33.62
CA THR D 407 29.60 33.02 -33.32
C THR D 407 29.40 32.86 -31.81
N TRP D 408 29.08 31.64 -31.39
CA TRP D 408 29.00 31.39 -29.95
C TRP D 408 30.37 31.27 -29.31
N PHE D 409 31.43 31.25 -30.12
CA PHE D 409 32.80 31.26 -29.61
C PHE D 409 33.23 32.71 -29.50
N ASP D 410 33.13 33.28 -28.29
CA ASP D 410 33.53 34.64 -27.96
C ASP D 410 32.85 35.70 -28.81
N GLY D 411 31.81 35.36 -29.56
CA GLY D 411 31.12 36.35 -30.35
C GLY D 411 31.86 36.85 -31.57
N ASN D 412 32.93 36.17 -31.98
CA ASN D 412 33.69 36.55 -33.16
C ASN D 412 33.90 35.32 -34.04
N PHE D 413 34.66 35.49 -35.12
CA PHE D 413 34.99 34.43 -36.05
C PHE D 413 36.45 33.99 -35.94
N LEU D 414 37.11 34.32 -34.83
CA LEU D 414 38.55 34.13 -34.74
C LEU D 414 38.95 32.66 -34.72
N LYS D 415 38.03 31.76 -34.40
CA LYS D 415 38.35 30.33 -34.37
C LYS D 415 38.35 29.69 -35.75
N TRP D 416 37.89 30.40 -36.78
CA TRP D 416 37.89 29.90 -38.14
C TRP D 416 38.62 30.80 -39.13
N ILE D 417 39.04 32.00 -38.72
CA ILE D 417 39.73 32.96 -39.56
C ILE D 417 40.63 33.80 -38.65
N GLY D 418 41.57 34.53 -39.24
CA GLY D 418 42.54 35.22 -38.40
C GLY D 418 43.98 34.85 -38.68
N ASN D 419 44.60 34.12 -37.75
CA ASN D 419 46.00 33.71 -37.86
C ASN D 419 46.31 33.01 -39.18
N LYS D 420 47.60 32.89 -39.52
CA LYS D 420 48.00 32.43 -40.85
C LYS D 420 47.49 31.02 -41.12
N GLU D 421 47.48 30.15 -40.10
CA GLU D 421 47.05 28.77 -40.31
C GLU D 421 45.61 28.72 -40.77
N LYS D 422 44.73 29.47 -40.13
CA LYS D 422 43.34 29.56 -40.57
C LYS D 422 43.24 30.29 -41.92
N ASN D 423 43.98 31.39 -42.07
CA ASN D 423 43.86 32.21 -43.27
C ASN D 423 44.40 31.50 -44.51
N GLU D 424 45.37 30.60 -44.34
CA GLU D 424 45.93 29.89 -45.49
C GLU D 424 44.88 29.00 -46.14
N TYR D 425 44.02 28.37 -45.33
CA TYR D 425 42.94 27.57 -45.88
C TYR D 425 41.96 28.43 -46.68
N TRP D 426 41.63 29.62 -46.17
CA TRP D 426 40.69 30.48 -46.88
C TRP D 426 41.26 30.93 -48.21
N LYS D 427 42.58 31.06 -48.32
CA LYS D 427 43.20 31.38 -49.61
C LYS D 427 42.98 30.25 -50.61
N ILE D 428 43.07 28.99 -50.16
CA ILE D 428 42.84 27.86 -51.06
C ILE D 428 41.40 27.88 -51.56
N LEU D 429 40.44 28.10 -50.65
CA LEU D 429 39.03 28.10 -51.04
C LEU D 429 38.74 29.24 -52.01
N ILE D 430 39.29 30.43 -51.76
CA ILE D 430 39.08 31.56 -52.66
C ILE D 430 39.66 31.28 -54.03
N GLU D 431 40.89 30.73 -54.06
CA GLU D 431 41.48 30.34 -55.35
C GLU D 431 40.68 29.24 -56.01
N ALA D 432 40.21 28.27 -55.23
CA ALA D 432 39.44 27.16 -55.79
C ALA D 432 38.09 27.63 -56.33
N LYS D 433 37.45 28.58 -55.65
CA LYS D 433 36.15 29.05 -56.12
C LYS D 433 36.25 29.75 -57.46
N LYS D 434 37.41 30.34 -57.78
CA LYS D 434 37.62 30.93 -59.09
C LYS D 434 37.51 29.88 -60.20
N LYS D 435 37.86 28.63 -59.90
CA LYS D 435 37.81 27.55 -60.87
C LYS D 435 36.91 26.41 -60.42
N ALA D 436 35.95 26.68 -59.55
CA ALA D 436 35.01 25.65 -59.12
C ALA D 436 34.06 25.30 -60.25
N LYS D 437 33.79 24.00 -60.42
CA LYS D 437 32.90 23.53 -61.47
C LYS D 437 31.84 22.55 -60.99
N ASN D 438 31.83 22.19 -59.70
CA ASN D 438 30.83 21.29 -59.16
C ASN D 438 30.57 21.64 -57.71
N ASP D 439 29.66 20.90 -57.09
CA ASP D 439 29.15 21.26 -55.77
C ASP D 439 30.07 20.80 -54.63
N TYR D 440 31.21 20.18 -54.92
CA TYR D 440 32.14 19.83 -53.86
C TYR D 440 32.80 21.04 -53.24
N ILE D 441 32.71 22.21 -53.88
CA ILE D 441 33.18 23.43 -53.23
C ILE D 441 32.32 23.76 -52.02
N LEU D 442 31.06 23.34 -52.02
CA LEU D 442 30.22 23.52 -50.85
C LEU D 442 30.73 22.72 -49.66
N VAL D 443 31.20 21.49 -49.92
CA VAL D 443 31.79 20.68 -48.86
C VAL D 443 33.01 21.37 -48.27
N ALA D 444 33.88 21.91 -49.13
CA ALA D 444 35.09 22.59 -48.67
C ALA D 444 34.78 23.87 -47.91
N GLU D 445 33.54 24.34 -47.94
CA GLU D 445 33.13 25.53 -47.21
C GLU D 445 32.68 25.22 -45.78
N GLY D 446 32.75 23.97 -45.35
CA GLY D 446 32.35 23.63 -44.00
C GLY D 446 33.28 24.25 -42.96
N SER D 447 32.69 24.57 -41.80
CA SER D 447 33.47 25.22 -40.75
C SER D 447 34.52 24.29 -40.16
N ASP D 448 34.26 22.98 -40.17
CA ASP D 448 35.12 22.03 -39.46
C ASP D 448 36.53 22.03 -40.00
N TRP D 449 36.68 22.21 -41.32
CA TRP D 449 38.02 22.23 -41.91
C TRP D 449 38.85 23.37 -41.35
N PHE D 450 38.22 24.53 -41.14
CA PHE D 450 38.92 25.70 -40.63
C PHE D 450 39.09 25.67 -39.12
N TRP D 451 38.26 24.92 -38.40
CA TRP D 451 38.34 24.89 -36.95
C TRP D 451 39.60 24.17 -36.47
N TRP D 452 40.05 23.16 -37.20
CA TRP D 452 41.15 22.31 -36.78
C TRP D 452 42.52 22.80 -37.24
N GLN D 453 42.60 24.02 -37.79
CA GLN D 453 43.82 24.50 -38.42
C GLN D 453 44.65 25.31 -37.43
N GLY D 454 45.90 24.87 -37.21
CA GLY D 454 46.86 25.61 -36.42
C GLY D 454 46.38 25.92 -35.01
N GLU D 455 45.84 24.89 -34.35
CA GLU D 455 45.11 25.07 -33.09
C GLU D 455 45.57 24.00 -32.09
N GLU D 456 46.88 23.94 -31.83
CA GLU D 456 47.42 22.97 -30.88
C GLU D 456 47.18 21.54 -31.37
N LYS D 457 47.97 21.17 -32.39
CA LYS D 457 47.73 20.03 -33.27
C LYS D 457 47.03 18.88 -32.56
N ALA D 458 45.93 18.45 -33.14
CA ALA D 458 44.96 17.55 -32.53
C ALA D 458 44.92 16.24 -33.30
N PRO D 459 44.40 15.17 -32.69
CA PRO D 459 44.35 13.89 -33.41
C PRO D 459 43.57 14.01 -34.70
N PHE D 460 44.07 13.31 -35.73
CA PHE D 460 43.44 13.19 -37.05
C PHE D 460 43.38 14.52 -37.81
N VAL D 461 44.12 15.54 -37.35
CA VAL D 461 44.21 16.78 -38.11
C VAL D 461 44.81 16.52 -39.48
N GLU D 462 45.78 15.61 -39.55
CA GLU D 462 46.33 15.18 -40.84
C GLU D 462 45.24 14.58 -41.72
N VAL D 463 44.35 13.78 -41.14
CA VAL D 463 43.23 13.21 -41.89
C VAL D 463 42.29 14.31 -42.36
N PHE D 464 42.01 15.30 -41.50
CA PHE D 464 41.13 16.39 -41.88
C PHE D 464 41.72 17.21 -43.02
N ASP D 465 43.04 17.44 -42.99
CA ASP D 465 43.67 18.24 -44.05
C ASP D 465 43.59 17.54 -45.40
N LYS D 466 43.75 16.21 -45.43
CA LYS D 466 43.63 15.49 -46.69
C LYS D 466 42.23 15.64 -47.27
N LEU D 467 41.21 15.54 -46.42
CA LEU D 467 39.83 15.67 -46.88
C LEU D 467 39.57 17.05 -47.47
N PHE D 468 40.06 18.11 -46.80
CA PHE D 468 39.85 19.46 -47.30
C PHE D 468 40.51 19.66 -48.66
N ARG D 469 41.75 19.18 -48.82
CA ARG D 469 42.44 19.33 -50.09
C ARG D 469 41.82 18.45 -51.17
N SER D 470 41.32 17.27 -50.79
CA SER D 470 40.63 16.42 -51.75
C SER D 470 39.36 17.07 -52.24
N PHE D 471 38.58 17.67 -51.33
CA PHE D 471 37.35 18.35 -51.73
C PHE D 471 37.64 19.58 -52.59
N VAL D 472 38.71 20.31 -52.27
CA VAL D 472 39.06 21.49 -53.06
C VAL D 472 39.50 21.09 -54.46
N ARG D 473 40.37 20.07 -54.57
CA ARG D 473 40.82 19.62 -55.87
C ARG D 473 39.69 19.01 -56.69
N ARG D 474 38.81 18.25 -56.04
CA ARG D 474 37.69 17.66 -56.75
C ARG D 474 36.73 18.73 -57.26
N ALA D 475 36.54 19.80 -56.49
CA ALA D 475 35.57 20.83 -56.86
C ALA D 475 35.95 21.56 -58.14
N GLN D 476 37.21 21.49 -58.55
CA GLN D 476 37.68 22.16 -59.76
C GLN D 476 37.60 21.27 -61.00
N GLU D 477 37.10 20.04 -60.86
CA GLU D 477 36.97 19.15 -62.00
C GLU D 477 35.66 19.41 -62.74
N LEU D 478 35.68 19.13 -64.04
CA LEU D 478 34.52 19.37 -64.87
C LEU D 478 33.41 18.35 -64.58
N GLU D 479 32.21 18.67 -65.05
CA GLU D 479 31.04 17.85 -64.72
C GLU D 479 31.08 16.49 -65.41
N HIS D 480 31.53 16.46 -66.66
CA HIS D 480 31.44 15.25 -67.49
C HIS D 480 32.82 14.71 -67.81
N HIS D 481 32.86 13.43 -68.17
CA HIS D 481 34.09 12.85 -68.70
C HIS D 481 34.45 13.55 -70.00
N HIS D 482 35.72 13.91 -70.14
CA HIS D 482 36.15 14.69 -71.29
C HIS D 482 37.57 14.31 -71.66
N HIS D 483 37.97 14.73 -72.86
CA HIS D 483 39.33 14.55 -73.33
C HIS D 483 39.64 15.68 -74.32
N HIS D 484 40.93 15.98 -74.44
CA HIS D 484 41.38 17.13 -75.21
C HIS D 484 41.63 16.83 -76.69
C1 GLC E . -11.29 -16.81 -10.77
C2 GLC E . -10.57 -16.81 -12.11
C3 GLC E . -10.94 -15.57 -12.89
C4 GLC E . -12.44 -15.38 -12.99
C5 GLC E . -13.12 -15.59 -11.64
C6 GLC E . -14.62 -15.66 -11.82
O1 GLC E . -10.91 -15.66 -10.02
O2 GLC E . -9.16 -16.83 -11.88
O3 GLC E . -10.36 -15.70 -14.19
O4 GLC E . -12.73 -14.04 -13.37
O5 GLC E . -12.68 -16.79 -11.02
O6 GLC E . -15.01 -17.01 -12.08
C1 GLC E . -12.91 -13.87 -14.79
C2 GLC E . -12.30 -12.53 -15.18
C3 GLC E . -13.16 -11.36 -14.72
C4 GLC E . -14.65 -11.57 -14.96
C5 GLC E . -15.10 -13.00 -14.65
C6 GLC E . -16.52 -13.21 -15.13
O2 GLC E . -11.01 -12.38 -14.63
O3 GLC E . -12.74 -10.20 -15.40
O4 GLC E . -15.37 -10.68 -14.15
O5 GLC E . -14.24 -13.92 -15.28
O6 GLC E . -17.01 -14.45 -14.68
C1 AC1 E . -15.99 -9.47 -14.47
O2 AC1 E . -14.09 -8.01 -14.61
C2 AC1 E . -15.47 -8.07 -14.29
C4A AC1 E . -17.36 -5.98 -8.21
C3 AC1 E . -15.70 -7.59 -12.86
O3 AC1 E . -15.32 -6.23 -12.72
C4 AC1 E . -17.16 -7.79 -12.44
N4A AC1 E . -17.31 -7.40 -11.03
C5 AC1 E . -17.62 -9.22 -12.72
O5 AC1 E . -17.37 -9.54 -14.08
C6 AC1 E . -19.09 -9.50 -12.46
C1B AC1 E . -18.55 -6.77 -10.56
C2B AC1 E . -18.43 -5.24 -10.40
O2B AC1 E . -17.80 -4.65 -11.54
C3B AC1 E . -17.77 -4.81 -9.09
O3B AC1 E . -18.66 -3.95 -8.38
O4 AC1 E . -16.13 -6.53 -8.67
C5B AC1 E . -18.41 -7.05 -8.20
C7B AC1 E . -19.04 -7.42 -9.31
C6B AC1 E . -18.75 -7.66 -6.86
O6B AC1 E . -18.52 -6.77 -5.79
C1 GLC F . 14.39 -5.24 21.39
C2 GLC F . 14.64 -4.31 22.54
C3 GLC F . 15.99 -4.58 23.16
C4 GLC F . 16.21 -6.06 23.44
C5 GLC F . 15.68 -6.97 22.36
C6 GLC F . 15.59 -8.39 22.88
O1 GLC F . 15.43 -5.10 20.42
O2 GLC F . 14.63 -2.96 22.07
O3 GLC F . 16.06 -3.85 24.39
O4 GLC F . 17.60 -6.30 23.44
O5 GLC F . 14.39 -6.55 21.92
O6 GLC F . 15.31 -8.38 24.28
C1 GLC F . 18.17 -6.10 24.74
C2 GLC F . 19.62 -5.64 24.57
C3 GLC F . 20.56 -6.78 24.21
C4 GLC F . 20.30 -8.03 25.03
C5 GLC F . 18.80 -8.35 25.08
C6 GLC F . 18.47 -9.55 25.94
O2 GLC F . 19.65 -4.65 23.56
O3 GLC F . 21.89 -6.36 24.46
O4 GLC F . 21.02 -9.11 24.45
O5 GLC F . 18.14 -7.23 25.61
O6 GLC F . 18.96 -10.73 25.34
C1 AC1 F . 22.23 -9.65 24.87
O2 AC1 F . 23.61 -7.90 23.95
C2 AC1 F . 23.47 -9.32 24.07
C4A AC1 F . 24.84 -14.10 18.50
C3 AC1 F . 23.42 -9.96 22.70
O3 AC1 F . 24.65 -9.78 22.02
C4 AC1 F . 23.08 -11.46 22.80
N4A AC1 F . 22.79 -11.99 21.46
C5 AC1 F . 21.90 -11.72 23.73
O5 AC1 F . 22.13 -11.07 24.98
C6 AC1 F . 21.63 -13.19 24.04
C1B AC1 F . 23.50 -13.18 20.99
C2B AC1 F . 24.96 -12.86 20.67
O2B AC1 F . 25.00 -11.61 19.98
C3B AC1 F . 25.57 -13.96 19.83
O3B AC1 F . 25.49 -15.21 20.54
O4 AC1 F . 25.18 -13.01 17.64
C5B AC1 F . 23.33 -14.12 18.68
C7B AC1 F . 22.76 -13.80 19.84
C6B AC1 F . 22.51 -14.51 17.48
O6B AC1 F . 23.09 -14.10 16.26
C1 GLC G . -33.44 -0.23 22.25
C2 GLC G . -33.75 -1.15 23.41
C3 GLC G . -35.10 -0.80 24.01
C4 GLC G . -35.32 0.69 24.20
C5 GLC G . -34.70 1.56 23.12
C6 GLC G . -34.51 3.00 23.58
O1 GLC G . -34.46 -0.37 21.26
O2 GLC G . -33.76 -2.48 22.93
O3 GLC G . -35.23 -1.45 25.27
O4 GLC G . -36.75 0.81 24.17
O5 GLC G . -33.42 1.10 22.73
O6 GLC G . -33.25 3.14 24.25
C1 GLC G . -37.32 1.72 25.13
C2 GLC G . -38.66 1.16 25.54
C3 GLC G . -39.77 2.09 25.09
C4 GLC G . -39.53 3.51 25.53
C5 GLC G . -38.14 3.98 25.12
C6 GLC G . -37.28 4.48 26.27
O2 GLC G . -38.87 -0.05 24.86
O3 GLC G . -41.02 1.62 25.56
O4 GLC G . -40.53 4.21 24.82
O5 GLC G . -37.46 2.94 24.46
O6 GLC G . -35.99 4.80 25.79
C1 AC1 G . -41.03 5.49 24.68
O2 AC1 G . -42.60 3.69 24.27
C2 AC1 G . -42.34 5.06 24.03
C4A AC1 G . -42.70 8.17 17.21
C3 AC1 G . -42.35 5.35 22.53
O3 AC1 G . -43.64 5.14 21.98
C4 AC1 G . -41.86 6.76 22.21
N4A AC1 G . -41.55 6.82 20.78
C5 AC1 G . -40.61 7.14 23.01
O5 AC1 G . -40.14 5.97 23.69
C6 AC1 G . -40.80 8.21 24.08
C1B AC1 G . -41.94 8.03 20.03
C2B AC1 G . -43.41 7.95 19.60
O2B AC1 G . -43.78 6.58 19.48
C3B AC1 G . -43.64 8.68 18.30
O3B AC1 G . -43.41 10.08 18.50
O4 AC1 G . -43.01 6.82 16.88
C5B AC1 G . -41.26 8.25 17.66
C7B AC1 G . -40.94 8.24 18.94
C6B AC1 G . -40.21 8.36 16.58
O6B AC1 G . -39.08 9.08 17.01
C1 GLC H . 30.77 23.29 -33.37
C2 GLC H . 29.67 22.52 -34.05
C3 GLC H . 29.98 21.05 -33.98
C4 GLC H . 31.36 20.74 -34.53
C5 GLC H . 32.44 21.73 -34.10
C6 GLC H . 33.60 21.68 -35.08
O1 GLC H . 30.92 22.81 -32.03
O2 GLC H . 28.43 22.79 -33.37
O3 GLC H . 29.02 20.31 -34.74
O4 GLC H . 31.69 19.46 -33.99
O5 GLC H . 31.98 23.08 -34.09
O6 GLC H . 33.42 22.66 -36.12
C1 GLC H . 32.15 18.52 -34.98
C2 GLC H . 31.18 17.35 -35.00
C3 GLC H . 31.76 16.18 -34.22
C4 GLC H . 33.08 15.74 -34.85
C5 GLC H . 33.97 16.94 -35.17
C6 GLC H . 34.26 17.12 -36.65
O2 GLC H . 29.95 17.74 -34.43
O3 GLC H . 30.83 15.12 -34.21
O4 GLC H . 33.78 14.91 -33.95
O5 GLC H . 33.45 18.12 -34.60
O6 GLC H . 34.91 18.34 -36.86
C1 AC1 H . 35.06 14.34 -34.04
O2 AC1 H . 33.43 13.23 -32.63
C2 AC1 H . 34.82 13.34 -32.92
C4A AC1 H . 40.09 15.53 -28.01
C3 AC1 H . 35.58 13.76 -31.66
O3 AC1 H . 35.42 12.77 -30.64
C4 AC1 H . 37.06 13.98 -31.96
N4A AC1 H . 37.70 14.58 -30.79
C5 AC1 H . 37.26 14.87 -33.19
O5 AC1 H . 35.98 15.35 -33.61
C6 AC1 H . 37.90 14.21 -34.40
C1B AC1 H . 39.14 14.40 -30.61
C2B AC1 H . 39.42 13.54 -29.39
O2B AC1 H . 38.60 12.36 -29.46
C3B AC1 H . 39.14 14.33 -28.13
O3B AC1 H . 39.25 13.50 -26.97
O4 AC1 H . 39.59 16.45 -27.06
C5B AC1 H . 40.31 16.22 -29.34
C7B AC1 H . 39.80 15.74 -30.48
C6B AC1 H . 41.13 17.48 -29.31
O6B AC1 H . 42.10 17.47 -28.27
#